data_1G4D
#
_entry.id   1G4D
#
_cell.length_a   1.000
_cell.length_b   1.000
_cell.length_c   1.000
_cell.angle_alpha   90.00
_cell.angle_beta   90.00
_cell.angle_gamma   90.00
#
_symmetry.space_group_name_H-M   'P 1'
#
loop_
_entity.id
_entity.type
_entity.pdbx_description
1 polymer "5'-D(P*CP*CP*TP*TP*TP*TP*CP*AP*GP*TP*AP*AP*TP*CP*TP*G)-3'"
2 polymer "5'-D(P*CP*AP*GP*AP*TP*TP*AP*CP*TP*GP*AP*AP*AP*AP*GP*G)-3'"
3 polymer 'REPRESSOR PROTEIN C'
#
loop_
_entity_poly.entity_id
_entity_poly.type
_entity_poly.pdbx_seq_one_letter_code
_entity_poly.pdbx_strand_id
1 'polydeoxyribonucleotide' (DC)(DC)(DT)(DT)(DT)(DT)(DC)(DA)(DG)(DT)(DA)(DA)(DT)(DC)(DT)(DG) B
2 'polydeoxyribonucleotide' (DC)(DA)(DG)(DA)(DT)(DT)(DA)(DC)(DT)(DG)(DA)(DA)(DA)(DA)(DG)(DG) C
3 'polypeptide(L)' KSIWCSPQEIMAADGMPGSVAGVHYRANVQGWTKRKKEGVKGGKAVEYDVMSMPTKEREQVIAHLGLST A
#
# COMPACT_ATOMS: atom_id res chain seq x y z
N LYS C 1 -2.99 -4.56 15.87
CA LYS C 1 -3.48 -3.42 15.03
C LYS C 1 -2.96 -3.58 13.61
N SER C 2 -3.41 -2.74 12.73
CA SER C 2 -2.96 -2.81 11.31
C SER C 2 -3.22 -1.48 10.61
N ILE C 3 -2.77 -1.33 9.40
CA ILE C 3 -3.01 -0.06 8.65
C ILE C 3 -3.27 -0.39 7.20
N TRP C 4 -3.84 0.52 6.48
CA TRP C 4 -4.15 0.27 5.04
C TRP C 4 -4.02 1.57 4.24
N CYS C 5 -3.75 1.47 2.97
CA CYS C 5 -3.59 2.71 2.14
C CYS C 5 -3.98 2.43 0.69
N SER C 6 -4.31 3.45 -0.04
CA SER C 6 -4.67 3.28 -1.47
C SER C 6 -3.35 3.19 -2.29
N PRO C 7 -3.29 2.40 -3.33
CA PRO C 7 -2.07 2.28 -4.17
C PRO C 7 -1.36 3.62 -4.39
N GLN C 8 -2.12 4.64 -4.70
CA GLN C 8 -1.50 5.98 -4.96
C GLN C 8 -0.68 6.42 -3.75
N GLU C 9 -1.05 6.04 -2.56
CA GLU C 9 -0.28 6.45 -1.37
C GLU C 9 0.99 5.60 -1.29
N ILE C 10 0.88 4.34 -1.59
CA ILE C 10 2.07 3.45 -1.54
C ILE C 10 2.95 3.68 -2.77
N MET C 11 2.38 3.59 -3.94
CA MET C 11 3.19 3.79 -5.18
C MET C 11 3.98 5.09 -5.07
N ALA C 12 3.47 6.01 -4.31
CA ALA C 12 4.18 7.31 -4.13
C ALA C 12 5.28 7.17 -3.09
N ALA C 13 5.35 6.06 -2.41
CA ALA C 13 6.42 5.90 -1.36
C ALA C 13 7.73 5.49 -2.03
N ASP C 14 8.84 5.83 -1.43
CA ASP C 14 10.15 5.44 -2.02
C ASP C 14 10.26 3.91 -1.99
N GLY C 15 11.10 3.35 -2.82
CA GLY C 15 11.27 1.87 -2.84
C GLY C 15 10.10 1.22 -3.60
N MET C 16 9.02 1.93 -3.79
CA MET C 16 7.86 1.33 -4.51
C MET C 16 8.00 1.59 -6.03
N PRO C 17 7.48 0.70 -6.86
CA PRO C 17 7.55 0.85 -8.33
C PRO C 17 7.40 2.30 -8.80
N GLY C 18 6.26 2.89 -8.58
CA GLY C 18 6.03 4.31 -9.01
C GLY C 18 4.86 4.34 -10.00
N SER C 19 4.07 3.30 -10.02
CA SER C 19 2.90 3.25 -10.95
C SER C 19 1.76 2.50 -10.27
N VAL C 20 0.54 2.89 -10.54
CA VAL C 20 -0.60 2.18 -9.90
C VAL C 20 -0.50 0.69 -10.19
N ALA C 21 -0.28 0.32 -11.43
CA ALA C 21 -0.17 -1.12 -11.77
C ALA C 21 1.09 -1.70 -11.10
N GLY C 22 2.16 -0.95 -11.08
CA GLY C 22 3.41 -1.45 -10.44
C GLY C 22 3.08 -1.98 -9.05
N VAL C 23 2.28 -1.27 -8.31
CA VAL C 23 1.91 -1.74 -6.94
C VAL C 23 1.22 -3.10 -7.06
N HIS C 24 0.22 -3.20 -7.90
CA HIS C 24 -0.47 -4.50 -8.05
C HIS C 24 0.54 -5.60 -8.36
N TYR C 25 1.63 -5.24 -8.99
CA TYR C 25 2.68 -6.25 -9.31
C TYR C 25 3.14 -6.93 -8.02
N ARG C 26 3.90 -6.23 -7.22
CA ARG C 26 4.39 -6.82 -5.94
C ARG C 26 3.20 -7.32 -5.12
N ALA C 27 2.11 -6.62 -5.16
CA ALA C 27 0.92 -7.03 -4.35
C ALA C 27 0.57 -8.51 -4.57
N ASN C 28 0.32 -8.90 -5.78
CA ASN C 28 -0.04 -10.32 -6.03
C ASN C 28 1.20 -11.21 -5.90
N VAL C 29 2.33 -10.71 -6.32
CA VAL C 29 3.56 -11.55 -6.22
C VAL C 29 3.98 -11.70 -4.76
N GLN C 30 3.92 -10.65 -3.99
CA GLN C 30 4.33 -10.74 -2.55
C GLN C 30 3.14 -11.23 -1.71
N GLY C 31 1.94 -11.06 -2.17
CA GLY C 31 0.76 -11.52 -1.39
C GLY C 31 0.40 -10.48 -0.33
N TRP C 32 0.29 -9.24 -0.72
CA TRP C 32 -0.06 -8.18 0.27
C TRP C 32 -1.49 -8.39 0.77
N THR C 33 -1.74 -8.12 2.02
CA THR C 33 -3.14 -8.24 2.52
C THR C 33 -3.91 -7.06 1.96
N LYS C 34 -5.20 -7.16 1.80
CA LYS C 34 -5.93 -6.00 1.21
C LYS C 34 -7.32 -5.81 1.82
N ARG C 35 -7.60 -4.58 2.15
CA ARG C 35 -8.94 -4.22 2.71
C ARG C 35 -9.76 -3.66 1.54
N LYS C 36 -10.77 -4.34 1.14
CA LYS C 36 -11.57 -3.87 -0.01
C LYS C 36 -12.41 -2.64 0.39
N LYS C 37 -12.17 -1.53 -0.26
CA LYS C 37 -12.94 -0.30 0.07
C LYS C 37 -14.32 -0.40 -0.57
N GLU C 38 -15.25 0.42 -0.17
CA GLU C 38 -16.63 0.38 -0.75
C GLU C 38 -17.08 1.79 -1.16
N GLY C 39 -17.04 2.71 -0.23
CA GLY C 39 -17.48 4.10 -0.53
C GLY C 39 -16.89 4.60 -1.86
N VAL C 40 -15.88 3.96 -2.38
CA VAL C 40 -15.28 4.43 -3.66
C VAL C 40 -16.00 3.81 -4.85
N LYS C 41 -16.27 4.59 -5.86
CA LYS C 41 -16.97 4.06 -7.07
C LYS C 41 -16.29 2.78 -7.56
N GLY C 42 -16.90 2.09 -8.47
CA GLY C 42 -16.29 0.84 -9.03
C GLY C 42 -16.20 -0.26 -7.96
N GLY C 43 -16.05 0.11 -6.71
CA GLY C 43 -15.94 -0.93 -5.66
C GLY C 43 -14.65 -1.73 -5.89
N LYS C 44 -13.99 -1.54 -7.00
CA LYS C 44 -12.73 -2.27 -7.27
C LYS C 44 -11.63 -1.69 -6.40
N ALA C 45 -11.83 -0.50 -5.89
CA ALA C 45 -10.80 0.14 -5.04
C ALA C 45 -10.52 -0.69 -3.79
N VAL C 46 -9.28 -1.06 -3.59
CA VAL C 46 -8.91 -1.85 -2.38
C VAL C 46 -7.57 -1.32 -1.83
N GLU C 47 -7.45 -1.21 -0.54
CA GLU C 47 -6.17 -0.71 0.03
C GLU C 47 -5.27 -1.90 0.36
N TYR C 48 -4.02 -1.66 0.62
CA TYR C 48 -3.07 -2.78 0.96
C TYR C 48 -2.54 -2.56 2.36
N ASP C 49 -2.22 -3.62 3.05
CA ASP C 49 -1.70 -3.48 4.43
C ASP C 49 -0.24 -3.04 4.42
N VAL C 50 0.02 -1.81 4.75
CA VAL C 50 1.42 -1.31 4.78
C VAL C 50 2.20 -2.13 5.80
N MET C 51 1.52 -2.66 6.78
CA MET C 51 2.21 -3.48 7.81
C MET C 51 2.58 -4.83 7.20
N SER C 52 2.19 -5.07 5.97
CA SER C 52 2.51 -6.37 5.30
C SER C 52 3.59 -6.13 4.23
N MET C 53 3.85 -4.89 3.88
CA MET C 53 4.88 -4.61 2.85
C MET C 53 6.28 -4.87 3.44
N PRO C 54 7.25 -5.20 2.62
CA PRO C 54 8.65 -5.44 3.08
C PRO C 54 9.05 -4.46 4.19
N THR C 55 9.71 -4.93 5.21
CA THR C 55 10.13 -4.02 6.32
C THR C 55 10.71 -2.73 5.74
N LYS C 56 11.68 -2.85 4.88
CA LYS C 56 12.28 -1.63 4.27
C LYS C 56 11.16 -0.79 3.65
N GLU C 57 10.31 -1.39 2.86
CA GLU C 57 9.21 -0.63 2.21
C GLU C 57 8.34 0.04 3.27
N ARG C 58 8.04 -0.64 4.34
CA ARG C 58 7.18 -0.02 5.38
C ARG C 58 7.74 1.35 5.76
N GLU C 59 9.02 1.43 5.96
CA GLU C 59 9.64 2.73 6.33
C GLU C 59 9.39 3.75 5.23
N GLN C 60 9.46 3.33 4.00
CA GLN C 60 9.21 4.30 2.91
C GLN C 60 7.76 4.78 3.01
N VAL C 61 6.87 3.86 3.22
CA VAL C 61 5.44 4.22 3.35
C VAL C 61 5.20 4.95 4.67
N ILE C 62 5.59 4.38 5.77
CA ILE C 62 5.37 5.07 7.08
C ILE C 62 6.03 6.46 7.00
N ALA C 63 7.16 6.56 6.37
CA ALA C 63 7.81 7.89 6.25
C ALA C 63 7.04 8.74 5.23
N HIS C 64 6.64 8.15 4.14
CA HIS C 64 5.86 8.91 3.15
C HIS C 64 4.57 9.32 3.82
N LEU C 65 4.03 8.43 4.62
CA LEU C 65 2.78 8.75 5.35
C LEU C 65 3.13 9.74 6.47
N GLY C 66 4.26 9.56 7.08
CA GLY C 66 4.68 10.47 8.18
C GLY C 66 4.07 9.96 9.49
N LEU C 67 4.05 8.67 9.66
CA LEU C 67 3.46 8.09 10.91
C LEU C 67 4.56 7.82 11.93
N SER C 68 5.21 6.69 11.83
CA SER C 68 6.29 6.35 12.79
C SER C 68 5.72 6.30 14.21
N THR C 69 6.53 6.58 15.19
CA THR C 69 6.04 6.54 16.60
C THR C 69 4.71 7.31 16.70
N LYS C 1 -2.69 -3.11 16.37
CA LYS C 1 -3.51 -2.34 15.39
C LYS C 1 -2.99 -2.59 13.98
N SER C 2 -3.40 -1.79 13.03
CA SER C 2 -2.92 -1.99 11.63
C SER C 2 -3.11 -0.69 10.85
N ILE C 3 -2.62 -0.66 9.64
CA ILE C 3 -2.77 0.56 8.79
C ILE C 3 -3.04 0.12 7.36
N TRP C 4 -3.58 1.01 6.58
CA TRP C 4 -3.90 0.67 5.15
C TRP C 4 -3.71 1.92 4.28
N CYS C 5 -3.50 1.75 3.00
CA CYS C 5 -3.29 2.93 2.11
C CYS C 5 -3.80 2.64 0.71
N SER C 6 -4.12 3.69 -0.01
CA SER C 6 -4.58 3.50 -1.41
C SER C 6 -3.34 3.24 -2.25
N PRO C 7 -3.51 2.69 -3.42
CA PRO C 7 -2.35 2.38 -4.32
C PRO C 7 -1.51 3.64 -4.62
N GLN C 8 -2.16 4.73 -4.93
CA GLN C 8 -1.41 5.98 -5.23
C GLN C 8 -0.58 6.43 -4.02
N GLU C 9 -0.97 6.07 -2.83
CA GLU C 9 -0.19 6.48 -1.64
C GLU C 9 1.06 5.63 -1.52
N ILE C 10 0.94 4.36 -1.78
CA ILE C 10 2.12 3.46 -1.68
C ILE C 10 3.07 3.69 -2.85
N MET C 11 2.56 3.67 -4.06
CA MET C 11 3.44 3.89 -5.24
C MET C 11 4.20 5.21 -5.05
N ALA C 12 3.64 6.10 -4.30
CA ALA C 12 4.31 7.40 -4.05
C ALA C 12 5.36 7.25 -2.95
N ALA C 13 5.33 6.17 -2.22
CA ALA C 13 6.34 5.98 -1.13
C ALA C 13 7.65 5.49 -1.74
N ASP C 14 8.77 5.84 -1.16
CA ASP C 14 10.07 5.37 -1.72
C ASP C 14 10.13 3.84 -1.59
N GLY C 15 10.91 3.20 -2.40
CA GLY C 15 11.02 1.70 -2.33
C GLY C 15 9.79 1.08 -3.00
N MET C 16 8.71 1.81 -3.07
CA MET C 16 7.47 1.26 -3.70
C MET C 16 7.42 1.65 -5.19
N PRO C 17 6.93 0.79 -6.06
CA PRO C 17 6.83 1.11 -7.51
C PRO C 17 6.35 2.54 -7.76
N GLY C 18 6.42 2.99 -8.99
CA GLY C 18 5.97 4.37 -9.35
C GLY C 18 4.84 4.26 -10.37
N SER C 19 4.10 3.19 -10.33
CA SER C 19 2.97 2.99 -11.28
C SER C 19 1.84 2.25 -10.58
N VAL C 20 0.63 2.71 -10.72
CA VAL C 20 -0.51 2.03 -10.04
C VAL C 20 -0.44 0.52 -10.32
N ALA C 21 -0.23 0.16 -11.55
CA ALA C 21 -0.13 -1.29 -11.88
C ALA C 21 1.06 -1.89 -11.13
N GLY C 22 2.11 -1.13 -10.98
CA GLY C 22 3.30 -1.64 -10.24
C GLY C 22 2.88 -2.01 -8.82
N VAL C 23 1.92 -1.31 -8.28
CA VAL C 23 1.46 -1.61 -6.91
C VAL C 23 0.86 -3.02 -6.89
N HIS C 24 -0.05 -3.30 -7.78
CA HIS C 24 -0.67 -4.65 -7.82
C HIS C 24 0.38 -5.70 -8.14
N TYR C 25 1.49 -5.28 -8.72
CA TYR C 25 2.57 -6.24 -9.06
C TYR C 25 3.09 -6.88 -7.77
N ARG C 26 3.84 -6.16 -7.00
CA ARG C 26 4.38 -6.72 -5.72
C ARG C 26 3.23 -7.23 -4.86
N ALA C 27 2.13 -6.53 -4.84
CA ALA C 27 0.99 -6.97 -3.99
C ALA C 27 0.64 -8.44 -4.28
N ASN C 28 0.52 -8.81 -5.52
CA ASN C 28 0.18 -10.22 -5.84
C ASN C 28 1.39 -11.11 -5.60
N VAL C 29 2.54 -10.70 -6.05
CA VAL C 29 3.74 -11.54 -5.85
C VAL C 29 4.06 -11.63 -4.36
N GLN C 30 3.95 -10.54 -3.65
CA GLN C 30 4.26 -10.56 -2.19
C GLN C 30 3.00 -10.95 -1.40
N GLY C 31 1.84 -10.64 -1.92
CA GLY C 31 0.59 -11.00 -1.20
C GLY C 31 0.31 -9.99 -0.08
N TRP C 32 0.14 -8.74 -0.42
CA TRP C 32 -0.15 -7.71 0.63
C TRP C 32 -1.53 -7.96 1.20
N THR C 33 -1.71 -7.81 2.49
CA THR C 33 -3.06 -8.00 3.10
C THR C 33 -3.91 -6.81 2.65
N LYS C 34 -4.93 -7.04 1.86
CA LYS C 34 -5.77 -5.91 1.33
C LYS C 34 -7.09 -5.72 2.05
N ARG C 35 -7.40 -4.48 2.31
CA ARG C 35 -8.70 -4.11 2.93
C ARG C 35 -9.62 -3.73 1.77
N LYS C 36 -10.84 -4.10 1.82
CA LYS C 36 -11.77 -3.78 0.70
C LYS C 36 -12.20 -2.30 0.79
N LYS C 37 -11.87 -1.52 -0.20
CA LYS C 37 -12.28 -0.07 -0.20
C LYS C 37 -13.55 0.07 -1.04
N GLU C 38 -14.42 0.97 -0.66
CA GLU C 38 -15.71 1.14 -1.42
C GLU C 38 -15.96 2.62 -1.75
N GLY C 39 -15.70 3.47 -0.80
CA GLY C 39 -15.94 4.94 -0.98
C GLY C 39 -15.67 5.38 -2.42
N VAL C 40 -14.78 4.70 -3.10
CA VAL C 40 -14.48 5.08 -4.52
C VAL C 40 -15.42 4.32 -5.46
N LYS C 41 -16.15 5.02 -6.29
CA LYS C 41 -17.06 4.34 -7.25
C LYS C 41 -16.23 3.40 -8.13
N GLY C 42 -16.54 2.12 -8.13
CA GLY C 42 -15.77 1.16 -8.97
C GLY C 42 -15.85 -0.24 -8.34
N GLY C 43 -16.00 -0.31 -7.05
CA GLY C 43 -16.10 -1.64 -6.37
C GLY C 43 -14.74 -2.34 -6.39
N LYS C 44 -13.97 -2.16 -7.43
CA LYS C 44 -12.65 -2.83 -7.51
C LYS C 44 -11.67 -2.14 -6.55
N ALA C 45 -12.09 -1.08 -5.91
CA ALA C 45 -11.19 -0.34 -4.99
C ALA C 45 -10.77 -1.21 -3.80
N VAL C 46 -9.49 -1.37 -3.59
CA VAL C 46 -8.99 -2.17 -2.43
C VAL C 46 -7.68 -1.55 -1.93
N GLU C 47 -7.55 -1.38 -0.64
CA GLU C 47 -6.28 -0.77 -0.08
C GLU C 47 -5.32 -1.89 0.30
N TYR C 48 -4.13 -1.56 0.74
CA TYR C 48 -3.15 -2.61 1.16
C TYR C 48 -2.57 -2.28 2.52
N ASP C 49 -2.34 -3.29 3.32
CA ASP C 49 -1.80 -3.07 4.69
C ASP C 49 -0.29 -2.78 4.66
N VAL C 50 0.10 -1.58 5.03
CA VAL C 50 1.55 -1.24 5.05
C VAL C 50 2.26 -2.10 6.10
N MET C 51 1.54 -2.54 7.09
CA MET C 51 2.19 -3.38 8.15
C MET C 51 2.56 -4.73 7.55
N SER C 52 2.25 -4.94 6.29
CA SER C 52 2.60 -6.22 5.62
C SER C 52 3.75 -5.96 4.65
N MET C 53 4.08 -4.71 4.43
CA MET C 53 5.19 -4.38 3.51
C MET C 53 6.53 -4.81 4.11
N PRO C 54 7.51 -5.11 3.29
CA PRO C 54 8.86 -5.50 3.80
C PRO C 54 9.30 -4.61 4.97
N THR C 55 10.01 -5.15 5.92
CA THR C 55 10.45 -4.33 7.09
C THR C 55 11.03 -3.01 6.60
N LYS C 56 12.06 -3.06 5.81
CA LYS C 56 12.67 -1.81 5.29
C LYS C 56 11.59 -0.93 4.67
N GLU C 57 10.72 -1.51 3.89
CA GLU C 57 9.65 -0.70 3.24
C GLU C 57 8.76 -0.05 4.32
N ARG C 58 8.49 -0.74 5.39
CA ARG C 58 7.63 -0.14 6.45
C ARG C 58 8.16 1.24 6.81
N GLU C 59 9.35 1.31 7.34
CA GLU C 59 9.92 2.62 7.72
C GLU C 59 9.97 3.51 6.50
N GLN C 60 10.14 2.92 5.36
CA GLN C 60 10.16 3.72 4.12
C GLN C 60 8.77 4.34 3.93
N VAL C 61 7.77 3.51 3.93
CA VAL C 61 6.38 4.01 3.75
C VAL C 61 5.94 4.78 4.99
N ILE C 62 6.08 4.21 6.17
CA ILE C 62 5.67 4.92 7.41
C ILE C 62 6.34 6.29 7.42
N ALA C 63 7.48 6.39 6.79
CA ALA C 63 8.17 7.70 6.74
C ALA C 63 7.54 8.54 5.63
N HIS C 64 7.21 7.94 4.51
CA HIS C 64 6.59 8.71 3.42
C HIS C 64 5.24 9.19 3.92
N LEU C 65 4.58 8.37 4.69
CA LEU C 65 3.26 8.76 5.25
C LEU C 65 3.51 9.82 6.32
N GLY C 66 4.50 9.60 7.15
CA GLY C 66 4.83 10.59 8.22
C GLY C 66 4.38 10.06 9.58
N LEU C 67 4.23 8.77 9.73
CA LEU C 67 3.81 8.20 11.04
C LEU C 67 5.06 7.85 11.84
N SER C 68 6.15 7.69 11.16
CA SER C 68 7.43 7.35 11.84
C SER C 68 7.61 8.24 13.08
N THR C 69 8.33 7.76 14.06
CA THR C 69 8.54 8.57 15.30
C THR C 69 9.75 8.04 16.05
N LYS C 1 -3.61 -1.42 15.94
CA LYS C 1 -4.57 -1.62 14.81
C LYS C 1 -3.78 -1.74 13.50
N SER C 2 -4.22 -1.09 12.45
CA SER C 2 -3.50 -1.18 11.16
C SER C 2 -3.90 -0.01 10.26
N ILE C 3 -3.35 0.05 9.08
CA ILE C 3 -3.70 1.16 8.14
C ILE C 3 -3.77 0.58 6.73
N TRP C 4 -4.40 1.30 5.85
CA TRP C 4 -4.54 0.81 4.44
C TRP C 4 -4.49 1.99 3.48
N CYS C 5 -4.07 1.75 2.26
CA CYS C 5 -3.98 2.87 1.26
C CYS C 5 -4.29 2.34 -0.14
N SER C 6 -4.73 3.22 -1.00
CA SER C 6 -5.05 2.80 -2.39
C SER C 6 -3.73 2.76 -3.19
N PRO C 7 -3.62 1.90 -4.18
CA PRO C 7 -2.38 1.81 -5.01
C PRO C 7 -1.81 3.19 -5.35
N GLN C 8 -2.65 4.10 -5.74
CA GLN C 8 -2.19 5.46 -6.11
C GLN C 8 -1.44 6.12 -4.94
N GLU C 9 -1.83 5.85 -3.73
CA GLU C 9 -1.13 6.47 -2.59
C GLU C 9 0.20 5.74 -2.37
N ILE C 10 0.20 4.45 -2.56
CA ILE C 10 1.44 3.67 -2.38
C ILE C 10 2.37 3.89 -3.59
N MET C 11 1.91 3.60 -4.77
CA MET C 11 2.78 3.80 -5.96
C MET C 11 3.39 5.20 -5.90
N ALA C 12 2.72 6.09 -5.25
CA ALA C 12 3.23 7.49 -5.13
C ALA C 12 4.25 7.57 -3.99
N ALA C 13 4.32 6.57 -3.14
CA ALA C 13 5.29 6.63 -2.02
C ALA C 13 6.66 6.20 -2.53
N ASP C 14 7.72 6.73 -1.98
CA ASP C 14 9.07 6.33 -2.44
C ASP C 14 9.29 4.85 -2.16
N GLY C 15 10.21 4.23 -2.86
CA GLY C 15 10.46 2.77 -2.62
C GLY C 15 9.41 1.93 -3.35
N MET C 16 8.32 2.54 -3.75
CA MET C 16 7.25 1.76 -4.45
C MET C 16 7.45 1.81 -5.97
N PRO C 17 7.05 0.77 -6.68
CA PRO C 17 7.18 0.71 -8.16
C PRO C 17 6.96 2.06 -8.84
N GLY C 18 5.76 2.61 -8.71
CA GLY C 18 5.45 3.92 -9.35
C GLY C 18 4.38 3.71 -10.42
N SER C 19 3.67 2.62 -10.36
CA SER C 19 2.61 2.33 -11.37
C SER C 19 1.46 1.59 -10.69
N VAL C 20 0.24 1.88 -11.07
CA VAL C 20 -0.90 1.17 -10.43
C VAL C 20 -0.67 -0.33 -10.53
N ALA C 21 -0.34 -0.82 -11.69
CA ALA C 21 -0.08 -2.28 -11.84
C ALA C 21 1.21 -2.63 -11.11
N GLY C 22 2.18 -1.74 -11.15
CA GLY C 22 3.46 -2.01 -10.45
C GLY C 22 3.14 -2.38 -9.00
N VAL C 23 2.18 -1.74 -8.41
CA VAL C 23 1.81 -2.07 -7.01
C VAL C 23 1.35 -3.51 -6.95
N HIS C 24 0.36 -3.86 -7.74
CA HIS C 24 -0.13 -5.27 -7.72
C HIS C 24 1.04 -6.23 -7.94
N TYR C 25 2.04 -5.79 -8.66
CA TYR C 25 3.22 -6.66 -8.91
C TYR C 25 3.85 -7.05 -7.57
N ARG C 26 4.55 -6.15 -6.95
CA ARG C 26 5.19 -6.44 -5.63
C ARG C 26 4.13 -6.96 -4.65
N ALA C 27 2.91 -6.49 -4.74
CA ALA C 27 1.85 -6.96 -3.81
C ALA C 27 1.69 -8.49 -3.88
N ASN C 28 1.52 -9.03 -5.05
CA ASN C 28 1.33 -10.50 -5.17
C ASN C 28 2.65 -11.22 -4.93
N VAL C 29 3.72 -10.69 -5.46
CA VAL C 29 5.03 -11.35 -5.26
C VAL C 29 5.36 -11.41 -3.77
N GLN C 30 5.09 -10.35 -3.06
CA GLN C 30 5.39 -10.34 -1.60
C GLN C 30 4.19 -10.90 -0.81
N GLY C 31 2.99 -10.58 -1.22
CA GLY C 31 1.78 -11.10 -0.51
C GLY C 31 1.30 -10.04 0.48
N TRP C 32 1.08 -8.83 0.01
CA TRP C 32 0.60 -7.75 0.92
C TRP C 32 -0.81 -8.05 1.42
N THR C 33 -1.13 -7.66 2.63
CA THR C 33 -2.52 -7.88 3.11
C THR C 33 -3.38 -6.84 2.41
N LYS C 34 -4.58 -7.20 1.99
CA LYS C 34 -5.42 -6.20 1.26
C LYS C 34 -6.84 -6.17 1.79
N ARG C 35 -7.33 -4.98 2.00
CA ARG C 35 -8.72 -4.79 2.51
C ARG C 35 -9.61 -4.48 1.30
N LYS C 36 -10.57 -5.31 1.06
CA LYS C 36 -11.48 -5.09 -0.10
C LYS C 36 -12.39 -3.90 0.20
N LYS C 37 -12.12 -2.77 -0.38
CA LYS C 37 -13.00 -1.58 -0.12
C LYS C 37 -14.27 -1.70 -0.95
N GLU C 38 -15.35 -1.07 -0.53
CA GLU C 38 -16.64 -1.15 -1.28
C GLU C 38 -17.21 0.26 -1.48
N GLY C 39 -17.47 0.96 -0.40
CA GLY C 39 -18.06 2.33 -0.50
C GLY C 39 -17.40 3.15 -1.61
N VAL C 40 -16.25 2.74 -2.08
CA VAL C 40 -15.57 3.52 -3.16
C VAL C 40 -16.06 3.06 -4.53
N LYS C 41 -16.24 3.98 -5.44
CA LYS C 41 -16.72 3.60 -6.80
C LYS C 41 -15.82 2.51 -7.37
N GLY C 42 -16.23 1.92 -8.47
CA GLY C 42 -15.39 0.86 -9.11
C GLY C 42 -15.66 -0.50 -8.47
N GLY C 43 -16.03 -0.53 -7.22
CA GLY C 43 -16.30 -1.85 -6.56
C GLY C 43 -15.00 -2.64 -6.43
N LYS C 44 -14.21 -2.66 -7.47
CA LYS C 44 -12.92 -3.41 -7.41
C LYS C 44 -12.01 -2.76 -6.36
N ALA C 45 -12.49 -1.76 -5.69
CA ALA C 45 -11.67 -1.05 -4.67
C ALA C 45 -10.96 -2.05 -3.74
N VAL C 46 -9.65 -2.13 -3.85
CA VAL C 46 -8.86 -3.05 -2.97
C VAL C 46 -7.62 -2.29 -2.47
N GLU C 47 -7.57 -1.99 -1.21
CA GLU C 47 -6.39 -1.23 -0.67
C GLU C 47 -5.35 -2.22 -0.11
N TYR C 48 -4.17 -1.73 0.21
CA TYR C 48 -3.11 -2.63 0.77
C TYR C 48 -2.68 -2.12 2.15
N ASP C 49 -2.31 -3.01 3.02
CA ASP C 49 -1.90 -2.59 4.40
C ASP C 49 -0.46 -2.06 4.39
N VAL C 50 -0.30 -0.78 4.61
CA VAL C 50 1.06 -0.19 4.65
C VAL C 50 1.86 -0.82 5.79
N MET C 51 1.18 -1.26 6.81
CA MET C 51 1.89 -1.88 7.96
C MET C 51 2.39 -3.27 7.57
N SER C 52 2.07 -3.73 6.38
CA SER C 52 2.55 -5.07 5.93
C SER C 52 3.71 -4.90 4.96
N MET C 53 3.95 -3.69 4.50
CA MET C 53 5.07 -3.48 3.54
C MET C 53 6.41 -3.52 4.31
N PRO C 54 7.49 -3.86 3.65
CA PRO C 54 8.83 -3.90 4.31
C PRO C 54 9.01 -2.69 5.24
N THR C 55 9.58 -2.89 6.40
CA THR C 55 9.76 -1.76 7.36
C THR C 55 10.21 -0.49 6.61
N LYS C 56 11.33 -0.56 5.95
CA LYS C 56 11.79 0.65 5.19
C LYS C 56 10.64 1.16 4.33
N GLU C 57 10.06 0.29 3.54
CA GLU C 57 8.94 0.72 2.67
C GLU C 57 7.80 1.23 3.55
N ARG C 58 7.45 0.48 4.55
CA ARG C 58 6.35 0.89 5.45
C ARG C 58 6.65 2.30 6.00
N GLU C 59 7.81 2.50 6.57
CA GLU C 59 8.15 3.86 7.08
C GLU C 59 8.22 4.83 5.91
N GLN C 60 8.66 4.36 4.77
CA GLN C 60 8.75 5.25 3.60
C GLN C 60 7.34 5.70 3.21
N VAL C 61 6.41 4.78 3.17
CA VAL C 61 5.01 5.14 2.81
C VAL C 61 4.42 5.98 3.94
N ILE C 62 4.47 5.49 5.16
CA ILE C 62 3.91 6.28 6.29
C ILE C 62 4.54 7.65 6.26
N ALA C 63 5.80 7.71 5.92
CA ALA C 63 6.46 9.03 5.86
C ALA C 63 5.94 9.78 4.63
N HIS C 64 5.77 9.10 3.52
CA HIS C 64 5.23 9.80 2.33
C HIS C 64 3.84 10.28 2.70
N LEU C 65 3.14 9.47 3.45
CA LEU C 65 1.79 9.87 3.91
C LEU C 65 1.95 10.93 4.98
N GLY C 66 2.98 10.80 5.78
CA GLY C 66 3.23 11.80 6.86
C GLY C 66 2.32 11.49 8.03
N LEU C 67 2.12 10.22 8.30
CA LEU C 67 1.22 9.82 9.42
C LEU C 67 2.09 9.49 10.64
N SER C 68 2.50 8.27 10.76
CA SER C 68 3.35 7.87 11.92
C SER C 68 2.66 8.29 13.23
N THR C 69 3.41 8.45 14.28
CA THR C 69 2.79 8.85 15.57
C THR C 69 2.18 10.24 15.42
N LYS C 1 -3.75 -5.50 15.38
CA LYS C 1 -4.24 -4.36 14.57
C LYS C 1 -3.60 -4.41 13.18
N SER C 2 -3.98 -3.50 12.32
CA SER C 2 -3.41 -3.49 10.94
C SER C 2 -3.61 -2.11 10.32
N ILE C 3 -3.07 -1.91 9.15
CA ILE C 3 -3.23 -0.60 8.45
C ILE C 3 -3.47 -0.86 6.97
N TRP C 4 -3.95 0.12 6.27
CA TRP C 4 -4.23 -0.06 4.81
C TRP C 4 -4.01 1.26 4.08
N CYS C 5 -3.72 1.20 2.81
CA CYS C 5 -3.47 2.45 2.03
C CYS C 5 -3.90 2.28 0.58
N SER C 6 -4.20 3.36 -0.08
CA SER C 6 -4.60 3.27 -1.51
C SER C 6 -3.31 3.11 -2.35
N PRO C 7 -3.37 2.42 -3.46
CA PRO C 7 -2.17 2.23 -4.34
C PRO C 7 -1.33 3.51 -4.47
N GLN C 8 -1.97 4.60 -4.79
CA GLN C 8 -1.23 5.89 -4.96
C GLN C 8 -0.45 6.27 -3.70
N GLU C 9 -0.89 5.84 -2.54
CA GLU C 9 -0.18 6.20 -1.29
C GLU C 9 1.08 5.35 -1.15
N ILE C 10 0.99 4.09 -1.46
CA ILE C 10 2.17 3.20 -1.33
C ILE C 10 3.16 3.48 -2.46
N MET C 11 2.70 3.49 -3.68
CA MET C 11 3.62 3.76 -4.82
C MET C 11 4.33 5.09 -4.56
N ALA C 12 3.71 5.95 -3.80
CA ALA C 12 4.33 7.27 -3.49
C ALA C 12 5.36 7.11 -2.37
N ALA C 13 5.33 6.00 -1.67
CA ALA C 13 6.32 5.82 -0.56
C ALA C 13 7.67 5.39 -1.12
N ASP C 14 8.75 5.78 -0.49
CA ASP C 14 10.08 5.38 -1.00
C ASP C 14 10.21 3.85 -0.91
N GLY C 15 11.00 3.27 -1.76
CA GLY C 15 11.16 1.77 -1.72
C GLY C 15 9.99 1.13 -2.46
N MET C 16 8.87 1.81 -2.53
CA MET C 16 7.68 1.25 -3.23
C MET C 16 7.65 1.73 -4.70
N PRO C 17 7.20 0.91 -5.62
CA PRO C 17 7.13 1.31 -7.06
C PRO C 17 6.59 2.73 -7.25
N GLY C 18 6.59 3.21 -8.47
CA GLY C 18 6.08 4.59 -8.77
C GLY C 18 4.96 4.48 -9.81
N SER C 19 4.18 3.43 -9.77
CA SER C 19 3.08 3.25 -10.75
C SER C 19 1.91 2.54 -10.08
N VAL C 20 0.70 2.88 -10.43
CA VAL C 20 -0.47 2.19 -9.81
C VAL C 20 -0.32 0.69 -10.04
N ALA C 21 -0.10 0.28 -11.27
CA ALA C 21 0.07 -1.16 -11.55
C ALA C 21 1.36 -1.62 -10.87
N GLY C 22 2.31 -0.75 -10.73
CA GLY C 22 3.59 -1.12 -10.05
C GLY C 22 3.24 -1.70 -8.68
N VAL C 23 2.27 -1.12 -8.02
CA VAL C 23 1.87 -1.65 -6.69
C VAL C 23 1.32 -3.06 -6.90
N HIS C 24 0.45 -3.21 -7.86
CA HIS C 24 -0.13 -4.57 -8.12
C HIS C 24 1.00 -5.53 -8.49
N TYR C 25 2.07 -5.02 -9.02
CA TYR C 25 3.22 -5.89 -9.38
C TYR C 25 3.74 -6.56 -8.12
N ARG C 26 4.46 -5.84 -7.31
CA ARG C 26 4.99 -6.43 -6.05
C ARG C 26 3.86 -7.12 -5.28
N ALA C 27 2.72 -6.50 -5.20
CA ALA C 27 1.59 -7.10 -4.45
C ALA C 27 1.26 -8.51 -4.98
N ASN C 28 1.46 -8.75 -6.25
CA ASN C 28 1.15 -10.09 -6.80
C ASN C 28 2.23 -11.06 -6.40
N VAL C 29 3.45 -10.69 -6.61
CA VAL C 29 4.57 -11.61 -6.28
C VAL C 29 4.81 -11.60 -4.77
N GLN C 30 4.59 -10.50 -4.10
CA GLN C 30 4.81 -10.47 -2.63
C GLN C 30 3.53 -10.94 -1.93
N GLY C 31 2.40 -10.80 -2.57
CA GLY C 31 1.13 -11.26 -1.93
C GLY C 31 0.73 -10.29 -0.81
N TRP C 32 0.61 -9.03 -1.12
CA TRP C 32 0.22 -8.04 -0.07
C TRP C 32 -1.23 -8.31 0.37
N THR C 33 -1.53 -8.15 1.64
CA THR C 33 -2.94 -8.35 2.07
C THR C 33 -3.73 -7.17 1.54
N LYS C 34 -5.01 -7.33 1.29
CA LYS C 34 -5.77 -6.17 0.72
C LYS C 34 -7.18 -6.05 1.29
N ARG C 35 -7.51 -4.87 1.67
CA ARG C 35 -8.87 -4.56 2.19
C ARG C 35 -9.66 -3.99 1.02
N LYS C 36 -10.86 -4.41 0.85
CA LYS C 36 -11.66 -3.92 -0.31
C LYS C 36 -12.09 -2.47 -0.10
N LYS C 37 -11.77 -1.62 -1.03
CA LYS C 37 -12.17 -0.18 -0.94
C LYS C 37 -13.45 -0.01 -1.77
N GLU C 38 -14.37 0.81 -1.30
CA GLU C 38 -15.66 1.00 -2.05
C GLU C 38 -15.96 2.49 -2.22
N GLY C 39 -15.84 3.24 -1.16
CA GLY C 39 -16.13 4.71 -1.20
C GLY C 39 -15.66 5.31 -2.53
N VAL C 40 -14.67 4.73 -3.15
CA VAL C 40 -14.17 5.28 -4.45
C VAL C 40 -14.94 4.62 -5.60
N LYS C 41 -15.19 5.37 -6.66
CA LYS C 41 -15.94 4.81 -7.82
C LYS C 41 -15.32 3.47 -8.24
N GLY C 42 -15.87 2.87 -9.26
CA GLY C 42 -15.34 1.58 -9.78
C GLY C 42 -15.50 0.46 -8.74
N GLY C 43 -15.34 0.76 -7.48
CA GLY C 43 -15.47 -0.30 -6.44
C GLY C 43 -14.31 -1.29 -6.56
N LYS C 44 -13.84 -1.56 -7.75
CA LYS C 44 -12.71 -2.51 -7.91
C LYS C 44 -11.55 -2.02 -7.07
N ALA C 45 -11.67 -0.84 -6.52
CA ALA C 45 -10.57 -0.27 -5.69
C ALA C 45 -10.30 -1.18 -4.48
N VAL C 46 -9.04 -1.42 -4.20
CA VAL C 46 -8.67 -2.25 -3.01
C VAL C 46 -7.40 -1.68 -2.40
N GLU C 47 -7.36 -1.52 -1.11
CA GLU C 47 -6.13 -0.97 -0.46
C GLU C 47 -5.20 -2.13 -0.11
N TYR C 48 -3.97 -1.86 0.24
CA TYR C 48 -3.01 -2.95 0.61
C TYR C 48 -2.51 -2.71 2.03
N ASP C 49 -2.22 -3.76 2.75
CA ASP C 49 -1.75 -3.59 4.15
C ASP C 49 -0.25 -3.26 4.20
N VAL C 50 0.08 -2.10 4.67
CA VAL C 50 1.52 -1.70 4.78
C VAL C 50 2.20 -2.62 5.80
N MET C 51 1.44 -3.14 6.73
CA MET C 51 2.04 -4.04 7.75
C MET C 51 2.43 -5.35 7.08
N SER C 52 2.20 -5.46 5.80
CA SER C 52 2.57 -6.69 5.05
C SER C 52 3.81 -6.38 4.20
N MET C 53 4.14 -5.11 4.06
CA MET C 53 5.33 -4.73 3.25
C MET C 53 6.61 -5.20 3.96
N PRO C 54 7.67 -5.45 3.22
CA PRO C 54 8.96 -5.86 3.84
C PRO C 54 9.25 -5.06 5.11
N THR C 55 9.69 -5.70 6.16
CA THR C 55 9.98 -4.96 7.43
C THR C 55 10.68 -3.63 7.13
N LYS C 56 11.80 -3.69 6.46
CA LYS C 56 12.52 -2.43 6.12
C LYS C 56 11.54 -1.47 5.44
N GLU C 57 10.78 -1.95 4.50
CA GLU C 57 9.82 -1.06 3.77
C GLU C 57 8.78 -0.49 4.74
N ARG C 58 8.37 -1.24 5.73
CA ARG C 58 7.35 -0.72 6.67
C ARG C 58 7.80 0.64 7.21
N GLU C 59 8.97 0.69 7.79
CA GLU C 59 9.46 1.99 8.34
C GLU C 59 9.58 2.97 7.19
N GLN C 60 9.92 2.50 6.03
CA GLN C 60 10.03 3.42 4.87
C GLN C 60 8.64 3.96 4.55
N VAL C 61 7.68 3.09 4.43
CA VAL C 61 6.29 3.54 4.13
C VAL C 61 5.70 4.23 5.36
N ILE C 62 5.76 3.61 6.50
CA ILE C 62 5.20 4.24 7.73
C ILE C 62 5.83 5.62 7.87
N ALA C 63 7.05 5.76 7.43
CA ALA C 63 7.71 7.08 7.54
C ALA C 63 7.19 7.99 6.41
N HIS C 64 6.98 7.45 5.23
CA HIS C 64 6.44 8.31 4.15
C HIS C 64 5.06 8.75 4.61
N LEU C 65 4.36 7.83 5.24
CA LEU C 65 3.02 8.19 5.77
C LEU C 65 3.25 9.06 6.99
N GLY C 66 4.27 8.77 7.75
CA GLY C 66 4.58 9.58 8.96
C GLY C 66 3.63 9.17 10.07
N LEU C 67 3.37 7.89 10.20
CA LEU C 67 2.45 7.41 11.27
C LEU C 67 3.27 6.88 12.45
N SER C 68 3.57 5.61 12.43
CA SER C 68 4.38 5.02 13.53
C SER C 68 4.25 3.49 13.49
N THR C 69 4.85 2.81 14.43
CA THR C 69 4.76 1.32 14.45
C THR C 69 3.46 0.90 15.13
N LYS C 1 -3.16 -3.23 16.27
CA LYS C 1 -3.81 -2.29 15.31
C LYS C 1 -3.21 -2.51 13.91
N SER C 2 -3.67 -1.78 12.94
CA SER C 2 -3.13 -1.94 11.56
C SER C 2 -3.45 -0.70 10.74
N ILE C 3 -2.91 -0.63 9.55
CA ILE C 3 -3.19 0.56 8.67
C ILE C 3 -3.32 0.07 7.24
N TRP C 4 -3.89 0.87 6.40
CA TRP C 4 -4.08 0.48 4.97
C TRP C 4 -3.96 1.71 4.08
N CYS C 5 -3.55 1.52 2.85
CA CYS C 5 -3.39 2.68 1.92
C CYS C 5 -3.68 2.25 0.48
N SER C 6 -4.11 3.17 -0.34
CA SER C 6 -4.37 2.86 -1.76
C SER C 6 -3.03 2.83 -2.50
N PRO C 7 -2.96 2.21 -3.64
CA PRO C 7 -1.69 2.15 -4.44
C PRO C 7 -1.16 3.55 -4.73
N GLN C 8 -2.05 4.51 -4.87
CA GLN C 8 -1.62 5.90 -5.16
C GLN C 8 -0.77 6.44 -4.01
N GLU C 9 -1.11 6.11 -2.79
CA GLU C 9 -0.31 6.61 -1.64
C GLU C 9 0.98 5.81 -1.54
N ILE C 10 0.90 4.54 -1.81
CA ILE C 10 2.11 3.69 -1.73
C ILE C 10 3.03 3.97 -2.92
N MET C 11 2.53 3.85 -4.12
CA MET C 11 3.38 4.13 -5.32
C MET C 11 4.05 5.49 -5.14
N ALA C 12 3.42 6.34 -4.40
CA ALA C 12 4.00 7.69 -4.15
C ALA C 12 5.05 7.61 -3.04
N ALA C 13 5.05 6.55 -2.27
CA ALA C 13 6.06 6.44 -1.18
C ALA C 13 7.40 5.99 -1.77
N ASP C 14 8.48 6.34 -1.14
CA ASP C 14 9.81 5.92 -1.68
C ASP C 14 9.94 4.39 -1.61
N GLY C 15 10.79 3.82 -2.41
CA GLY C 15 10.96 2.33 -2.38
C GLY C 15 9.81 1.70 -3.15
N MET C 16 8.69 2.39 -3.23
CA MET C 16 7.51 1.85 -3.94
C MET C 16 7.49 2.36 -5.39
N PRO C 17 7.24 1.51 -6.37
CA PRO C 17 7.18 1.95 -7.79
C PRO C 17 6.38 3.26 -7.96
N GLY C 18 6.33 3.76 -9.16
CA GLY C 18 5.57 5.02 -9.43
C GLY C 18 4.45 4.72 -10.43
N SER C 19 3.86 3.55 -10.33
CA SER C 19 2.76 3.16 -11.25
C SER C 19 1.71 2.36 -10.49
N VAL C 20 0.46 2.70 -10.62
CA VAL C 20 -0.60 1.95 -9.89
C VAL C 20 -0.43 0.45 -10.14
N ALA C 21 -0.05 0.08 -11.33
CA ALA C 21 0.14 -1.37 -11.63
C ALA C 21 1.43 -1.85 -10.96
N GLY C 22 2.46 -1.04 -10.99
CA GLY C 22 3.74 -1.46 -10.34
C GLY C 22 3.45 -1.94 -8.92
N VAL C 23 2.57 -1.26 -8.24
CA VAL C 23 2.22 -1.68 -6.85
C VAL C 23 1.57 -3.07 -6.91
N HIS C 24 0.51 -3.19 -7.67
CA HIS C 24 -0.18 -4.51 -7.77
C HIS C 24 0.84 -5.59 -8.15
N TYR C 25 1.91 -5.21 -8.81
CA TYR C 25 2.94 -6.20 -9.20
C TYR C 25 3.51 -6.87 -7.95
N ARG C 26 4.36 -6.18 -7.24
CA ARG C 26 4.94 -6.78 -6.00
C ARG C 26 3.84 -7.19 -5.03
N ALA C 27 2.73 -6.49 -5.04
CA ALA C 27 1.63 -6.85 -4.11
C ALA C 27 1.20 -8.31 -4.31
N ASN C 28 0.93 -8.70 -5.52
CA ASN C 28 0.49 -10.10 -5.78
C ASN C 28 1.68 -11.04 -5.66
N VAL C 29 2.81 -10.65 -6.16
CA VAL C 29 4.00 -11.53 -6.06
C VAL C 29 4.43 -11.69 -4.60
N GLN C 30 4.31 -10.64 -3.84
CA GLN C 30 4.71 -10.72 -2.40
C GLN C 30 3.55 -11.28 -1.57
N GLY C 31 2.35 -10.87 -1.88
CA GLY C 31 1.16 -11.35 -1.10
C GLY C 31 0.79 -10.32 -0.04
N TRP C 32 0.65 -9.09 -0.44
CA TRP C 32 0.29 -8.01 0.54
C TRP C 32 -1.14 -8.23 1.05
N THR C 33 -1.40 -7.97 2.30
CA THR C 33 -2.79 -8.09 2.81
C THR C 33 -3.56 -6.93 2.22
N LYS C 34 -4.84 -7.08 1.95
CA LYS C 34 -5.57 -5.93 1.33
C LYS C 34 -6.99 -5.78 1.87
N ARG C 35 -7.33 -4.55 2.14
CA ARG C 35 -8.71 -4.22 2.60
C ARG C 35 -9.53 -3.94 1.35
N LYS C 36 -10.37 -4.83 0.99
CA LYS C 36 -11.18 -4.62 -0.25
C LYS C 36 -12.18 -3.49 -0.04
N LYS C 37 -12.00 -2.40 -0.75
CA LYS C 37 -12.94 -1.25 -0.60
C LYS C 37 -14.13 -1.43 -1.55
N GLU C 38 -15.28 -0.91 -1.19
CA GLU C 38 -16.50 -1.06 -2.07
C GLU C 38 -17.18 0.30 -2.25
N GLY C 39 -17.50 0.96 -1.17
CA GLY C 39 -18.20 2.28 -1.25
C GLY C 39 -17.51 3.20 -2.27
N VAL C 40 -16.37 2.82 -2.78
CA VAL C 40 -15.67 3.69 -3.77
C VAL C 40 -16.16 3.37 -5.18
N LYS C 41 -16.16 4.34 -6.06
CA LYS C 41 -16.58 4.04 -7.45
C LYS C 41 -15.77 2.85 -7.95
N GLY C 42 -16.35 1.97 -8.69
CA GLY C 42 -15.57 0.78 -9.13
C GLY C 42 -15.05 0.08 -7.88
N GLY C 43 -15.94 -0.51 -7.13
CA GLY C 43 -15.56 -1.21 -5.87
C GLY C 43 -14.28 -2.04 -6.05
N LYS C 44 -13.82 -2.22 -7.25
CA LYS C 44 -12.58 -3.00 -7.45
C LYS C 44 -11.49 -2.41 -6.55
N ALA C 45 -11.75 -1.27 -5.98
CA ALA C 45 -10.75 -0.59 -5.12
C ALA C 45 -10.37 -1.48 -3.93
N VAL C 46 -9.09 -1.63 -3.70
CA VAL C 46 -8.60 -2.43 -2.54
C VAL C 46 -7.35 -1.76 -1.98
N GLU C 47 -7.30 -1.50 -0.71
CA GLU C 47 -6.08 -0.85 -0.13
C GLU C 47 -5.12 -1.95 0.33
N TYR C 48 -3.89 -1.62 0.59
CA TYR C 48 -2.91 -2.65 1.05
C TYR C 48 -2.45 -2.32 2.47
N ASP C 49 -2.18 -3.32 3.26
CA ASP C 49 -1.74 -3.07 4.66
C ASP C 49 -0.27 -2.68 4.70
N VAL C 50 0.01 -1.44 5.06
CA VAL C 50 1.43 -0.99 5.13
C VAL C 50 2.16 -1.84 6.15
N MET C 51 1.45 -2.37 7.11
CA MET C 51 2.12 -3.21 8.14
C MET C 51 2.53 -4.55 7.52
N SER C 52 2.16 -4.79 6.29
CA SER C 52 2.54 -6.07 5.60
C SER C 52 3.68 -5.79 4.62
N MET C 53 3.95 -4.55 4.32
CA MET C 53 5.04 -4.23 3.37
C MET C 53 6.40 -4.50 4.03
N PRO C 54 7.44 -4.74 3.26
CA PRO C 54 8.80 -5.00 3.80
C PRO C 54 9.12 -4.09 4.99
N THR C 55 9.81 -4.59 5.99
CA THR C 55 10.14 -3.75 7.17
C THR C 55 10.66 -2.38 6.71
N LYS C 56 11.73 -2.37 5.97
CA LYS C 56 12.28 -1.07 5.48
C LYS C 56 11.15 -0.26 4.84
N GLU C 57 10.35 -0.88 4.03
CA GLU C 57 9.24 -0.14 3.36
C GLU C 57 8.26 0.42 4.41
N ARG C 58 8.05 -0.27 5.48
CA ARG C 58 7.11 0.24 6.52
C ARG C 58 7.50 1.66 6.92
N GLU C 59 8.67 1.82 7.46
CA GLU C 59 9.11 3.18 7.89
C GLU C 59 9.15 4.08 6.68
N GLN C 60 9.44 3.54 5.53
CA GLN C 60 9.48 4.38 4.32
C GLN C 60 8.07 4.92 4.02
N VAL C 61 7.11 4.05 3.98
CA VAL C 61 5.71 4.49 3.70
C VAL C 61 5.18 5.30 4.88
N ILE C 62 5.31 4.78 6.08
CA ILE C 62 4.84 5.52 7.27
C ILE C 62 5.48 6.90 7.25
N ALA C 63 6.70 6.97 6.82
CA ALA C 63 7.36 8.30 6.75
C ALA C 63 6.76 9.09 5.59
N HIS C 64 6.51 8.45 4.47
CA HIS C 64 5.89 9.18 3.34
C HIS C 64 4.49 9.59 3.77
N LEU C 65 3.85 8.76 4.54
CA LEU C 65 2.48 9.10 5.02
C LEU C 65 2.63 10.24 6.03
N GLY C 66 3.63 10.16 6.86
CA GLY C 66 3.86 11.24 7.87
C GLY C 66 3.41 10.80 9.25
N LEU C 67 3.37 9.51 9.49
CA LEU C 67 2.92 9.02 10.84
C LEU C 67 4.15 8.83 11.72
N SER C 68 5.29 8.60 11.11
CA SER C 68 6.53 8.41 11.90
C SER C 68 6.74 9.64 12.80
N THR C 69 7.87 9.72 13.45
CA THR C 69 8.13 10.88 14.35
C THR C 69 9.61 10.94 14.69
N LYS C 1 -2.73 -1.72 16.45
CA LYS C 1 -3.81 -1.89 15.43
C LYS C 1 -3.18 -2.09 14.05
N SER C 2 -3.72 -1.47 13.03
CA SER C 2 -3.14 -1.63 11.67
C SER C 2 -3.59 -0.47 10.79
N ILE C 3 -3.08 -0.40 9.58
CA ILE C 3 -3.47 0.69 8.65
C ILE C 3 -3.54 0.14 7.24
N TRP C 4 -4.22 0.84 6.39
CA TRP C 4 -4.39 0.39 4.97
C TRP C 4 -4.35 1.62 4.06
N CYS C 5 -4.00 1.43 2.81
CA CYS C 5 -3.93 2.59 1.87
C CYS C 5 -4.20 2.14 0.43
N SER C 6 -4.60 3.06 -0.40
CA SER C 6 -4.85 2.72 -1.82
C SER C 6 -3.50 2.74 -2.56
N PRO C 7 -3.30 1.90 -3.55
CA PRO C 7 -2.01 1.86 -4.32
C PRO C 7 -1.45 3.26 -4.60
N GLN C 8 -2.29 4.21 -4.93
CA GLN C 8 -1.80 5.58 -5.25
C GLN C 8 -0.97 6.17 -4.10
N GLU C 9 -1.34 5.90 -2.88
CA GLU C 9 -0.55 6.45 -1.75
C GLU C 9 0.74 5.66 -1.62
N ILE C 10 0.69 4.40 -1.88
CA ILE C 10 1.89 3.55 -1.77
C ILE C 10 2.83 3.79 -2.96
N MET C 11 2.32 3.75 -4.16
CA MET C 11 3.17 3.98 -5.36
C MET C 11 3.92 5.31 -5.19
N ALA C 12 3.33 6.21 -4.45
CA ALA C 12 3.98 7.53 -4.23
C ALA C 12 5.02 7.42 -3.12
N ALA C 13 4.99 6.35 -2.35
CA ALA C 13 5.98 6.22 -1.25
C ALA C 13 7.33 5.75 -1.80
N ASP C 14 8.41 6.13 -1.18
CA ASP C 14 9.74 5.68 -1.68
C ASP C 14 9.85 4.16 -1.52
N GLY C 15 10.71 3.54 -2.28
CA GLY C 15 10.84 2.06 -2.19
C GLY C 15 9.67 1.40 -2.91
N MET C 16 8.57 2.10 -2.99
CA MET C 16 7.37 1.54 -3.68
C MET C 16 7.34 2.03 -5.14
N PRO C 17 7.02 1.18 -6.09
CA PRO C 17 6.96 1.58 -7.52
C PRO C 17 6.34 2.96 -7.72
N GLY C 18 6.45 3.50 -8.91
CA GLY C 18 5.87 4.84 -9.22
C GLY C 18 4.74 4.63 -10.23
N SER C 19 4.11 3.50 -10.18
CA SER C 19 3.00 3.19 -11.13
C SER C 19 1.94 2.37 -10.40
N VAL C 20 0.69 2.65 -10.64
CA VAL C 20 -0.39 1.89 -9.95
C VAL C 20 -0.22 0.39 -10.19
N ALA C 21 0.04 -0.01 -11.41
CA ALA C 21 0.21 -1.46 -11.69
C ALA C 21 1.50 -1.96 -11.02
N GLY C 22 2.55 -1.21 -11.09
CA GLY C 22 3.82 -1.64 -10.44
C GLY C 22 3.54 -2.08 -9.01
N VAL C 23 2.63 -1.42 -8.35
CA VAL C 23 2.30 -1.81 -6.95
C VAL C 23 1.68 -3.21 -6.97
N HIS C 24 0.60 -3.39 -7.67
CA HIS C 24 -0.05 -4.73 -7.71
C HIS C 24 1.01 -5.78 -8.06
N TYR C 25 2.08 -5.37 -8.67
CA TYR C 25 3.15 -6.33 -9.05
C TYR C 25 3.73 -6.95 -7.77
N ARG C 26 4.57 -6.25 -7.07
CA ARG C 26 5.17 -6.81 -5.82
C ARG C 26 4.05 -7.20 -4.84
N ALA C 27 2.93 -6.53 -4.91
CA ALA C 27 1.82 -6.88 -3.96
C ALA C 27 1.44 -8.36 -4.10
N ASN C 28 1.22 -8.83 -5.29
CA ASN C 28 0.83 -10.24 -5.47
C ASN C 28 2.05 -11.14 -5.24
N VAL C 29 3.18 -10.73 -5.72
CA VAL C 29 4.40 -11.57 -5.54
C VAL C 29 4.76 -11.63 -4.05
N GLN C 30 4.60 -10.55 -3.35
CA GLN C 30 4.93 -10.55 -1.89
C GLN C 30 3.73 -11.06 -1.08
N GLY C 31 2.55 -10.84 -1.58
CA GLY C 31 1.33 -11.32 -0.84
C GLY C 31 0.94 -10.28 0.21
N TRP C 32 0.73 -9.05 -0.19
CA TRP C 32 0.34 -7.99 0.78
C TRP C 32 -1.06 -8.30 1.32
N THR C 33 -1.31 -8.03 2.56
CA THR C 33 -2.69 -8.28 3.10
C THR C 33 -3.59 -7.19 2.54
N LYS C 34 -4.57 -7.56 1.76
CA LYS C 34 -5.48 -6.53 1.15
C LYS C 34 -6.84 -6.48 1.83
N ARG C 35 -7.32 -5.28 2.03
CA ARG C 35 -8.68 -5.05 2.62
C ARG C 35 -9.54 -4.46 1.52
N LYS C 36 -10.76 -4.90 1.42
CA LYS C 36 -11.65 -4.37 0.34
C LYS C 36 -12.07 -2.93 0.65
N LYS C 37 -11.96 -2.08 -0.33
CA LYS C 37 -12.35 -0.64 -0.17
C LYS C 37 -13.63 -0.39 -0.98
N GLU C 38 -14.46 0.53 -0.56
CA GLU C 38 -15.74 0.80 -1.29
C GLU C 38 -15.92 2.29 -1.56
N GLY C 39 -15.63 3.09 -0.57
CA GLY C 39 -15.79 4.58 -0.68
C GLY C 39 -15.55 5.07 -2.11
N VAL C 40 -14.63 4.46 -2.81
CA VAL C 40 -14.35 4.89 -4.22
C VAL C 40 -15.20 4.07 -5.21
N LYS C 41 -15.64 4.69 -6.27
CA LYS C 41 -16.47 3.98 -7.29
C LYS C 41 -15.74 2.71 -7.75
N GLY C 42 -16.22 2.14 -8.83
CA GLY C 42 -15.59 0.91 -9.38
C GLY C 42 -15.76 -0.27 -8.44
N GLY C 43 -15.85 -0.02 -7.15
CA GLY C 43 -16.02 -1.16 -6.19
C GLY C 43 -14.75 -2.02 -6.17
N LYS C 44 -14.08 -2.15 -7.28
CA LYS C 44 -12.85 -2.98 -7.33
C LYS C 44 -11.80 -2.37 -6.40
N ALA C 45 -12.08 -1.20 -5.88
CA ALA C 45 -11.10 -0.53 -4.97
C ALA C 45 -10.67 -1.49 -3.86
N VAL C 46 -9.38 -1.62 -3.65
CA VAL C 46 -8.86 -2.52 -2.57
C VAL C 46 -7.59 -1.89 -1.98
N GLU C 47 -7.53 -1.75 -0.68
CA GLU C 47 -6.31 -1.12 -0.07
C GLU C 47 -5.35 -2.21 0.39
N TYR C 48 -4.13 -1.84 0.68
CA TYR C 48 -3.10 -2.84 1.14
C TYR C 48 -2.65 -2.44 2.55
N ASP C 49 -2.34 -3.40 3.37
CA ASP C 49 -1.92 -3.07 4.77
C ASP C 49 -0.47 -2.57 4.81
N VAL C 50 -0.28 -1.36 5.27
CA VAL C 50 1.09 -0.79 5.36
C VAL C 50 1.90 -1.62 6.35
N MET C 51 1.23 -2.20 7.30
CA MET C 51 1.93 -3.02 8.34
C MET C 51 2.36 -4.36 7.75
N SER C 52 1.97 -4.66 6.54
CA SER C 52 2.38 -5.94 5.90
C SER C 52 3.55 -5.65 4.95
N MET C 53 3.85 -4.40 4.77
CA MET C 53 4.97 -4.02 3.86
C MET C 53 6.32 -4.38 4.51
N PRO C 54 7.33 -4.67 3.73
CA PRO C 54 8.67 -5.00 4.29
C PRO C 54 9.03 -4.05 5.43
N THR C 55 9.69 -4.53 6.45
CA THR C 55 10.05 -3.66 7.61
C THR C 55 10.58 -2.31 7.09
N LYS C 56 11.65 -2.34 6.36
CA LYS C 56 12.23 -1.07 5.84
C LYS C 56 11.13 -0.28 5.12
N GLU C 57 10.33 -0.94 4.33
CA GLU C 57 9.26 -0.21 3.59
C GLU C 57 8.29 0.45 4.58
N ARG C 58 8.02 -0.18 5.69
CA ARG C 58 7.08 0.43 6.67
C ARG C 58 7.52 1.85 6.99
N GLU C 59 8.68 2.00 7.56
CA GLU C 59 9.18 3.35 7.91
C GLU C 59 9.22 4.19 6.64
N GLN C 60 9.49 3.58 5.53
CA GLN C 60 9.53 4.35 4.28
C GLN C 60 8.12 4.84 3.97
N VAL C 61 7.17 3.94 3.96
CA VAL C 61 5.76 4.32 3.67
C VAL C 61 5.17 5.11 4.85
N ILE C 62 5.34 4.62 6.05
CA ILE C 62 4.78 5.36 7.22
C ILE C 62 5.27 6.79 7.18
N ALA C 63 6.47 6.99 6.75
CA ALA C 63 7.00 8.38 6.67
C ALA C 63 6.40 9.08 5.45
N HIS C 64 6.28 8.40 4.34
CA HIS C 64 5.67 9.06 3.16
C HIS C 64 4.24 9.41 3.55
N LEU C 65 3.61 8.54 4.28
CA LEU C 65 2.23 8.81 4.74
C LEU C 65 2.29 9.88 5.82
N GLY C 66 3.18 9.73 6.76
CA GLY C 66 3.32 10.74 7.84
C GLY C 66 2.60 10.30 9.11
N LEU C 67 2.63 9.03 9.44
CA LEU C 67 1.95 8.60 10.72
C LEU C 67 2.92 8.77 11.87
N SER C 68 4.07 8.17 11.77
CA SER C 68 5.07 8.30 12.87
C SER C 68 5.63 9.72 12.86
N THR C 69 6.79 9.92 13.43
CA THR C 69 7.38 11.29 13.44
C THR C 69 7.91 11.63 12.04
N LYS C 1 -3.02 -2.33 16.46
CA LYS C 1 -3.96 -2.09 15.33
C LYS C 1 -3.20 -2.25 14.00
N SER C 2 -3.67 -1.62 12.96
CA SER C 2 -2.98 -1.74 11.64
C SER C 2 -3.41 -0.59 10.73
N ILE C 3 -2.90 -0.55 9.53
CA ILE C 3 -3.29 0.53 8.57
C ILE C 3 -3.45 -0.05 7.18
N TRP C 4 -4.14 0.65 6.34
CA TRP C 4 -4.39 0.17 4.95
C TRP C 4 -4.36 1.36 4.00
N CYS C 5 -3.99 1.14 2.77
CA CYS C 5 -3.91 2.26 1.79
C CYS C 5 -4.12 1.76 0.35
N SER C 6 -4.55 2.63 -0.51
CA SER C 6 -4.72 2.26 -1.93
C SER C 6 -3.34 2.31 -2.59
N PRO C 7 -3.18 1.71 -3.74
CA PRO C 7 -1.89 1.71 -4.46
C PRO C 7 -1.42 3.14 -4.78
N GLN C 8 -2.35 4.04 -4.99
CA GLN C 8 -1.96 5.44 -5.30
C GLN C 8 -1.13 6.02 -4.16
N GLU C 9 -1.46 5.70 -2.94
CA GLU C 9 -0.68 6.24 -1.79
C GLU C 9 0.62 5.45 -1.67
N ILE C 10 0.55 4.17 -1.92
CA ILE C 10 1.77 3.33 -1.82
C ILE C 10 2.67 3.58 -3.04
N MET C 11 2.14 3.42 -4.22
CA MET C 11 2.96 3.67 -5.44
C MET C 11 3.57 5.08 -5.32
N ALA C 12 2.94 5.91 -4.54
CA ALA C 12 3.45 7.29 -4.36
C ALA C 12 4.61 7.28 -3.36
N ALA C 13 4.80 6.21 -2.64
CA ALA C 13 5.92 6.19 -1.65
C ALA C 13 7.26 5.99 -2.38
N ASP C 14 8.34 6.29 -1.73
CA ASP C 14 9.68 6.16 -2.38
C ASP C 14 10.02 4.72 -2.75
N GLY C 15 10.46 3.94 -1.79
CA GLY C 15 10.85 2.52 -2.09
C GLY C 15 9.74 1.81 -2.87
N MET C 16 8.62 2.45 -3.08
CA MET C 16 7.51 1.79 -3.82
C MET C 16 7.53 2.24 -5.29
N PRO C 17 7.03 1.42 -6.21
CA PRO C 17 6.98 1.77 -7.65
C PRO C 17 6.12 3.01 -7.90
N GLY C 18 6.12 3.49 -9.12
CA GLY C 18 5.31 4.71 -9.47
C GLY C 18 4.25 4.32 -10.50
N SER C 19 3.71 3.13 -10.37
CA SER C 19 2.67 2.66 -11.33
C SER C 19 1.64 1.81 -10.57
N VAL C 20 0.38 2.09 -10.73
CA VAL C 20 -0.64 1.30 -10.00
C VAL C 20 -0.41 -0.18 -10.25
N ALA C 21 0.10 -0.52 -11.40
CA ALA C 21 0.37 -1.96 -11.70
C ALA C 21 1.65 -2.39 -10.99
N GLY C 22 2.65 -1.55 -10.99
CA GLY C 22 3.93 -1.90 -10.30
C GLY C 22 3.61 -2.37 -8.88
N VAL C 23 2.76 -1.67 -8.20
CA VAL C 23 2.39 -2.08 -6.82
C VAL C 23 1.72 -3.46 -6.90
N HIS C 24 0.69 -3.59 -7.68
CA HIS C 24 -0.01 -4.91 -7.80
C HIS C 24 1.03 -6.00 -8.09
N TYR C 25 2.15 -5.63 -8.65
CA TYR C 25 3.21 -6.62 -8.97
C TYR C 25 3.70 -7.26 -7.66
N ARG C 26 4.53 -6.56 -6.93
CA ARG C 26 5.04 -7.13 -5.64
C ARG C 26 3.86 -7.47 -4.72
N ALA C 27 2.76 -6.77 -4.84
CA ALA C 27 1.59 -7.08 -3.96
C ALA C 27 1.27 -8.56 -4.00
N ASN C 28 1.06 -9.10 -5.17
CA ASN C 28 0.72 -10.55 -5.27
C ASN C 28 1.97 -11.39 -5.05
N VAL C 29 3.10 -10.97 -5.54
CA VAL C 29 4.32 -11.79 -5.36
C VAL C 29 4.78 -11.74 -3.90
N GLN C 30 4.64 -10.62 -3.25
CA GLN C 30 5.09 -10.53 -1.83
C GLN C 30 4.00 -11.08 -0.91
N GLY C 31 2.76 -11.04 -1.32
CA GLY C 31 1.66 -11.57 -0.46
C GLY C 31 1.20 -10.48 0.51
N TRP C 32 0.89 -9.32 0.00
CA TRP C 32 0.42 -8.21 0.88
C TRP C 32 -0.96 -8.55 1.46
N THR C 33 -1.22 -8.18 2.68
CA THR C 33 -2.56 -8.45 3.27
C THR C 33 -3.55 -7.47 2.64
N LYS C 34 -4.62 -7.96 2.09
CA LYS C 34 -5.60 -7.06 1.41
C LYS C 34 -6.86 -6.83 2.26
N ARG C 35 -7.45 -5.70 2.03
CA ARG C 35 -8.74 -5.32 2.69
C ARG C 35 -9.54 -4.65 1.59
N LYS C 36 -10.71 -5.13 1.34
CA LYS C 36 -11.51 -4.56 0.22
C LYS C 36 -12.04 -3.16 0.57
N LYS C 37 -11.98 -2.27 -0.38
CA LYS C 37 -12.46 -0.87 -0.17
C LYS C 37 -13.71 -0.66 -1.03
N GLU C 38 -14.59 0.24 -0.63
CA GLU C 38 -15.85 0.48 -1.41
C GLU C 38 -16.05 1.97 -1.65
N GLY C 39 -15.82 2.76 -0.64
CA GLY C 39 -16.00 4.25 -0.73
C GLY C 39 -15.63 4.76 -2.13
N VAL C 40 -14.72 4.10 -2.80
CA VAL C 40 -14.33 4.56 -4.16
C VAL C 40 -15.25 3.92 -5.22
N LYS C 41 -15.88 4.72 -6.03
CA LYS C 41 -16.78 4.15 -7.08
C LYS C 41 -15.96 3.21 -7.97
N GLY C 42 -16.37 1.97 -8.06
CA GLY C 42 -15.62 1.00 -8.90
C GLY C 42 -15.80 -0.43 -8.36
N GLY C 43 -16.03 -0.55 -7.08
CA GLY C 43 -16.23 -1.91 -6.49
C GLY C 43 -14.89 -2.68 -6.48
N LYS C 44 -14.06 -2.47 -7.47
CA LYS C 44 -12.76 -3.19 -7.51
C LYS C 44 -11.75 -2.51 -6.57
N ALA C 45 -12.17 -1.49 -5.89
CA ALA C 45 -11.24 -0.76 -4.96
C ALA C 45 -10.86 -1.64 -3.77
N VAL C 46 -9.59 -1.87 -3.58
CA VAL C 46 -9.12 -2.69 -2.41
C VAL C 46 -7.79 -2.10 -1.90
N GLU C 47 -7.63 -1.99 -0.60
CA GLU C 47 -6.37 -1.42 -0.04
C GLU C 47 -5.44 -2.55 0.40
N TYR C 48 -4.22 -2.23 0.78
CA TYR C 48 -3.27 -3.27 1.26
C TYR C 48 -2.74 -2.84 2.62
N ASP C 49 -2.37 -3.77 3.45
CA ASP C 49 -1.87 -3.39 4.81
C ASP C 49 -0.42 -2.90 4.74
N VAL C 50 -0.21 -1.64 5.05
CA VAL C 50 1.17 -1.07 5.03
C VAL C 50 2.01 -1.78 6.09
N MET C 51 1.38 -2.29 7.12
CA MET C 51 2.15 -2.99 8.18
C MET C 51 2.66 -4.32 7.62
N SER C 52 2.33 -4.63 6.39
CA SER C 52 2.81 -5.90 5.77
C SER C 52 3.92 -5.56 4.78
N MET C 53 4.09 -4.30 4.48
CA MET C 53 5.13 -3.88 3.51
C MET C 53 6.53 -4.12 4.14
N PRO C 54 7.53 -4.46 3.36
CA PRO C 54 8.90 -4.68 3.89
C PRO C 54 9.27 -3.61 4.93
N THR C 55 9.96 -4.00 5.98
CA THR C 55 10.34 -3.00 7.03
C THR C 55 10.77 -1.67 6.39
N LYS C 56 11.81 -1.70 5.62
CA LYS C 56 12.27 -0.44 4.96
C LYS C 56 11.09 0.23 4.24
N GLU C 57 10.35 -0.53 3.49
CA GLU C 57 9.20 0.06 2.74
C GLU C 57 8.21 0.71 3.71
N ARG C 58 8.00 0.14 4.87
CA ARG C 58 7.04 0.76 5.83
C ARG C 58 7.44 2.21 6.05
N GLU C 59 8.69 2.45 6.30
CA GLU C 59 9.15 3.84 6.54
C GLU C 59 8.83 4.69 5.31
N GLN C 60 8.96 4.14 4.14
CA GLN C 60 8.64 4.94 2.93
C GLN C 60 7.17 5.30 2.96
N VAL C 61 6.34 4.33 3.22
CA VAL C 61 4.88 4.60 3.26
C VAL C 61 4.56 5.43 4.50
N ILE C 62 4.99 4.98 5.65
CA ILE C 62 4.72 5.75 6.90
C ILE C 62 5.22 7.18 6.73
N ALA C 63 6.36 7.36 6.10
CA ALA C 63 6.87 8.73 5.91
C ALA C 63 6.06 9.41 4.81
N HIS C 64 5.75 8.69 3.75
CA HIS C 64 4.92 9.30 2.68
C HIS C 64 3.58 9.67 3.30
N LEU C 65 3.13 8.85 4.21
CA LEU C 65 1.85 9.15 4.90
C LEU C 65 2.09 10.29 5.88
N GLY C 66 3.16 10.20 6.63
CA GLY C 66 3.49 11.29 7.59
C GLY C 66 3.14 10.86 9.03
N LEU C 67 3.19 9.59 9.33
CA LEU C 67 2.86 9.16 10.73
C LEU C 67 4.15 9.15 11.54
N SER C 68 4.89 8.07 11.47
CA SER C 68 6.16 7.99 12.24
C SER C 68 5.88 8.21 13.73
N THR C 69 6.90 8.18 14.54
CA THR C 69 6.70 8.39 16.00
C THR C 69 6.43 9.87 16.28
N LYS C 1 -2.62 -2.03 16.38
CA LYS C 1 -3.61 -1.99 15.26
C LYS C 1 -2.89 -2.11 13.92
N SER C 2 -3.39 -1.47 12.90
CA SER C 2 -2.74 -1.55 11.57
C SER C 2 -3.18 -0.38 10.70
N ILE C 3 -2.64 -0.28 9.52
CA ILE C 3 -3.03 0.82 8.59
C ILE C 3 -3.08 0.30 7.18
N TRP C 4 -3.78 0.99 6.33
CA TRP C 4 -3.93 0.54 4.91
C TRP C 4 -3.89 1.76 3.98
N CYS C 5 -3.51 1.56 2.75
CA CYS C 5 -3.42 2.70 1.79
C CYS C 5 -3.70 2.21 0.36
N SER C 6 -4.12 3.11 -0.48
CA SER C 6 -4.36 2.74 -1.90
C SER C 6 -3.00 2.68 -2.61
N PRO C 7 -2.93 2.10 -3.77
CA PRO C 7 -1.64 2.00 -4.52
C PRO C 7 -1.07 3.39 -4.85
N GLN C 8 -1.93 4.35 -5.07
CA GLN C 8 -1.45 5.72 -5.39
C GLN C 8 -0.59 6.27 -4.25
N GLU C 9 -0.93 5.97 -3.02
CA GLU C 9 -0.12 6.49 -1.89
C GLU C 9 1.14 5.65 -1.74
N ILE C 10 1.02 4.38 -1.96
CA ILE C 10 2.20 3.48 -1.83
C ILE C 10 3.14 3.70 -3.03
N MET C 11 2.61 3.61 -4.21
CA MET C 11 3.46 3.82 -5.43
C MET C 11 4.18 5.16 -5.30
N ALA C 12 3.59 6.06 -4.56
CA ALA C 12 4.21 7.40 -4.38
C ALA C 12 5.30 7.33 -3.30
N ALA C 13 5.35 6.28 -2.53
CA ALA C 13 6.39 6.20 -1.46
C ALA C 13 7.74 5.81 -2.08
N ASP C 14 8.81 6.19 -1.44
CA ASP C 14 10.15 5.83 -1.97
C ASP C 14 10.35 4.32 -1.86
N GLY C 15 11.14 3.74 -2.73
CA GLY C 15 11.36 2.27 -2.66
C GLY C 15 10.14 1.56 -3.26
N MET C 16 9.01 2.21 -3.26
CA MET C 16 7.78 1.58 -3.83
C MET C 16 7.66 1.94 -5.31
N PRO C 17 7.27 1.01 -6.16
CA PRO C 17 7.12 1.28 -7.63
C PRO C 17 6.45 2.64 -7.89
N GLY C 18 6.46 3.07 -9.12
CA GLY C 18 5.83 4.39 -9.49
C GLY C 18 4.71 4.13 -10.51
N SER C 19 4.00 3.05 -10.37
CA SER C 19 2.90 2.72 -11.32
C SER C 19 1.78 2.01 -10.58
N VAL C 20 0.55 2.40 -10.80
CA VAL C 20 -0.57 1.72 -10.11
C VAL C 20 -0.48 0.21 -10.36
N ALA C 21 -0.19 -0.19 -11.57
CA ALA C 21 -0.07 -1.64 -11.86
C ALA C 21 1.23 -2.16 -11.25
N GLY C 22 2.22 -1.31 -11.13
CA GLY C 22 3.51 -1.74 -10.53
C GLY C 22 3.26 -2.19 -9.08
N VAL C 23 2.37 -1.52 -8.40
CA VAL C 23 2.07 -1.91 -6.99
C VAL C 23 1.44 -3.31 -6.99
N HIS C 24 0.34 -3.46 -7.69
CA HIS C 24 -0.33 -4.79 -7.72
C HIS C 24 0.71 -5.89 -7.98
N TYR C 25 1.73 -5.57 -8.73
CA TYR C 25 2.79 -6.58 -9.02
C TYR C 25 3.41 -7.04 -7.70
N ARG C 26 4.22 -6.21 -7.10
CA ARG C 26 4.86 -6.58 -5.80
C ARG C 26 3.78 -7.05 -4.82
N ALA C 27 2.60 -6.51 -4.92
CA ALA C 27 1.51 -6.93 -3.99
C ALA C 27 1.28 -8.44 -4.04
N ASN C 28 0.99 -8.97 -5.19
CA ASN C 28 0.73 -10.43 -5.30
C ASN C 28 2.04 -11.19 -5.16
N VAL C 29 3.10 -10.69 -5.71
CA VAL C 29 4.39 -11.43 -5.60
C VAL C 29 4.75 -11.61 -4.13
N GLN C 30 4.62 -10.57 -3.34
CA GLN C 30 4.95 -10.69 -1.90
C GLN C 30 3.75 -11.20 -1.12
N GLY C 31 2.56 -10.83 -1.52
CA GLY C 31 1.34 -11.29 -0.81
C GLY C 31 0.93 -10.26 0.24
N TRP C 32 0.74 -9.03 -0.15
CA TRP C 32 0.35 -7.99 0.83
C TRP C 32 -1.06 -8.27 1.35
N THR C 33 -1.33 -7.96 2.59
CA THR C 33 -2.71 -8.18 3.12
C THR C 33 -3.59 -7.08 2.55
N LYS C 34 -4.61 -7.45 1.81
CA LYS C 34 -5.49 -6.40 1.18
C LYS C 34 -6.85 -6.29 1.88
N ARG C 35 -7.28 -5.06 2.07
CA ARG C 35 -8.61 -4.79 2.68
C ARG C 35 -9.41 -4.03 1.63
N LYS C 36 -10.37 -4.68 1.06
CA LYS C 36 -11.17 -4.04 -0.04
C LYS C 36 -12.03 -2.88 0.48
N LYS C 37 -11.95 -1.75 -0.18
CA LYS C 37 -12.78 -0.59 0.23
C LYS C 37 -14.22 -0.84 -0.24
N GLU C 38 -15.16 -0.03 0.16
CA GLU C 38 -16.58 -0.24 -0.28
C GLU C 38 -17.21 1.05 -0.81
N GLY C 39 -17.25 2.08 -0.01
CA GLY C 39 -17.88 3.36 -0.43
C GLY C 39 -17.24 3.93 -1.69
N VAL C 40 -16.21 3.33 -2.20
CA VAL C 40 -15.55 3.89 -3.43
C VAL C 40 -16.19 3.29 -4.69
N LYS C 41 -16.44 4.12 -5.68
CA LYS C 41 -17.05 3.60 -6.95
C LYS C 41 -16.25 2.42 -7.48
N GLY C 42 -16.75 1.80 -8.52
CA GLY C 42 -16.04 0.64 -9.13
C GLY C 42 -15.95 -0.54 -8.16
N GLY C 43 -15.90 -0.29 -6.89
CA GLY C 43 -15.81 -1.41 -5.92
C GLY C 43 -14.46 -2.12 -6.07
N LYS C 44 -13.74 -1.84 -7.12
CA LYS C 44 -12.41 -2.50 -7.30
C LYS C 44 -11.40 -1.85 -6.37
N ALA C 45 -11.69 -0.67 -5.90
CA ALA C 45 -10.74 0.04 -5.00
C ALA C 45 -10.40 -0.80 -3.77
N VAL C 46 -9.14 -1.10 -3.58
CA VAL C 46 -8.71 -1.88 -2.38
C VAL C 46 -7.39 -1.34 -1.87
N GLU C 47 -7.22 -1.27 -0.57
CA GLU C 47 -5.94 -0.75 0.01
C GLU C 47 -5.08 -1.93 0.44
N TYR C 48 -3.83 -1.69 0.74
CA TYR C 48 -2.94 -2.80 1.21
C TYR C 48 -2.42 -2.45 2.60
N ASP C 49 -2.15 -3.43 3.42
CA ASP C 49 -1.69 -3.13 4.80
C ASP C 49 -0.23 -2.63 4.79
N VAL C 50 -0.03 -1.39 5.16
CA VAL C 50 1.35 -0.83 5.20
C VAL C 50 2.17 -1.64 6.19
N MET C 51 1.51 -2.23 7.15
CA MET C 51 2.25 -3.04 8.16
C MET C 51 2.77 -4.31 7.48
N SER C 52 2.41 -4.52 6.24
CA SER C 52 2.90 -5.72 5.49
C SER C 52 4.02 -5.27 4.54
N MET C 53 4.22 -3.99 4.40
CA MET C 53 5.28 -3.51 3.48
C MET C 53 6.66 -3.84 4.07
N PRO C 54 7.62 -4.27 3.27
CA PRO C 54 8.98 -4.58 3.78
C PRO C 54 9.43 -3.57 4.84
N THR C 55 10.13 -4.02 5.85
CA THR C 55 10.59 -3.09 6.92
C THR C 55 11.09 -1.77 6.32
N LYS C 56 12.15 -1.82 5.58
CA LYS C 56 12.69 -0.57 4.95
C LYS C 56 11.55 0.18 4.26
N GLU C 57 10.73 -0.52 3.52
CA GLU C 57 9.61 0.15 2.79
C GLU C 57 8.65 0.81 3.78
N ARG C 58 8.46 0.24 4.93
CA ARG C 58 7.52 0.87 5.91
C ARG C 58 7.98 2.30 6.17
N GLU C 59 9.26 2.49 6.32
CA GLU C 59 9.77 3.85 6.58
C GLU C 59 9.43 4.75 5.39
N GLN C 60 9.54 4.23 4.21
CA GLN C 60 9.20 5.06 3.03
C GLN C 60 7.72 5.39 3.07
N VAL C 61 6.91 4.41 3.34
CA VAL C 61 5.45 4.64 3.40
C VAL C 61 5.14 5.49 4.64
N ILE C 62 5.61 5.08 5.78
CA ILE C 62 5.36 5.86 7.02
C ILE C 62 5.86 7.29 6.82
N ALA C 63 7.03 7.45 6.28
CA ALA C 63 7.54 8.83 6.07
C ALA C 63 6.73 9.48 4.95
N HIS C 64 6.41 8.74 3.91
CA HIS C 64 5.60 9.33 2.83
C HIS C 64 4.26 9.68 3.42
N LEU C 65 3.78 8.85 4.31
CA LEU C 65 2.47 9.12 4.96
C LEU C 65 2.70 10.26 5.96
N GLY C 66 3.81 10.26 6.63
CA GLY C 66 4.10 11.35 7.62
C GLY C 66 3.57 10.94 8.99
N LEU C 67 3.66 9.69 9.32
CA LEU C 67 3.16 9.25 10.66
C LEU C 67 4.31 9.32 11.68
N SER C 68 5.23 8.40 11.61
CA SER C 68 6.40 8.39 12.55
C SER C 68 7.68 8.61 11.75
N THR C 69 8.81 8.73 12.42
CA THR C 69 10.09 8.94 11.69
C THR C 69 10.50 7.64 11.00
N LYS C 1 -3.10 -3.90 16.25
CA LYS C 1 -4.04 -3.33 15.25
C LYS C 1 -3.46 -3.50 13.84
N SER C 2 -3.92 -2.73 12.90
CA SER C 2 -3.38 -2.83 11.52
C SER C 2 -3.68 -1.55 10.76
N ILE C 3 -3.15 -1.41 9.57
CA ILE C 3 -3.40 -0.19 8.75
C ILE C 3 -3.53 -0.59 7.29
N TRP C 4 -4.12 0.26 6.51
CA TRP C 4 -4.31 -0.03 5.06
C TRP C 4 -4.20 1.26 4.26
N CYS C 5 -3.93 1.18 2.99
CA CYS C 5 -3.80 2.43 2.17
C CYS C 5 -4.22 2.18 0.73
N SER C 6 -4.58 3.23 0.03
CA SER C 6 -4.99 3.09 -1.40
C SER C 6 -3.71 3.02 -2.25
N PRO C 7 -3.73 2.35 -3.38
CA PRO C 7 -2.54 2.24 -4.27
C PRO C 7 -1.77 3.56 -4.39
N GLN C 8 -2.47 4.62 -4.68
CA GLN C 8 -1.80 5.94 -4.86
C GLN C 8 -1.00 6.34 -3.62
N GLU C 9 -1.43 5.96 -2.45
CA GLU C 9 -0.66 6.33 -1.22
C GLU C 9 0.59 5.47 -1.14
N ILE C 10 0.49 4.25 -1.56
CA ILE C 10 1.65 3.33 -1.51
C ILE C 10 2.61 3.64 -2.67
N MET C 11 2.12 3.63 -3.87
CA MET C 11 2.99 3.91 -5.04
C MET C 11 3.78 5.20 -4.79
N ALA C 12 3.25 6.05 -3.98
CA ALA C 12 3.93 7.33 -3.67
C ALA C 12 5.00 7.12 -2.60
N ALA C 13 5.04 5.98 -1.96
CA ALA C 13 6.07 5.76 -0.91
C ALA C 13 7.38 5.31 -1.56
N ASP C 14 8.49 5.50 -0.90
CA ASP C 14 9.78 5.06 -1.50
C ASP C 14 9.83 3.53 -1.50
N GLY C 15 10.74 2.95 -2.23
CA GLY C 15 10.83 1.46 -2.26
C GLY C 15 9.66 0.87 -3.04
N MET C 16 8.63 1.64 -3.29
CA MET C 16 7.46 1.11 -4.04
C MET C 16 7.66 1.33 -5.55
N PRO C 17 7.09 0.49 -6.38
CA PRO C 17 7.20 0.60 -7.86
C PRO C 17 7.19 2.06 -8.34
N GLY C 18 6.08 2.74 -8.20
CA GLY C 18 5.97 4.16 -8.65
C GLY C 18 4.84 4.26 -9.67
N SER C 19 4.01 3.26 -9.74
CA SER C 19 2.87 3.27 -10.71
C SER C 19 1.69 2.52 -10.10
N VAL C 20 0.49 2.92 -10.42
CA VAL C 20 -0.69 2.22 -9.85
C VAL C 20 -0.60 0.73 -10.18
N ALA C 21 -0.49 0.38 -11.43
CA ALA C 21 -0.39 -1.06 -11.79
C ALA C 21 0.85 -1.65 -11.11
N GLY C 22 1.89 -0.89 -10.99
CA GLY C 22 3.12 -1.40 -10.33
C GLY C 22 2.77 -1.88 -8.92
N VAL C 23 1.89 -1.18 -8.25
CA VAL C 23 1.52 -1.61 -6.88
C VAL C 23 0.90 -3.00 -6.96
N HIS C 24 -0.04 -3.20 -7.83
CA HIS C 24 -0.67 -4.55 -7.95
C HIS C 24 0.40 -5.58 -8.31
N TYR C 25 1.48 -5.15 -8.89
CA TYR C 25 2.57 -6.10 -9.26
C TYR C 25 3.09 -6.78 -7.99
N ARG C 26 3.86 -6.07 -7.21
CA ARG C 26 4.39 -6.67 -5.95
C ARG C 26 3.25 -7.21 -5.10
N ALA C 27 2.12 -6.56 -5.11
CA ALA C 27 0.98 -7.02 -4.27
C ALA C 27 0.70 -8.50 -4.54
N ASN C 28 0.50 -8.87 -5.77
CA ASN C 28 0.20 -10.29 -6.08
C ASN C 28 1.46 -11.13 -5.97
N VAL C 29 2.54 -10.65 -6.52
CA VAL C 29 3.80 -11.43 -6.45
C VAL C 29 4.19 -11.67 -4.99
N GLN C 30 4.07 -10.66 -4.17
CA GLN C 30 4.44 -10.82 -2.74
C GLN C 30 3.26 -11.39 -1.96
N GLY C 31 2.06 -11.02 -2.32
CA GLY C 31 0.85 -11.53 -1.61
C GLY C 31 0.49 -10.60 -0.46
N TRP C 32 0.35 -9.34 -0.74
CA TRP C 32 -0.02 -8.37 0.34
C TRP C 32 -1.45 -8.65 0.81
N THR C 33 -1.74 -8.42 2.07
CA THR C 33 -3.13 -8.65 2.54
C THR C 33 -3.98 -7.50 1.99
N LYS C 34 -4.96 -7.79 1.17
CA LYS C 34 -5.77 -6.69 0.57
C LYS C 34 -7.11 -6.49 1.27
N ARG C 35 -7.44 -5.25 1.49
CA ARG C 35 -8.75 -4.88 2.10
C ARG C 35 -9.64 -4.40 0.96
N LYS C 36 -10.88 -4.77 0.96
CA LYS C 36 -11.79 -4.32 -0.14
C LYS C 36 -12.20 -2.86 0.08
N LYS C 37 -11.87 -2.01 -0.85
CA LYS C 37 -12.25 -0.57 -0.72
C LYS C 37 -13.56 -0.33 -1.47
N GLU C 38 -14.40 0.54 -0.97
CA GLU C 38 -15.70 0.84 -1.64
C GLU C 38 -15.88 2.35 -1.79
N GLY C 39 -15.69 3.07 -0.71
CA GLY C 39 -15.86 4.56 -0.75
C GLY C 39 -15.30 5.14 -2.05
N VAL C 40 -14.36 4.46 -2.65
CA VAL C 40 -13.78 4.98 -3.94
C VAL C 40 -14.62 4.47 -5.11
N LYS C 41 -15.03 5.36 -5.99
CA LYS C 41 -15.85 4.95 -7.15
C LYS C 41 -15.12 3.85 -7.92
N GLY C 42 -15.85 2.93 -8.50
CA GLY C 42 -15.21 1.81 -9.27
C GLY C 42 -15.48 0.48 -8.58
N GLY C 43 -15.53 0.47 -7.28
CA GLY C 43 -15.79 -0.81 -6.54
C GLY C 43 -14.59 -1.75 -6.67
N LYS C 44 -13.95 -1.78 -7.80
CA LYS C 44 -12.78 -2.68 -7.97
C LYS C 44 -11.66 -2.21 -7.06
N ALA C 45 -11.79 -1.04 -6.50
CA ALA C 45 -10.72 -0.50 -5.62
C ALA C 45 -10.45 -1.44 -4.44
N VAL C 46 -9.19 -1.66 -4.15
CA VAL C 46 -8.81 -2.52 -2.98
C VAL C 46 -7.57 -1.92 -2.30
N GLU C 47 -7.54 -1.87 -1.00
CA GLU C 47 -6.35 -1.30 -0.30
C GLU C 47 -5.41 -2.43 0.11
N TYR C 48 -4.23 -2.10 0.58
CA TYR C 48 -3.26 -3.16 1.01
C TYR C 48 -2.80 -2.88 2.43
N ASP C 49 -2.51 -3.91 3.19
CA ASP C 49 -2.07 -3.70 4.58
C ASP C 49 -0.61 -3.27 4.63
N VAL C 50 -0.36 -2.06 5.06
CA VAL C 50 1.04 -1.56 5.14
C VAL C 50 1.83 -2.46 6.10
N MET C 51 1.15 -3.04 7.05
CA MET C 51 1.86 -3.92 8.02
C MET C 51 2.23 -5.24 7.34
N SER C 52 1.91 -5.38 6.07
CA SER C 52 2.26 -6.64 5.34
C SER C 52 3.39 -6.34 4.35
N MET C 53 3.69 -5.09 4.11
CA MET C 53 4.79 -4.78 3.15
C MET C 53 6.13 -5.10 3.83
N PRO C 54 7.13 -5.51 3.07
CA PRO C 54 8.46 -5.81 3.65
C PRO C 54 8.84 -4.74 4.69
N THR C 55 9.42 -5.14 5.80
CA THR C 55 9.79 -4.12 6.84
C THR C 55 10.43 -2.90 6.19
N LYS C 56 11.45 -3.10 5.41
CA LYS C 56 12.09 -1.95 4.74
C LYS C 56 11.02 -1.18 3.96
N GLU C 57 10.20 -1.87 3.22
CA GLU C 57 9.15 -1.18 2.42
C GLU C 57 8.13 -0.49 3.34
N ARG C 58 7.55 -1.21 4.27
CA ARG C 58 6.53 -0.58 5.13
C ARG C 58 7.13 0.66 5.83
N GLU C 59 8.42 0.68 6.03
CA GLU C 59 9.06 1.88 6.66
C GLU C 59 8.89 3.05 5.71
N GLN C 60 9.00 2.80 4.43
CA GLN C 60 8.82 3.91 3.46
C GLN C 60 7.40 4.42 3.59
N VAL C 61 6.48 3.53 3.74
CA VAL C 61 5.05 3.92 3.89
C VAL C 61 4.86 4.58 5.25
N ILE C 62 5.17 3.90 6.31
CA ILE C 62 5.00 4.50 7.66
C ILE C 62 5.71 5.85 7.68
N ALA C 63 6.81 5.96 7.02
CA ALA C 63 7.52 7.26 7.00
C ALA C 63 6.83 8.18 5.99
N HIS C 64 6.46 7.67 4.85
CA HIS C 64 5.75 8.53 3.86
C HIS C 64 4.43 8.94 4.51
N LEU C 65 3.84 8.03 5.23
CA LEU C 65 2.56 8.34 5.91
C LEU C 65 2.89 9.29 7.06
N GLY C 66 3.99 9.07 7.72
CA GLY C 66 4.39 9.95 8.85
C GLY C 66 3.74 9.46 10.13
N LEU C 67 3.68 8.18 10.34
CA LEU C 67 3.06 7.66 11.59
C LEU C 67 4.12 7.51 12.67
N SER C 68 4.95 6.51 12.60
CA SER C 68 6.01 6.34 13.62
C SER C 68 6.87 7.60 13.68
N THR C 69 7.92 7.58 14.46
CA THR C 69 8.79 8.79 14.56
C THR C 69 10.13 8.39 15.17
N LYS C 1 -2.60 -4.23 15.90
CA LYS C 1 -3.55 -3.55 14.97
C LYS C 1 -3.03 -3.66 13.54
N SER C 2 -3.56 -2.86 12.64
CA SER C 2 -3.08 -2.92 11.23
C SER C 2 -3.43 -1.61 10.51
N ILE C 3 -2.96 -1.46 9.32
CA ILE C 3 -3.26 -0.22 8.53
C ILE C 3 -3.48 -0.61 7.07
N TRP C 4 -4.05 0.27 6.30
CA TRP C 4 -4.32 -0.05 4.86
C TRP C 4 -4.22 1.23 4.02
N CYS C 5 -3.90 1.09 2.76
CA CYS C 5 -3.78 2.30 1.89
C CYS C 5 -4.14 1.96 0.44
N SER C 6 -4.59 2.93 -0.30
CA SER C 6 -4.93 2.70 -1.73
C SER C 6 -3.64 2.74 -2.56
N PRO C 7 -3.56 2.02 -3.66
CA PRO C 7 -2.34 2.02 -4.51
C PRO C 7 -1.73 3.42 -4.70
N GLN C 8 -2.55 4.39 -4.99
CA GLN C 8 -2.02 5.77 -5.21
C GLN C 8 -1.20 6.24 -4.00
N GLU C 9 -1.55 5.83 -2.81
CA GLU C 9 -0.78 6.27 -1.63
C GLU C 9 0.53 5.49 -1.55
N ILE C 10 0.48 4.25 -1.91
CA ILE C 10 1.70 3.41 -1.86
C ILE C 10 2.66 3.77 -3.01
N MET C 11 2.20 3.64 -4.22
CA MET C 11 3.08 3.97 -5.38
C MET C 11 3.63 5.39 -5.17
N ALA C 12 2.93 6.17 -4.42
CA ALA C 12 3.40 7.56 -4.14
C ALA C 12 4.47 7.53 -3.05
N ALA C 13 4.57 6.45 -2.32
CA ALA C 13 5.60 6.39 -1.23
C ALA C 13 6.96 6.08 -1.84
N ASP C 14 8.01 6.53 -1.22
CA ASP C 14 9.37 6.25 -1.76
C ASP C 14 9.64 4.74 -1.64
N GLY C 15 10.46 4.20 -2.50
CA GLY C 15 10.75 2.74 -2.44
C GLY C 15 9.61 1.96 -3.10
N MET C 16 8.45 2.55 -3.17
CA MET C 16 7.28 1.85 -3.79
C MET C 16 7.19 2.22 -5.28
N PRO C 17 6.82 1.28 -6.15
CA PRO C 17 6.69 1.56 -7.61
C PRO C 17 6.06 2.92 -7.90
N GLY C 18 6.10 3.34 -9.14
CA GLY C 18 5.50 4.66 -9.54
C GLY C 18 4.36 4.41 -10.53
N SER C 19 3.72 3.27 -10.42
CA SER C 19 2.59 2.93 -11.34
C SER C 19 1.56 2.12 -10.58
N VAL C 20 0.30 2.39 -10.80
CA VAL C 20 -0.77 1.63 -10.09
C VAL C 20 -0.57 0.13 -10.34
N ALA C 21 -0.35 -0.27 -11.56
CA ALA C 21 -0.14 -1.71 -11.83
C ALA C 21 1.11 -2.18 -11.11
N GLY C 22 2.11 -1.34 -11.03
CA GLY C 22 3.36 -1.73 -10.33
C GLY C 22 3.02 -2.13 -8.90
N VAL C 23 2.02 -1.50 -8.33
CA VAL C 23 1.61 -1.84 -6.94
C VAL C 23 1.12 -3.28 -6.91
N HIS C 24 0.22 -3.63 -7.79
CA HIS C 24 -0.30 -5.03 -7.80
C HIS C 24 0.82 -5.99 -8.19
N TYR C 25 1.84 -5.50 -8.83
CA TYR C 25 2.97 -6.37 -9.25
C TYR C 25 3.64 -6.94 -8.00
N ARG C 26 4.43 -6.16 -7.33
CA ARG C 26 5.11 -6.68 -6.11
C ARG C 26 4.09 -7.24 -5.13
N ALA C 27 2.89 -6.72 -5.13
CA ALA C 27 1.85 -7.24 -4.18
C ALA C 27 1.70 -8.75 -4.35
N ASN C 28 1.54 -9.23 -5.55
CA ASN C 28 1.38 -10.68 -5.76
C ASN C 28 2.71 -11.38 -5.54
N VAL C 29 3.76 -10.83 -6.06
CA VAL C 29 5.08 -11.50 -5.88
C VAL C 29 5.38 -11.64 -4.39
N GLN C 30 5.12 -10.62 -3.62
CA GLN C 30 5.40 -10.70 -2.16
C GLN C 30 4.17 -11.30 -1.44
N GLY C 31 2.99 -10.87 -1.81
CA GLY C 31 1.75 -11.40 -1.16
C GLY C 31 1.27 -10.40 -0.10
N TRP C 32 1.02 -9.19 -0.51
CA TRP C 32 0.57 -8.15 0.47
C TRP C 32 -0.84 -8.49 0.97
N THR C 33 -1.12 -8.25 2.23
CA THR C 33 -2.50 -8.50 2.74
C THR C 33 -3.36 -7.37 2.18
N LYS C 34 -4.59 -7.66 1.81
CA LYS C 34 -5.45 -6.57 1.24
C LYS C 34 -6.84 -6.58 1.83
N ARG C 35 -7.29 -5.42 2.19
CA ARG C 35 -8.65 -5.23 2.76
C ARG C 35 -9.53 -4.67 1.65
N LYS C 36 -10.71 -5.16 1.53
CA LYS C 36 -11.62 -4.68 0.45
C LYS C 36 -12.11 -3.26 0.76
N LYS C 37 -11.87 -2.34 -0.13
CA LYS C 37 -12.30 -0.92 0.07
C LYS C 37 -13.54 -0.65 -0.79
N GLU C 38 -14.37 0.29 -0.38
CA GLU C 38 -15.62 0.61 -1.15
C GLU C 38 -15.75 2.11 -1.37
N GLY C 39 -15.48 2.88 -0.35
CA GLY C 39 -15.59 4.37 -0.40
C GLY C 39 -15.34 4.90 -1.82
N VAL C 40 -14.45 4.30 -2.55
CA VAL C 40 -14.17 4.79 -3.94
C VAL C 40 -15.08 4.06 -4.94
N LYS C 41 -15.51 4.76 -5.96
CA LYS C 41 -16.39 4.16 -6.99
C LYS C 41 -15.77 2.86 -7.52
N GLY C 42 -16.34 2.30 -8.56
CA GLY C 42 -15.79 1.05 -9.15
C GLY C 42 -16.06 -0.13 -8.23
N GLY C 43 -15.82 0.01 -6.96
CA GLY C 43 -16.07 -1.12 -6.02
C GLY C 43 -14.85 -2.06 -6.02
N LYS C 44 -14.21 -2.19 -7.15
CA LYS C 44 -13.01 -3.07 -7.23
C LYS C 44 -11.89 -2.46 -6.37
N ALA C 45 -12.19 -1.40 -5.67
CA ALA C 45 -11.14 -0.74 -4.84
C ALA C 45 -10.74 -1.62 -3.67
N VAL C 46 -9.48 -1.92 -3.56
CA VAL C 46 -8.97 -2.76 -2.43
C VAL C 46 -7.65 -2.15 -1.95
N GLU C 47 -7.49 -1.99 -0.66
CA GLU C 47 -6.22 -1.38 -0.14
C GLU C 47 -5.24 -2.48 0.25
N TYR C 48 -3.99 -2.13 0.48
CA TYR C 48 -2.97 -3.16 0.90
C TYR C 48 -2.48 -2.81 2.29
N ASP C 49 -2.11 -3.81 3.06
CA ASP C 49 -1.63 -3.54 4.44
C ASP C 49 -0.19 -3.07 4.43
N VAL C 50 0.04 -1.83 4.76
CA VAL C 50 1.44 -1.31 4.78
C VAL C 50 2.22 -2.08 5.85
N MET C 51 1.53 -2.60 6.83
CA MET C 51 2.24 -3.36 7.89
C MET C 51 2.69 -4.70 7.32
N SER C 52 2.43 -4.94 6.06
CA SER C 52 2.86 -6.20 5.41
C SER C 52 3.97 -5.89 4.39
N MET C 53 4.17 -4.64 4.09
CA MET C 53 5.22 -4.27 3.11
C MET C 53 6.60 -4.43 3.77
N PRO C 54 7.64 -4.62 2.99
CA PRO C 54 9.02 -4.78 3.52
C PRO C 54 9.28 -3.83 4.71
N THR C 55 9.91 -4.33 5.75
CA THR C 55 10.20 -3.47 6.94
C THR C 55 10.69 -2.10 6.49
N LYS C 56 11.77 -2.06 5.75
CA LYS C 56 12.30 -0.76 5.28
C LYS C 56 11.16 0.06 4.65
N GLU C 57 10.42 -0.55 3.76
CA GLU C 57 9.31 0.18 3.10
C GLU C 57 8.24 0.61 4.11
N ARG C 58 8.07 -0.11 5.18
CA ARG C 58 7.02 0.28 6.17
C ARG C 58 7.28 1.71 6.67
N GLU C 59 8.41 1.94 7.28
CA GLU C 59 8.70 3.30 7.79
C GLU C 59 8.69 4.27 6.61
N GLN C 60 9.12 3.81 5.47
CA GLN C 60 9.12 4.70 4.29
C GLN C 60 7.68 5.06 3.94
N VAL C 61 6.83 4.08 3.81
CA VAL C 61 5.41 4.36 3.47
C VAL C 61 4.76 5.08 4.65
N ILE C 62 4.88 4.55 5.83
CA ILE C 62 4.28 5.22 7.02
C ILE C 62 4.81 6.65 7.06
N ALA C 63 6.06 6.81 6.74
CA ALA C 63 6.63 8.18 6.74
C ALA C 63 6.02 8.98 5.59
N HIS C 64 5.87 8.35 4.44
CA HIS C 64 5.24 9.09 3.31
C HIS C 64 3.83 9.43 3.74
N LEU C 65 3.22 8.53 4.47
CA LEU C 65 1.84 8.79 4.97
C LEU C 65 1.94 9.84 6.07
N GLY C 66 2.96 9.72 6.89
CA GLY C 66 3.15 10.69 8.00
C GLY C 66 2.41 10.18 9.23
N LEU C 67 2.35 8.89 9.39
CA LEU C 67 1.64 8.31 10.57
C LEU C 67 2.66 8.03 11.68
N SER C 68 3.28 6.89 11.64
CA SER C 68 4.29 6.54 12.68
C SER C 68 3.73 6.84 14.07
N THR C 69 4.55 6.76 15.08
CA THR C 69 4.07 7.03 16.46
C THR C 69 3.61 8.49 16.55
N LYS C 1 -3.19 -4.52 16.19
CA LYS C 1 -3.98 -3.73 15.20
C LYS C 1 -3.30 -3.80 13.83
N SER C 2 -3.69 -2.96 12.91
CA SER C 2 -3.09 -2.98 11.55
C SER C 2 -3.36 -1.66 10.86
N ILE C 3 -2.88 -1.50 9.65
CA ILE C 3 -3.12 -0.25 8.87
C ILE C 3 -3.31 -0.62 7.42
N TRP C 4 -3.86 0.26 6.65
CA TRP C 4 -4.11 -0.02 5.20
C TRP C 4 -3.94 1.28 4.40
N CYS C 5 -3.64 1.19 3.14
CA CYS C 5 -3.44 2.41 2.31
C CYS C 5 -3.82 2.16 0.86
N SER C 6 -4.16 3.19 0.14
CA SER C 6 -4.51 3.04 -1.29
C SER C 6 -3.22 2.92 -2.10
N PRO C 7 -3.18 2.14 -3.16
CA PRO C 7 -1.96 1.98 -3.98
C PRO C 7 -1.22 3.31 -4.19
N GLN C 8 -1.94 4.36 -4.45
CA GLN C 8 -1.30 5.69 -4.69
C GLN C 8 -0.42 6.11 -3.51
N GLU C 9 -0.78 5.75 -2.31
CA GLU C 9 0.05 6.15 -1.13
C GLU C 9 1.30 5.28 -1.07
N ILE C 10 1.17 4.04 -1.42
CA ILE C 10 2.35 3.12 -1.37
C ILE C 10 3.29 3.39 -2.55
N MET C 11 2.78 3.36 -3.75
CA MET C 11 3.66 3.61 -4.93
C MET C 11 4.39 4.94 -4.70
N ALA C 12 3.82 5.79 -3.89
CA ALA C 12 4.48 7.10 -3.60
C ALA C 12 5.54 6.91 -2.52
N ALA C 13 5.53 5.79 -1.83
CA ALA C 13 6.56 5.58 -0.76
C ALA C 13 7.89 5.18 -1.40
N ASP C 14 8.97 5.46 -0.74
CA ASP C 14 10.31 5.09 -1.29
C ASP C 14 10.41 3.56 -1.36
N GLY C 15 11.15 3.05 -2.31
CA GLY C 15 11.30 1.57 -2.41
C GLY C 15 10.08 0.98 -3.12
N MET C 16 9.00 1.71 -3.16
CA MET C 16 7.77 1.18 -3.83
C MET C 16 7.66 1.72 -5.27
N PRO C 17 7.14 0.95 -6.20
CA PRO C 17 6.98 1.40 -7.61
C PRO C 17 6.40 2.81 -7.70
N GLY C 18 6.31 3.33 -8.89
CA GLY C 18 5.74 4.71 -9.11
C GLY C 18 4.55 4.60 -10.05
N SER C 19 3.84 3.50 -10.00
CA SER C 19 2.65 3.33 -10.90
C SER C 19 1.61 2.46 -10.19
N VAL C 20 0.35 2.75 -10.38
CA VAL C 20 -0.70 1.93 -9.71
C VAL C 20 -0.50 0.45 -10.04
N ALA C 21 -0.42 0.10 -11.30
CA ALA C 21 -0.22 -1.32 -11.66
C ALA C 21 1.07 -1.82 -11.01
N GLY C 22 2.06 -0.98 -10.92
CA GLY C 22 3.34 -1.40 -10.27
C GLY C 22 3.05 -1.92 -8.86
N VAL C 23 2.09 -1.32 -8.20
CA VAL C 23 1.76 -1.79 -6.83
C VAL C 23 1.22 -3.22 -6.91
N HIS C 24 0.32 -3.47 -7.82
CA HIS C 24 -0.22 -4.85 -7.95
C HIS C 24 0.92 -5.81 -8.30
N TYR C 25 1.97 -5.29 -8.87
CA TYR C 25 3.13 -6.16 -9.23
C TYR C 25 3.65 -6.83 -7.96
N ARG C 26 4.31 -6.08 -7.11
CA ARG C 26 4.84 -6.66 -5.85
C ARG C 26 3.71 -7.29 -5.04
N ALA C 27 2.58 -6.65 -4.98
CA ALA C 27 1.45 -7.19 -4.17
C ALA C 27 1.15 -8.64 -4.55
N ASN C 28 1.05 -8.94 -5.81
CA ASN C 28 0.75 -10.33 -6.22
C ASN C 28 1.98 -11.21 -6.01
N VAL C 29 3.12 -10.70 -6.38
CA VAL C 29 4.36 -11.50 -6.22
C VAL C 29 4.64 -11.72 -4.74
N GLN C 30 4.42 -10.73 -3.93
CA GLN C 30 4.67 -10.88 -2.46
C GLN C 30 3.43 -11.45 -1.76
N GLY C 31 2.27 -11.05 -2.20
CA GLY C 31 1.02 -11.56 -1.54
C GLY C 31 0.63 -10.64 -0.38
N TRP C 32 0.51 -9.36 -0.64
CA TRP C 32 0.14 -8.40 0.44
C TRP C 32 -1.30 -8.64 0.89
N THR C 33 -1.60 -8.37 2.13
CA THR C 33 -3.01 -8.51 2.61
C THR C 33 -3.77 -7.32 2.03
N LYS C 34 -5.05 -7.43 1.79
CA LYS C 34 -5.78 -6.26 1.20
C LYS C 34 -7.19 -6.09 1.73
N ARG C 35 -7.49 -4.89 2.09
CA ARG C 35 -8.86 -4.54 2.58
C ARG C 35 -9.61 -3.92 1.39
N LYS C 36 -10.75 -4.46 1.08
CA LYS C 36 -11.53 -3.95 -0.10
C LYS C 36 -12.18 -2.60 0.20
N LYS C 37 -11.94 -1.61 -0.64
CA LYS C 37 -12.58 -0.27 -0.44
C LYS C 37 -13.97 -0.26 -1.10
N GLU C 38 -14.83 0.64 -0.70
CA GLU C 38 -16.22 0.69 -1.32
C GLU C 38 -16.57 2.13 -1.71
N GLY C 39 -16.58 3.02 -0.75
CA GLY C 39 -16.94 4.44 -1.03
C GLY C 39 -16.26 4.97 -2.30
N VAL C 40 -15.27 4.27 -2.80
CA VAL C 40 -14.57 4.76 -4.03
C VAL C 40 -15.27 4.23 -5.28
N LYS C 41 -15.36 5.03 -6.30
CA LYS C 41 -16.02 4.57 -7.57
C LYS C 41 -15.44 3.21 -7.97
N GLY C 42 -16.00 2.60 -8.97
CA GLY C 42 -15.48 1.29 -9.45
C GLY C 42 -15.71 0.21 -8.38
N GLY C 43 -15.54 0.54 -7.13
CA GLY C 43 -15.73 -0.47 -6.06
C GLY C 43 -14.58 -1.47 -6.09
N LYS C 44 -13.83 -1.50 -7.17
CA LYS C 44 -12.69 -2.46 -7.27
C LYS C 44 -11.55 -1.96 -6.39
N ALA C 45 -11.56 -0.71 -6.03
CA ALA C 45 -10.45 -0.16 -5.20
C ALA C 45 -10.17 -1.08 -4.00
N VAL C 46 -8.91 -1.36 -3.75
CA VAL C 46 -8.54 -2.22 -2.59
C VAL C 46 -7.26 -1.67 -1.96
N GLU C 47 -7.20 -1.58 -0.66
CA GLU C 47 -5.95 -1.07 0.01
C GLU C 47 -5.06 -2.24 0.36
N TYR C 48 -3.84 -1.99 0.80
CA TYR C 48 -2.93 -3.10 1.18
C TYR C 48 -2.43 -2.86 2.61
N ASP C 49 -2.19 -3.91 3.34
CA ASP C 49 -1.74 -3.74 4.75
C ASP C 49 -0.26 -3.35 4.81
N VAL C 50 0.01 -2.14 5.22
CA VAL C 50 1.42 -1.68 5.31
C VAL C 50 2.15 -2.54 6.33
N MET C 51 1.44 -3.08 7.28
CA MET C 51 2.11 -3.94 8.31
C MET C 51 2.51 -5.27 7.67
N SER C 52 2.13 -5.51 6.44
CA SER C 52 2.50 -6.78 5.76
C SER C 52 3.60 -6.50 4.73
N MET C 53 3.89 -5.26 4.46
CA MET C 53 4.95 -4.94 3.46
C MET C 53 6.33 -5.25 4.06
N PRO C 54 7.32 -5.48 3.22
CA PRO C 54 8.71 -5.76 3.70
C PRO C 54 9.09 -4.82 4.84
N THR C 55 9.76 -5.32 5.85
CA THR C 55 10.16 -4.45 6.99
C THR C 55 10.71 -3.12 6.47
N LYS C 56 11.68 -3.17 5.61
CA LYS C 56 12.24 -1.91 5.05
C LYS C 56 11.11 -1.08 4.43
N GLU C 57 10.30 -1.69 3.61
CA GLU C 57 9.18 -0.94 2.96
C GLU C 57 8.30 -0.28 4.03
N ARG C 58 8.04 -0.97 5.11
CA ARG C 58 7.17 -0.36 6.16
C ARG C 58 7.76 1.01 6.54
N GLU C 59 9.04 1.08 6.69
CA GLU C 59 9.68 2.38 7.05
C GLU C 59 9.42 3.39 5.94
N GLN C 60 9.46 2.96 4.72
CA GLN C 60 9.21 3.91 3.60
C GLN C 60 7.78 4.40 3.71
N VAL C 61 6.86 3.49 3.92
CA VAL C 61 5.44 3.87 4.04
C VAL C 61 5.21 4.61 5.37
N ILE C 62 5.63 4.01 6.45
CA ILE C 62 5.45 4.66 7.79
C ILE C 62 6.04 6.06 7.74
N ALA C 63 7.11 6.24 7.03
CA ALA C 63 7.73 7.59 6.93
C ALA C 63 6.99 8.39 5.86
N HIS C 64 6.62 7.78 4.76
CA HIS C 64 5.87 8.53 3.73
C HIS C 64 4.59 8.98 4.43
N LEU C 65 4.05 8.10 5.23
CA LEU C 65 2.85 8.47 6.01
C LEU C 65 3.34 9.40 7.11
N GLY C 66 4.50 9.09 7.63
CA GLY C 66 5.10 9.94 8.70
C GLY C 66 4.27 9.80 9.97
N LEU C 67 3.90 8.59 10.31
CA LEU C 67 3.08 8.38 11.56
C LEU C 67 3.97 7.99 12.73
N SER C 68 4.77 6.99 12.57
CA SER C 68 5.67 6.55 13.69
C SER C 68 6.60 7.70 14.08
N THR C 69 7.22 7.61 15.24
CA THR C 69 8.13 8.69 15.68
C THR C 69 9.49 8.52 14.99
N LYS C 1 -3.36 -3.94 16.17
CA LYS C 1 -3.62 -2.71 15.38
C LYS C 1 -2.91 -2.82 14.02
N SER C 2 -3.32 -2.03 13.06
CA SER C 2 -2.68 -2.08 11.73
C SER C 2 -3.00 -0.81 10.96
N ILE C 3 -2.53 -0.70 9.75
CA ILE C 3 -2.81 0.51 8.92
C ILE C 3 -3.06 0.07 7.49
N TRP C 4 -3.64 0.91 6.69
CA TRP C 4 -3.94 0.54 5.27
C TRP C 4 -3.82 1.78 4.39
N CYS C 5 -3.65 1.59 3.10
CA CYS C 5 -3.49 2.77 2.19
C CYS C 5 -4.02 2.43 0.80
N SER C 6 -4.39 3.44 0.06
CA SER C 6 -4.87 3.23 -1.33
C SER C 6 -3.63 2.99 -2.22
N PRO C 7 -3.79 2.34 -3.34
CA PRO C 7 -2.65 2.09 -4.26
C PRO C 7 -1.89 3.38 -4.60
N GLN C 8 -2.62 4.42 -4.90
CA GLN C 8 -1.97 5.72 -5.25
C GLN C 8 -1.08 6.21 -4.08
N GLU C 9 -1.40 5.83 -2.87
CA GLU C 9 -0.57 6.29 -1.72
C GLU C 9 0.70 5.46 -1.66
N ILE C 10 0.58 4.18 -1.85
CA ILE C 10 1.78 3.31 -1.81
C ILE C 10 2.65 3.54 -3.04
N MET C 11 2.07 3.46 -4.20
CA MET C 11 2.85 3.67 -5.45
C MET C 11 3.60 5.01 -5.35
N ALA C 12 3.05 5.93 -4.61
CA ALA C 12 3.71 7.25 -4.46
C ALA C 12 4.80 7.16 -3.38
N ALA C 13 4.86 6.11 -2.63
CA ALA C 13 5.92 6.00 -1.58
C ALA C 13 7.22 5.54 -2.21
N ASP C 14 8.34 5.97 -1.71
CA ASP C 14 9.63 5.52 -2.30
C ASP C 14 9.75 4.00 -2.10
N GLY C 15 10.58 3.35 -2.87
CA GLY C 15 10.74 1.87 -2.71
C GLY C 15 9.60 1.16 -3.44
N MET C 16 8.51 1.85 -3.70
CA MET C 16 7.36 1.21 -4.39
C MET C 16 7.49 1.42 -5.91
N PRO C 17 7.00 0.50 -6.71
CA PRO C 17 7.06 0.58 -8.19
C PRO C 17 6.95 2.02 -8.72
N GLY C 18 5.80 2.64 -8.55
CA GLY C 18 5.62 4.04 -9.03
C GLY C 18 4.45 4.07 -10.02
N SER C 19 3.67 3.03 -10.06
CA SER C 19 2.50 2.98 -11.01
C SER C 19 1.37 2.19 -10.37
N VAL C 20 0.15 2.58 -10.61
CA VAL C 20 -0.98 1.84 -10.01
C VAL C 20 -0.85 0.35 -10.38
N ALA C 21 -0.57 0.07 -11.63
CA ALA C 21 -0.41 -1.36 -12.03
C ALA C 21 0.86 -1.92 -11.40
N GLY C 22 1.80 -1.05 -11.09
CA GLY C 22 3.06 -1.53 -10.46
C GLY C 22 2.75 -2.06 -9.06
N VAL C 23 1.87 -1.42 -8.35
CA VAL C 23 1.52 -1.90 -6.99
C VAL C 23 0.93 -3.31 -7.10
N HIS C 24 -0.09 -3.48 -7.90
CA HIS C 24 -0.69 -4.83 -8.04
C HIS C 24 0.41 -5.85 -8.35
N TYR C 25 1.47 -5.42 -8.98
CA TYR C 25 2.58 -6.36 -9.31
C TYR C 25 3.15 -6.92 -8.01
N ARG C 26 3.90 -6.13 -7.28
CA ARG C 26 4.49 -6.61 -6.00
C ARG C 26 3.39 -7.15 -5.09
N ALA C 27 2.24 -6.51 -5.09
CA ALA C 27 1.15 -6.97 -4.19
C ALA C 27 0.90 -8.47 -4.38
N ASN C 28 0.77 -8.91 -5.60
CA ASN C 28 0.51 -10.36 -5.84
C ASN C 28 1.80 -11.14 -5.62
N VAL C 29 2.88 -10.67 -6.18
CA VAL C 29 4.16 -11.40 -6.01
C VAL C 29 4.55 -11.44 -4.53
N GLN C 30 4.34 -10.36 -3.83
CA GLN C 30 4.69 -10.35 -2.37
C GLN C 30 3.52 -10.91 -1.56
N GLY C 31 2.31 -10.55 -1.93
CA GLY C 31 1.12 -11.05 -1.19
C GLY C 31 0.79 -10.12 -0.03
N TRP C 32 0.63 -8.84 -0.31
CA TRP C 32 0.29 -7.88 0.79
C TRP C 32 -1.11 -8.19 1.31
N THR C 33 -1.39 -7.85 2.54
CA THR C 33 -2.77 -8.07 3.07
C THR C 33 -3.66 -7.06 2.37
N LYS C 34 -4.96 -7.29 2.31
CA LYS C 34 -5.83 -6.31 1.59
C LYS C 34 -7.15 -6.08 2.32
N ARG C 35 -7.45 -4.83 2.50
CA ARG C 35 -8.73 -4.41 3.12
C ARG C 35 -9.60 -3.85 2.00
N LYS C 36 -10.73 -4.45 1.76
CA LYS C 36 -11.60 -3.98 0.65
C LYS C 36 -12.31 -2.68 0.97
N LYS C 37 -12.22 -1.73 0.08
CA LYS C 37 -12.89 -0.41 0.29
C LYS C 37 -14.30 -0.50 -0.34
N GLU C 38 -15.21 0.38 0.02
CA GLU C 38 -16.60 0.32 -0.55
C GLU C 38 -17.04 1.70 -1.03
N GLY C 39 -17.09 2.66 -0.15
CA GLY C 39 -17.55 4.03 -0.53
C GLY C 39 -16.87 4.50 -1.83
N VAL C 40 -15.86 3.81 -2.28
CA VAL C 40 -15.18 4.24 -3.55
C VAL C 40 -15.84 3.60 -4.77
N LYS C 41 -16.04 4.37 -5.81
CA LYS C 41 -16.68 3.83 -7.04
C LYS C 41 -15.98 2.55 -7.49
N GLY C 42 -16.44 1.98 -8.57
CA GLY C 42 -15.82 0.74 -9.12
C GLY C 42 -15.96 -0.42 -8.14
N GLY C 43 -15.91 -0.17 -6.86
CA GLY C 43 -16.03 -1.29 -5.88
C GLY C 43 -14.74 -2.12 -5.88
N LYS C 44 -14.04 -2.15 -6.97
CA LYS C 44 -12.78 -2.94 -7.02
C LYS C 44 -11.76 -2.33 -6.05
N ALA C 45 -12.01 -1.11 -5.63
CA ALA C 45 -11.06 -0.42 -4.71
C ALA C 45 -10.67 -1.28 -3.51
N VAL C 46 -9.42 -1.62 -3.40
CA VAL C 46 -8.93 -2.43 -2.24
C VAL C 46 -7.62 -1.83 -1.73
N GLU C 47 -7.52 -1.59 -0.46
CA GLU C 47 -6.27 -1.00 0.11
C GLU C 47 -5.32 -2.12 0.53
N TYR C 48 -4.10 -1.79 0.91
CA TYR C 48 -3.14 -2.84 1.36
C TYR C 48 -2.57 -2.45 2.72
N ASP C 49 -2.22 -3.42 3.52
CA ASP C 49 -1.69 -3.12 4.88
C ASP C 49 -0.21 -2.74 4.80
N VAL C 50 0.14 -1.52 5.15
CA VAL C 50 1.56 -1.10 5.11
C VAL C 50 2.34 -1.93 6.12
N MET C 51 1.69 -2.42 7.14
CA MET C 51 2.39 -3.24 8.16
C MET C 51 2.76 -4.58 7.52
N SER C 52 2.41 -4.76 6.27
CA SER C 52 2.74 -6.02 5.55
C SER C 52 3.85 -5.74 4.55
N MET C 53 4.14 -4.48 4.30
CA MET C 53 5.20 -4.11 3.34
C MET C 53 6.56 -4.52 3.92
N PRO C 54 7.53 -4.83 3.09
CA PRO C 54 8.88 -5.20 3.58
C PRO C 54 9.32 -4.28 4.72
N THR C 55 9.98 -4.80 5.71
CA THR C 55 10.42 -3.94 6.85
C THR C 55 11.00 -2.62 6.32
N LYS C 56 12.00 -2.70 5.49
CA LYS C 56 12.60 -1.47 4.93
C LYS C 56 11.50 -0.61 4.30
N GLU C 57 10.64 -1.22 3.52
CA GLU C 57 9.56 -0.44 2.83
C GLU C 57 8.65 0.22 3.89
N ARG C 58 8.43 -0.43 5.00
CA ARG C 58 7.54 0.18 6.03
C ARG C 58 8.04 1.57 6.40
N GLU C 59 9.26 1.67 6.83
CA GLU C 59 9.81 3.01 7.20
C GLU C 59 9.77 3.90 5.97
N GLN C 60 10.00 3.34 4.83
CA GLN C 60 9.95 4.15 3.59
C GLN C 60 8.52 4.64 3.39
N VAL C 61 7.58 3.75 3.48
CA VAL C 61 6.15 4.14 3.30
C VAL C 61 5.69 4.96 4.52
N ILE C 62 5.90 4.45 5.71
CA ILE C 62 5.50 5.21 6.92
C ILE C 62 6.11 6.59 6.85
N ALA C 63 7.27 6.70 6.26
CA ALA C 63 7.91 8.03 6.15
C ALA C 63 7.22 8.80 5.02
N HIS C 64 6.89 8.15 3.94
CA HIS C 64 6.19 8.84 2.85
C HIS C 64 4.86 9.31 3.43
N LEU C 65 4.29 8.48 4.26
CA LEU C 65 3.01 8.84 4.93
C LEU C 65 3.34 9.88 6.00
N GLY C 66 4.45 9.70 6.67
CA GLY C 66 4.85 10.67 7.72
C GLY C 66 4.13 10.33 9.02
N LEU C 67 3.95 9.07 9.30
CA LEU C 67 3.25 8.68 10.57
C LEU C 67 4.27 8.36 11.65
N SER C 68 4.78 7.15 11.65
CA SER C 68 5.80 6.78 12.68
C SER C 68 5.29 7.19 14.06
N THR C 69 6.19 7.47 14.97
CA THR C 69 5.77 7.90 16.34
C THR C 69 6.82 8.85 16.92
N LYS C 1 -2.52 -4.73 16.05
CA LYS C 1 -3.24 -3.72 15.22
C LYS C 1 -2.72 -3.79 13.78
N SER C 2 -3.23 -2.94 12.92
CA SER C 2 -2.77 -2.95 11.51
C SER C 2 -3.10 -1.62 10.85
N ILE C 3 -2.66 -1.43 9.64
CA ILE C 3 -2.95 -0.16 8.91
C ILE C 3 -3.24 -0.50 7.45
N TRP C 4 -3.84 0.41 6.74
CA TRP C 4 -4.18 0.15 5.30
C TRP C 4 -4.07 1.45 4.50
N CYS C 5 -3.89 1.35 3.21
CA CYS C 5 -3.76 2.58 2.38
C CYS C 5 -4.30 2.34 0.98
N SER C 6 -4.67 3.41 0.30
CA SER C 6 -5.17 3.26 -1.09
C SER C 6 -3.96 3.13 -2.02
N PRO C 7 -4.08 2.43 -3.13
CA PRO C 7 -2.95 2.27 -4.09
C PRO C 7 -2.14 3.56 -4.27
N GLN C 8 -2.82 4.63 -4.61
CA GLN C 8 -2.12 5.93 -4.85
C GLN C 8 -1.30 6.37 -3.63
N GLU C 9 -1.69 5.97 -2.45
CA GLU C 9 -0.91 6.40 -1.26
C GLU C 9 0.39 5.60 -1.21
N ILE C 10 0.33 4.36 -1.57
CA ILE C 10 1.56 3.52 -1.55
C ILE C 10 2.46 3.86 -2.74
N MET C 11 1.94 3.79 -3.94
CA MET C 11 2.77 4.11 -5.14
C MET C 11 3.51 5.42 -4.92
N ALA C 12 2.95 6.28 -4.11
CA ALA C 12 3.60 7.58 -3.84
C ALA C 12 4.70 7.41 -2.79
N ALA C 13 4.75 6.28 -2.13
CA ALA C 13 5.80 6.08 -1.09
C ALA C 13 7.09 5.59 -1.74
N ASP C 14 8.21 5.99 -1.24
CA ASP C 14 9.50 5.52 -1.82
C ASP C 14 9.59 4.00 -1.69
N GLY C 15 10.36 3.36 -2.52
CA GLY C 15 10.48 1.87 -2.44
C GLY C 15 9.33 1.23 -3.21
N MET C 16 8.30 1.98 -3.50
CA MET C 16 7.14 1.40 -4.26
C MET C 16 7.33 1.62 -5.77
N PRO C 17 6.81 0.73 -6.60
CA PRO C 17 6.93 0.83 -8.08
C PRO C 17 6.87 2.28 -8.59
N GLY C 18 5.70 2.89 -8.56
CA GLY C 18 5.56 4.29 -9.06
C GLY C 18 4.38 4.37 -10.03
N SER C 19 3.59 3.32 -10.09
CA SER C 19 2.41 3.30 -11.01
C SER C 19 1.26 2.54 -10.33
N VAL C 20 0.05 2.93 -10.59
CA VAL C 20 -1.09 2.21 -9.96
C VAL C 20 -1.00 0.72 -10.30
N ALA C 21 -0.72 0.40 -11.55
CA ALA C 21 -0.62 -1.04 -11.93
C ALA C 21 0.63 -1.62 -11.29
N GLY C 22 1.70 -0.87 -11.26
CA GLY C 22 2.95 -1.38 -10.62
C GLY C 22 2.64 -1.83 -9.19
N VAL C 23 1.76 -1.14 -8.52
CA VAL C 23 1.42 -1.54 -7.13
C VAL C 23 0.85 -2.95 -7.15
N HIS C 24 -0.19 -3.16 -7.91
CA HIS C 24 -0.79 -4.51 -7.97
C HIS C 24 0.28 -5.55 -8.29
N TYR C 25 1.31 -5.14 -8.99
CA TYR C 25 2.40 -6.10 -9.33
C TYR C 25 3.00 -6.67 -8.05
N ARG C 26 3.79 -5.89 -7.36
CA ARG C 26 4.41 -6.38 -6.10
C ARG C 26 3.32 -6.91 -5.15
N ALA C 27 2.16 -6.34 -5.19
CA ALA C 27 1.07 -6.79 -4.29
C ALA C 27 0.84 -8.31 -4.43
N ASN C 28 0.61 -8.78 -5.62
CA ASN C 28 0.37 -10.24 -5.80
C ASN C 28 1.69 -10.99 -5.66
N VAL C 29 2.74 -10.49 -6.24
CA VAL C 29 4.05 -11.19 -6.14
C VAL C 29 4.41 -11.37 -4.66
N GLN C 30 4.32 -10.32 -3.89
CA GLN C 30 4.66 -10.42 -2.45
C GLN C 30 3.46 -10.96 -1.67
N GLY C 31 2.27 -10.62 -2.10
CA GLY C 31 1.05 -11.11 -1.39
C GLY C 31 0.69 -10.16 -0.25
N TRP C 32 0.52 -8.90 -0.54
CA TRP C 32 0.17 -7.93 0.54
C TRP C 32 -1.23 -8.26 1.07
N THR C 33 -1.49 -8.01 2.32
CA THR C 33 -2.87 -8.27 2.84
C THR C 33 -3.77 -7.21 2.24
N LYS C 34 -5.02 -7.50 2.01
CA LYS C 34 -5.91 -6.48 1.38
C LYS C 34 -7.24 -6.35 2.11
N ARG C 35 -7.60 -5.13 2.36
CA ARG C 35 -8.91 -4.81 3.01
C ARG C 35 -9.81 -4.22 1.94
N LYS C 36 -11.04 -4.59 1.93
CA LYS C 36 -11.96 -4.06 0.87
C LYS C 36 -12.31 -2.60 1.11
N LYS C 37 -12.21 -1.82 0.06
CA LYS C 37 -12.53 -0.36 0.14
C LYS C 37 -13.72 -0.08 -0.80
N GLU C 38 -14.57 0.85 -0.46
CA GLU C 38 -15.77 1.14 -1.32
C GLU C 38 -15.92 2.64 -1.58
N GLY C 39 -15.67 3.43 -0.58
CA GLY C 39 -15.81 4.92 -0.67
C GLY C 39 -15.56 5.44 -2.09
N VAL C 40 -14.66 4.83 -2.80
CA VAL C 40 -14.38 5.31 -4.20
C VAL C 40 -15.26 4.57 -5.20
N LYS C 41 -15.87 5.28 -6.11
CA LYS C 41 -16.74 4.63 -7.13
C LYS C 41 -15.91 3.64 -7.95
N GLY C 42 -16.37 2.42 -8.08
CA GLY C 42 -15.60 1.41 -8.87
C GLY C 42 -15.83 0.03 -8.27
N GLY C 43 -15.94 -0.05 -6.97
CA GLY C 43 -16.17 -1.37 -6.32
C GLY C 43 -14.85 -2.14 -6.21
N LYS C 44 -14.05 -2.13 -7.26
CA LYS C 44 -12.76 -2.85 -7.22
C LYS C 44 -11.83 -2.18 -6.20
N ALA C 45 -12.26 -1.08 -5.65
CA ALA C 45 -11.39 -0.35 -4.68
C ALA C 45 -11.02 -1.23 -3.49
N VAL C 46 -9.76 -1.56 -3.36
CA VAL C 46 -9.28 -2.40 -2.21
C VAL C 46 -7.96 -1.81 -1.70
N GLU C 47 -7.80 -1.70 -0.41
CA GLU C 47 -6.52 -1.12 0.15
C GLU C 47 -5.54 -2.26 0.47
N TYR C 48 -4.32 -1.92 0.82
CA TYR C 48 -3.31 -2.99 1.18
C TYR C 48 -2.70 -2.64 2.54
N ASP C 49 -2.27 -3.64 3.27
CA ASP C 49 -1.69 -3.39 4.62
C ASP C 49 -0.22 -2.99 4.52
N VAL C 50 0.11 -1.78 4.93
CA VAL C 50 1.52 -1.33 4.91
C VAL C 50 2.33 -2.14 5.90
N MET C 51 1.69 -2.62 6.94
CA MET C 51 2.41 -3.42 7.95
C MET C 51 2.77 -4.78 7.34
N SER C 52 2.42 -4.97 6.09
CA SER C 52 2.76 -6.25 5.39
C SER C 52 3.86 -5.97 4.37
N MET C 53 4.20 -4.71 4.17
CA MET C 53 5.24 -4.37 3.20
C MET C 53 6.60 -4.80 3.78
N PRO C 54 7.55 -5.18 2.95
CA PRO C 54 8.90 -5.57 3.45
C PRO C 54 9.34 -4.63 4.57
N THR C 55 9.84 -5.16 5.66
CA THR C 55 10.26 -4.29 6.81
C THR C 55 10.91 -3.00 6.30
N LYS C 56 11.94 -3.12 5.51
CA LYS C 56 12.60 -1.90 4.97
C LYS C 56 11.52 -1.03 4.30
N GLU C 57 10.73 -1.62 3.45
CA GLU C 57 9.67 -0.83 2.73
C GLU C 57 8.64 -0.28 3.72
N ARG C 58 8.06 -1.09 4.56
CA ARG C 58 7.03 -0.54 5.48
C ARG C 58 7.63 0.66 6.22
N GLU C 59 8.88 0.59 6.59
CA GLU C 59 9.51 1.76 7.27
C GLU C 59 9.57 2.88 6.26
N GLN C 60 9.86 2.56 5.03
CA GLN C 60 9.91 3.62 4.01
C GLN C 60 8.50 4.20 3.86
N VAL C 61 7.51 3.36 3.90
CA VAL C 61 6.11 3.85 3.78
C VAL C 61 5.73 4.56 5.08
N ILE C 62 5.83 3.89 6.20
CA ILE C 62 5.50 4.54 7.50
C ILE C 62 6.24 5.87 7.54
N ALA C 63 7.38 5.92 6.92
CA ALA C 63 8.15 7.18 6.90
C ALA C 63 7.55 8.12 5.84
N HIS C 64 7.22 7.62 4.68
CA HIS C 64 6.60 8.51 3.67
C HIS C 64 5.29 8.99 4.26
N LEU C 65 4.63 8.12 4.99
CA LEU C 65 3.37 8.51 5.63
C LEU C 65 3.71 9.45 6.79
N GLY C 66 4.77 9.14 7.49
CA GLY C 66 5.20 10.01 8.62
C GLY C 66 4.42 9.64 9.87
N LEU C 67 4.23 8.36 10.12
CA LEU C 67 3.49 7.93 11.35
C LEU C 67 4.48 7.75 12.49
N SER C 68 5.25 6.71 12.46
CA SER C 68 6.25 6.48 13.55
C SER C 68 7.06 7.74 13.77
N THR C 69 6.97 8.64 12.84
CA THR C 69 7.73 9.91 12.94
C THR C 69 7.06 10.98 12.07
N LYS C 1 -3.40 -2.90 16.34
CA LYS C 1 -4.28 -2.46 15.23
C LYS C 1 -3.54 -2.58 13.90
N SER C 2 -4.01 -1.89 12.90
CA SER C 2 -3.33 -1.97 11.57
C SER C 2 -3.73 -0.77 10.72
N ILE C 3 -3.21 -0.68 9.52
CA ILE C 3 -3.56 0.46 8.62
C ILE C 3 -3.71 -0.09 7.20
N TRP C 4 -4.32 0.67 6.35
CA TRP C 4 -4.52 0.21 4.94
C TRP C 4 -4.48 1.42 4.00
N CYS C 5 -4.15 1.21 2.76
CA CYS C 5 -4.07 2.35 1.80
C CYS C 5 -4.37 1.90 0.37
N SER C 6 -4.83 2.82 -0.44
CA SER C 6 -5.11 2.49 -1.86
C SER C 6 -3.79 2.62 -2.64
N PRO C 7 -3.60 1.86 -3.68
CA PRO C 7 -2.35 1.93 -4.50
C PRO C 7 -1.84 3.37 -4.68
N GLN C 8 -2.71 4.28 -4.99
CA GLN C 8 -2.28 5.70 -5.21
C GLN C 8 -1.50 6.22 -4.01
N GLU C 9 -1.88 5.87 -2.82
CA GLU C 9 -1.14 6.36 -1.62
C GLU C 9 0.18 5.60 -1.49
N ILE C 10 0.17 4.35 -1.84
CA ILE C 10 1.41 3.53 -1.74
C ILE C 10 2.36 3.89 -2.87
N MET C 11 1.92 3.78 -4.09
CA MET C 11 2.80 4.11 -5.25
C MET C 11 3.40 5.50 -5.04
N ALA C 12 2.71 6.31 -4.29
CA ALA C 12 3.20 7.69 -4.02
C ALA C 12 4.28 7.65 -2.93
N ALA C 13 4.36 6.59 -2.18
CA ALA C 13 5.39 6.53 -1.11
C ALA C 13 6.76 6.18 -1.70
N ASP C 14 7.82 6.64 -1.10
CA ASP C 14 9.17 6.30 -1.62
C ASP C 14 9.40 4.81 -1.47
N GLY C 15 10.19 4.21 -2.33
CA GLY C 15 10.44 2.75 -2.23
C GLY C 15 9.30 2.01 -2.95
N MET C 16 8.14 2.60 -3.00
CA MET C 16 6.98 1.96 -3.68
C MET C 16 6.94 2.41 -5.16
N PRO C 17 6.96 1.50 -6.11
CA PRO C 17 6.92 1.86 -7.55
C PRO C 17 5.91 2.99 -7.83
N GLY C 18 6.21 3.85 -8.76
CA GLY C 18 5.29 4.97 -9.10
C GLY C 18 4.31 4.51 -10.18
N SER C 19 3.86 3.29 -10.10
CA SER C 19 2.89 2.76 -11.11
C SER C 19 1.81 1.95 -10.41
N VAL C 20 0.56 2.28 -10.64
CA VAL C 20 -0.54 1.53 -9.97
C VAL C 20 -0.34 0.03 -10.21
N ALA C 21 -0.03 -0.36 -11.41
CA ALA C 21 0.19 -1.81 -11.68
C ALA C 21 1.51 -2.24 -11.07
N GLY C 22 2.51 -1.40 -11.15
CA GLY C 22 3.84 -1.77 -10.55
C GLY C 22 3.62 -2.18 -9.10
N VAL C 23 2.73 -1.51 -8.42
CA VAL C 23 2.46 -1.88 -7.00
C VAL C 23 1.86 -3.28 -6.99
N HIS C 24 0.85 -3.52 -7.78
CA HIS C 24 0.24 -4.87 -7.83
C HIS C 24 1.31 -5.91 -8.13
N TYR C 25 2.37 -5.50 -8.80
CA TYR C 25 3.46 -6.44 -9.13
C TYR C 25 4.03 -7.03 -7.82
N ARG C 26 4.82 -6.27 -7.12
CA ARG C 26 5.39 -6.79 -5.84
C ARG C 26 4.28 -7.23 -4.90
N ALA C 27 3.12 -6.62 -4.99
CA ALA C 27 2.01 -7.01 -4.07
C ALA C 27 1.75 -8.52 -4.16
N ASN C 28 1.52 -9.03 -5.34
CA ASN C 28 1.23 -10.48 -5.48
C ASN C 28 2.52 -11.29 -5.31
N VAL C 29 3.60 -10.81 -5.86
CA VAL C 29 4.87 -11.59 -5.73
C VAL C 29 5.31 -11.63 -4.27
N GLN C 30 5.13 -10.55 -3.55
CA GLN C 30 5.55 -10.54 -2.11
C GLN C 30 4.45 -11.16 -1.24
N GLY C 31 3.21 -10.91 -1.56
CA GLY C 31 2.09 -11.47 -0.75
C GLY C 31 1.61 -10.45 0.27
N TRP C 32 1.35 -9.24 -0.17
CA TRP C 32 0.88 -8.19 0.76
C TRP C 32 -0.51 -8.57 1.30
N THR C 33 -0.87 -8.07 2.45
CA THR C 33 -2.22 -8.36 2.98
C THR C 33 -3.20 -7.51 2.19
N LYS C 34 -4.47 -7.81 2.23
CA LYS C 34 -5.44 -6.99 1.45
C LYS C 34 -6.75 -6.78 2.20
N ARG C 35 -7.28 -5.61 2.06
CA ARG C 35 -8.59 -5.25 2.66
C ARG C 35 -9.44 -4.69 1.53
N LYS C 36 -10.61 -5.22 1.37
CA LYS C 36 -11.49 -4.79 0.26
C LYS C 36 -12.04 -3.38 0.50
N LYS C 37 -11.93 -2.55 -0.51
CA LYS C 37 -12.45 -1.14 -0.42
C LYS C 37 -13.65 -1.04 -1.37
N GLU C 38 -14.67 -0.32 -0.99
CA GLU C 38 -15.88 -0.19 -1.87
C GLU C 38 -16.29 1.27 -2.02
N GLY C 39 -16.27 2.00 -0.93
CA GLY C 39 -16.66 3.44 -0.95
C GLY C 39 -16.18 4.12 -2.25
N VAL C 40 -15.14 3.61 -2.85
CA VAL C 40 -14.63 4.24 -4.11
C VAL C 40 -15.35 3.62 -5.31
N LYS C 41 -15.65 4.41 -6.30
CA LYS C 41 -16.36 3.87 -7.49
C LYS C 41 -15.64 2.62 -8.01
N GLY C 42 -16.24 1.94 -8.94
CA GLY C 42 -15.60 0.72 -9.51
C GLY C 42 -15.77 -0.45 -8.55
N GLY C 43 -15.76 -0.20 -7.27
CA GLY C 43 -15.93 -1.33 -6.30
C GLY C 43 -14.70 -2.24 -6.31
N LYS C 44 -14.04 -2.35 -7.43
CA LYS C 44 -12.82 -3.22 -7.50
C LYS C 44 -11.73 -2.66 -6.59
N ALA C 45 -12.00 -1.55 -5.96
CA ALA C 45 -10.96 -0.92 -5.09
C ALA C 45 -10.55 -1.86 -3.95
N VAL C 46 -9.26 -2.08 -3.79
CA VAL C 46 -8.76 -2.95 -2.67
C VAL C 46 -7.52 -2.27 -2.07
N GLU C 47 -7.47 -2.14 -0.77
CA GLU C 47 -6.28 -1.49 -0.13
C GLU C 47 -5.30 -2.55 0.36
N TYR C 48 -4.08 -2.15 0.64
CA TYR C 48 -3.05 -3.12 1.15
C TYR C 48 -2.64 -2.68 2.54
N ASP C 49 -2.26 -3.59 3.39
CA ASP C 49 -1.87 -3.20 4.78
C ASP C 49 -0.46 -2.60 4.79
N VAL C 50 -0.33 -1.39 5.26
CA VAL C 50 1.01 -0.74 5.33
C VAL C 50 1.87 -1.51 6.31
N MET C 51 1.25 -2.14 7.26
CA MET C 51 2.00 -2.90 8.31
C MET C 51 2.53 -4.22 7.71
N SER C 52 2.17 -4.53 6.49
CA SER C 52 2.67 -5.79 5.86
C SER C 52 3.78 -5.42 4.88
N MET C 53 4.00 -4.13 4.68
CA MET C 53 5.05 -3.69 3.74
C MET C 53 6.43 -3.96 4.36
N PRO C 54 7.44 -4.20 3.56
CA PRO C 54 8.82 -4.44 4.08
C PRO C 54 9.14 -3.47 5.23
N THR C 55 9.79 -3.94 6.26
CA THR C 55 10.13 -3.05 7.42
C THR C 55 10.58 -1.69 6.92
N LYS C 56 11.62 -1.65 6.12
CA LYS C 56 12.10 -0.34 5.60
C LYS C 56 10.94 0.39 4.93
N GLU C 57 10.20 -0.29 4.09
CA GLU C 57 9.06 0.38 3.38
C GLU C 57 8.09 0.99 4.40
N ARG C 58 7.88 0.33 5.50
CA ARG C 58 6.92 0.90 6.50
C ARG C 58 7.33 2.32 6.87
N GLU C 59 8.59 2.52 7.15
CA GLU C 59 9.06 3.87 7.55
C GLU C 59 8.82 4.85 6.42
N GLN C 60 9.36 4.61 5.28
CA GLN C 60 9.15 5.59 4.19
C GLN C 60 7.65 5.67 3.86
N VAL C 61 6.96 4.57 3.93
CA VAL C 61 5.50 4.60 3.64
C VAL C 61 4.82 5.35 4.79
N ILE C 62 5.13 4.99 6.01
CA ILE C 62 4.53 5.69 7.17
C ILE C 62 4.97 7.15 7.13
N ALA C 63 6.19 7.38 6.74
CA ALA C 63 6.66 8.78 6.65
C ALA C 63 5.95 9.46 5.47
N HIS C 64 5.73 8.73 4.41
CA HIS C 64 5.02 9.33 3.26
C HIS C 64 3.62 9.69 3.76
N LEU C 65 3.05 8.79 4.52
CA LEU C 65 1.72 9.07 5.08
C LEU C 65 1.91 10.12 6.17
N GLY C 66 3.03 10.06 6.84
CA GLY C 66 3.33 11.08 7.90
C GLY C 66 2.60 10.72 9.19
N LEU C 67 2.50 9.45 9.51
CA LEU C 67 1.80 9.05 10.77
C LEU C 67 2.85 8.75 11.84
N SER C 68 3.37 7.56 11.84
CA SER C 68 4.41 7.20 12.86
C SER C 68 3.87 7.47 14.26
N THR C 69 4.68 7.23 15.27
CA THR C 69 4.23 7.46 16.67
C THR C 69 4.78 8.80 17.17
N LYS C 1 -4.03 -4.42 15.79
CA LYS C 1 -4.51 -3.29 14.94
C LYS C 1 -3.85 -3.39 13.55
N SER C 2 -4.27 -2.57 12.62
CA SER C 2 -3.67 -2.62 11.26
C SER C 2 -3.95 -1.31 10.52
N ILE C 3 -3.40 -1.17 9.35
CA ILE C 3 -3.64 0.06 8.53
C ILE C 3 -3.77 -0.34 7.07
N TRP C 4 -4.32 0.52 6.27
CA TRP C 4 -4.50 0.20 4.82
C TRP C 4 -4.30 1.46 3.98
N CYS C 5 -3.93 1.32 2.74
CA CYS C 5 -3.70 2.51 1.88
C CYS C 5 -4.02 2.21 0.42
N SER C 6 -4.32 3.22 -0.34
CA SER C 6 -4.60 3.03 -1.79
C SER C 6 -3.26 2.96 -2.54
N PRO C 7 -3.18 2.24 -3.63
CA PRO C 7 -1.90 2.13 -4.41
C PRO C 7 -1.18 3.49 -4.55
N GLN C 8 -1.92 4.52 -4.82
CA GLN C 8 -1.30 5.87 -5.00
C GLN C 8 -0.47 6.26 -3.77
N GLU C 9 -0.94 5.96 -2.59
CA GLU C 9 -0.17 6.32 -1.38
C GLU C 9 1.05 5.41 -1.28
N ILE C 10 0.90 4.20 -1.73
CA ILE C 10 2.03 3.24 -1.69
C ILE C 10 3.03 3.54 -2.79
N MET C 11 2.61 3.46 -4.03
CA MET C 11 3.54 3.75 -5.16
C MET C 11 4.24 5.07 -4.89
N ALA C 12 3.67 5.86 -4.02
CA ALA C 12 4.28 7.17 -3.68
C ALA C 12 5.41 6.97 -2.68
N ALA C 13 5.45 5.83 -2.01
CA ALA C 13 6.54 5.60 -1.02
C ALA C 13 7.84 5.25 -1.74
N ASP C 14 8.94 5.32 -1.06
CA ASP C 14 10.25 5.02 -1.71
C ASP C 14 10.35 3.54 -2.13
N GLY C 15 10.57 2.66 -1.19
CA GLY C 15 10.71 1.21 -1.53
C GLY C 15 9.57 0.76 -2.46
N MET C 16 8.58 1.60 -2.66
CA MET C 16 7.43 1.21 -3.52
C MET C 16 7.57 1.83 -4.93
N PRO C 17 7.36 1.07 -5.99
CA PRO C 17 7.45 1.61 -7.38
C PRO C 17 6.73 2.97 -7.54
N GLY C 18 6.75 3.51 -8.74
CA GLY C 18 6.08 4.82 -9.01
C GLY C 18 5.02 4.63 -10.09
N SER C 19 4.33 3.52 -10.05
CA SER C 19 3.26 3.24 -11.07
C SER C 19 2.12 2.47 -10.40
N VAL C 20 0.91 2.86 -10.64
CA VAL C 20 -0.24 2.14 -10.00
C VAL C 20 -0.10 0.64 -10.28
N ALA C 21 0.20 0.27 -11.49
CA ALA C 21 0.35 -1.17 -11.80
C ALA C 21 1.64 -1.67 -11.16
N GLY C 22 2.62 -0.81 -11.00
CA GLY C 22 3.89 -1.23 -10.37
C GLY C 22 3.59 -1.79 -8.98
N VAL C 23 2.69 -1.17 -8.27
CA VAL C 23 2.35 -1.67 -6.92
C VAL C 23 1.70 -3.05 -7.06
N HIS C 24 0.69 -3.16 -7.87
CA HIS C 24 0.02 -4.48 -8.06
C HIS C 24 1.07 -5.54 -8.37
N TYR C 25 2.15 -5.15 -8.99
CA TYR C 25 3.22 -6.12 -9.32
C TYR C 25 3.76 -6.74 -8.02
N ARG C 26 4.53 -5.99 -7.28
CA ARG C 26 5.07 -6.51 -6.00
C ARG C 26 3.92 -7.03 -5.12
N ALA C 27 2.77 -6.44 -5.24
CA ALA C 27 1.61 -6.88 -4.40
C ALA C 27 1.35 -8.38 -4.62
N ASN C 28 1.20 -8.81 -5.84
CA ASN C 28 0.92 -10.24 -6.10
C ASN C 28 2.18 -11.07 -5.88
N VAL C 29 3.30 -10.61 -6.38
CA VAL C 29 4.54 -11.38 -6.21
C VAL C 29 4.73 -11.70 -4.72
N GLN C 30 4.54 -10.72 -3.88
CA GLN C 30 4.70 -10.95 -2.42
C GLN C 30 3.38 -11.46 -1.84
N GLY C 31 2.28 -10.86 -2.23
CA GLY C 31 0.95 -11.30 -1.72
C GLY C 31 0.57 -10.48 -0.48
N TRP C 32 0.48 -9.18 -0.62
CA TRP C 32 0.11 -8.34 0.55
C TRP C 32 -1.35 -8.60 0.93
N THR C 33 -1.73 -8.28 2.14
CA THR C 33 -3.15 -8.45 2.55
C THR C 33 -3.93 -7.33 1.86
N LYS C 34 -5.20 -7.48 1.62
CA LYS C 34 -5.94 -6.37 0.93
C LYS C 34 -7.36 -6.22 1.46
N ARG C 35 -7.68 -4.99 1.77
CA ARG C 35 -9.04 -4.64 2.24
C ARG C 35 -9.82 -4.14 1.03
N LYS C 36 -11.05 -4.49 0.93
CA LYS C 36 -11.84 -4.01 -0.24
C LYS C 36 -12.24 -2.55 -0.03
N LYS C 37 -11.91 -1.71 -0.97
CA LYS C 37 -12.25 -0.26 -0.85
C LYS C 37 -13.45 0.05 -1.76
N GLU C 38 -14.35 0.89 -1.31
CA GLU C 38 -15.57 1.22 -2.12
C GLU C 38 -15.70 2.73 -2.27
N GLY C 39 -15.37 3.45 -1.24
CA GLY C 39 -15.46 4.95 -1.25
C GLY C 39 -15.24 5.50 -2.65
N VAL C 40 -14.39 4.89 -3.41
CA VAL C 40 -14.13 5.37 -4.81
C VAL C 40 -15.11 4.66 -5.75
N LYS C 41 -15.83 5.41 -6.55
CA LYS C 41 -16.80 4.77 -7.49
C LYS C 41 -16.04 3.80 -8.38
N GLY C 42 -16.34 2.54 -8.29
CA GLY C 42 -15.63 1.53 -9.14
C GLY C 42 -15.84 0.13 -8.55
N GLY C 43 -15.93 0.02 -7.26
CA GLY C 43 -16.14 -1.32 -6.63
C GLY C 43 -14.86 -2.15 -6.67
N LYS C 44 -14.11 -2.08 -7.73
CA LYS C 44 -12.86 -2.90 -7.82
C LYS C 44 -11.76 -2.25 -6.97
N ALA C 45 -12.03 -1.13 -6.37
CA ALA C 45 -10.98 -0.46 -5.55
C ALA C 45 -10.63 -1.32 -4.33
N VAL C 46 -9.35 -1.53 -4.10
CA VAL C 46 -8.92 -2.35 -2.93
C VAL C 46 -7.62 -1.76 -2.34
N GLU C 47 -7.54 -1.64 -1.04
CA GLU C 47 -6.29 -1.08 -0.42
C GLU C 47 -5.40 -2.23 0.04
N TYR C 48 -4.18 -1.93 0.43
CA TYR C 48 -3.25 -3.02 0.92
C TYR C 48 -2.83 -2.71 2.34
N ASP C 49 -2.55 -3.73 3.11
CA ASP C 49 -2.14 -3.50 4.52
C ASP C 49 -0.65 -3.11 4.59
N VAL C 50 -0.38 -1.89 4.94
CA VAL C 50 1.03 -1.44 5.02
C VAL C 50 1.74 -2.27 6.08
N MET C 51 1.03 -2.74 7.06
CA MET C 51 1.65 -3.56 8.12
C MET C 51 2.03 -4.93 7.55
N SER C 52 1.74 -5.16 6.29
CA SER C 52 2.09 -6.46 5.64
C SER C 52 3.24 -6.23 4.67
N MET C 53 3.60 -5.00 4.40
CA MET C 53 4.73 -4.74 3.47
C MET C 53 6.03 -5.08 4.20
N PRO C 54 7.03 -5.62 3.53
CA PRO C 54 8.31 -5.95 4.21
C PRO C 54 8.73 -4.83 5.16
N THR C 55 9.24 -5.15 6.32
CA THR C 55 9.63 -4.09 7.29
C THR C 55 10.29 -2.92 6.59
N LYS C 56 11.40 -3.14 5.94
CA LYS C 56 12.06 -2.04 5.22
C LYS C 56 11.05 -1.34 4.31
N GLU C 57 10.27 -2.11 3.59
CA GLU C 57 9.26 -1.50 2.67
C GLU C 57 8.23 -0.70 3.47
N ARG C 58 7.60 -1.31 4.42
CA ARG C 58 6.55 -0.59 5.19
C ARG C 58 7.16 0.68 5.82
N GLU C 59 8.43 0.66 6.13
CA GLU C 59 9.05 1.87 6.73
C GLU C 59 8.95 3.02 5.73
N GLN C 60 9.13 2.74 4.47
CA GLN C 60 9.03 3.81 3.46
C GLN C 60 7.60 4.34 3.45
N VAL C 61 6.65 3.46 3.53
CA VAL C 61 5.23 3.89 3.53
C VAL C 61 4.93 4.57 4.87
N ILE C 62 5.15 3.89 5.96
CA ILE C 62 4.90 4.49 7.30
C ILE C 62 5.67 5.80 7.38
N ALA C 63 6.84 5.86 6.83
CA ALA C 63 7.61 7.13 6.86
C ALA C 63 7.04 8.08 5.82
N HIS C 64 6.74 7.58 4.65
CA HIS C 64 6.15 8.46 3.60
C HIS C 64 4.80 8.95 4.11
N LEU C 65 4.12 8.12 4.87
CA LEU C 65 2.82 8.53 5.41
C LEU C 65 3.05 9.56 6.51
N GLY C 66 3.97 9.29 7.40
CA GLY C 66 4.29 10.26 8.49
C GLY C 66 3.96 9.65 9.85
N LEU C 67 3.89 8.34 9.92
CA LEU C 67 3.57 7.69 11.24
C LEU C 67 4.89 7.39 11.95
N SER C 68 5.88 7.01 11.20
CA SER C 68 7.21 6.69 11.81
C SER C 68 7.74 7.90 12.57
N THR C 69 8.99 7.88 12.93
CA THR C 69 9.58 9.03 13.69
C THR C 69 8.67 9.38 14.87
N LYS C 1 -2.88 -4.96 15.85
CA LYS C 1 -3.47 -3.85 15.04
C LYS C 1 -2.96 -3.96 13.60
N SER C 2 -3.44 -3.13 12.72
CA SER C 2 -3.00 -3.18 11.30
C SER C 2 -3.32 -1.85 10.61
N ILE C 3 -2.87 -1.69 9.40
CA ILE C 3 -3.17 -0.44 8.64
C ILE C 3 -3.42 -0.82 7.20
N TRP C 4 -3.98 0.08 6.43
CA TRP C 4 -4.29 -0.23 5.00
C TRP C 4 -4.17 1.04 4.16
N CYS C 5 -3.87 0.90 2.90
CA CYS C 5 -3.74 2.10 2.02
C CYS C 5 -4.08 1.75 0.57
N SER C 6 -4.51 2.73 -0.18
CA SER C 6 -4.82 2.49 -1.62
C SER C 6 -3.48 2.50 -2.38
N PRO C 7 -3.46 1.97 -3.57
CA PRO C 7 -2.21 1.93 -4.39
C PRO C 7 -1.64 3.34 -4.61
N GLN C 8 -2.49 4.31 -4.73
CA GLN C 8 -2.01 5.71 -4.94
C GLN C 8 -1.12 6.16 -3.77
N GLU C 9 -1.48 5.81 -2.56
CA GLU C 9 -0.66 6.22 -1.39
C GLU C 9 0.61 5.38 -1.37
N ILE C 10 0.51 4.15 -1.77
CA ILE C 10 1.69 3.26 -1.77
C ILE C 10 2.65 3.61 -2.91
N MET C 11 2.19 3.57 -4.13
CA MET C 11 3.08 3.89 -5.28
C MET C 11 3.76 5.23 -5.01
N ALA C 12 3.14 6.04 -4.19
CA ALA C 12 3.71 7.36 -3.84
C ALA C 12 4.78 7.20 -2.75
N ALA C 13 4.79 6.09 -2.06
CA ALA C 13 5.80 5.91 -0.98
C ALA C 13 7.15 5.49 -1.59
N ASP C 14 8.23 5.82 -0.96
CA ASP C 14 9.57 5.44 -1.49
C ASP C 14 9.70 3.90 -1.46
N GLY C 15 10.43 3.34 -2.38
CA GLY C 15 10.59 1.85 -2.41
C GLY C 15 9.42 1.25 -3.18
N MET C 16 8.32 1.95 -3.21
CA MET C 16 7.12 1.45 -3.95
C MET C 16 7.12 2.01 -5.37
N PRO C 17 6.81 1.21 -6.38
CA PRO C 17 6.78 1.70 -7.78
C PRO C 17 6.10 3.07 -7.89
N GLY C 18 6.17 3.67 -9.05
CA GLY C 18 5.53 5.01 -9.28
C GLY C 18 4.37 4.84 -10.26
N SER C 19 3.74 3.70 -10.26
CA SER C 19 2.60 3.45 -11.19
C SER C 19 1.55 2.60 -10.47
N VAL C 20 0.29 2.90 -10.68
CA VAL C 20 -0.78 2.11 -10.00
C VAL C 20 -0.58 0.62 -10.32
N ALA C 21 -0.26 0.29 -11.54
CA ALA C 21 -0.07 -1.15 -11.88
C ALA C 21 1.22 -1.67 -11.25
N GLY C 22 2.26 -0.89 -11.28
CA GLY C 22 3.55 -1.35 -10.67
C GLY C 22 3.26 -1.87 -9.26
N VAL C 23 2.37 -1.24 -8.56
CA VAL C 23 2.04 -1.71 -7.19
C VAL C 23 1.42 -3.10 -7.29
N HIS C 24 0.34 -3.22 -8.03
CA HIS C 24 -0.32 -4.55 -8.17
C HIS C 24 0.71 -5.60 -8.58
N TYR C 25 1.78 -5.18 -9.22
CA TYR C 25 2.83 -6.15 -9.64
C TYR C 25 3.41 -6.84 -8.41
N ARG C 26 4.26 -6.17 -7.69
CA ARG C 26 4.86 -6.81 -6.48
C ARG C 26 3.75 -7.26 -5.53
N ALA C 27 2.63 -6.60 -5.54
CA ALA C 27 1.52 -7.00 -4.62
C ALA C 27 1.16 -8.47 -4.85
N ASN C 28 0.92 -8.87 -6.07
CA ASN C 28 0.56 -10.29 -6.33
C ASN C 28 1.79 -11.16 -6.19
N VAL C 29 2.91 -10.72 -6.68
CA VAL C 29 4.13 -11.56 -6.58
C VAL C 29 4.52 -11.72 -5.11
N GLN C 30 4.37 -10.69 -4.33
CA GLN C 30 4.74 -10.78 -2.88
C GLN C 30 3.56 -11.34 -2.08
N GLY C 31 2.35 -11.10 -2.52
CA GLY C 31 1.16 -11.63 -1.79
C GLY C 31 0.79 -10.68 -0.64
N TRP C 32 0.59 -9.42 -0.94
CA TRP C 32 0.23 -8.45 0.13
C TRP C 32 -1.18 -8.76 0.65
N THR C 33 -1.44 -8.46 1.89
CA THR C 33 -2.82 -8.68 2.41
C THR C 33 -3.67 -7.59 1.79
N LYS C 34 -4.96 -7.80 1.63
CA LYS C 34 -5.79 -6.73 0.98
C LYS C 34 -7.16 -6.62 1.62
N ARG C 35 -7.52 -5.41 1.94
CA ARG C 35 -8.86 -5.13 2.53
C ARG C 35 -9.70 -4.47 1.45
N LYS C 36 -10.92 -4.88 1.30
CA LYS C 36 -11.78 -4.30 0.23
C LYS C 36 -12.18 -2.88 0.57
N LYS C 37 -12.03 -1.99 -0.38
CA LYS C 37 -12.43 -0.57 -0.20
C LYS C 37 -13.49 -0.24 -1.24
N GLU C 38 -14.63 0.28 -0.83
CA GLU C 38 -15.73 0.59 -1.80
C GLU C 38 -16.04 2.08 -1.81
N GLY C 39 -15.99 2.70 -0.66
CA GLY C 39 -16.30 4.16 -0.52
C GLY C 39 -15.91 4.94 -1.78
N VAL C 40 -14.89 4.51 -2.48
CA VAL C 40 -14.47 5.24 -3.72
C VAL C 40 -15.21 4.69 -4.94
N LYS C 41 -15.54 5.54 -5.87
CA LYS C 41 -16.25 5.09 -7.10
C LYS C 41 -15.43 4.00 -7.78
N GLY C 42 -16.10 3.04 -8.38
CA GLY C 42 -15.38 1.92 -9.07
C GLY C 42 -15.72 0.59 -8.40
N GLY C 43 -15.67 0.54 -7.10
CA GLY C 43 -16.01 -0.74 -6.40
C GLY C 43 -14.78 -1.64 -6.32
N LYS C 44 -14.01 -1.73 -7.36
CA LYS C 44 -12.81 -2.61 -7.34
C LYS C 44 -11.79 -2.05 -6.35
N ALA C 45 -11.96 -0.82 -5.93
CA ALA C 45 -10.98 -0.21 -4.97
C ALA C 45 -10.61 -1.22 -3.87
N VAL C 46 -9.34 -1.46 -3.70
CA VAL C 46 -8.87 -2.42 -2.65
C VAL C 46 -7.59 -1.88 -2.02
N GLU C 47 -7.51 -1.81 -0.72
CA GLU C 47 -6.26 -1.29 -0.07
C GLU C 47 -5.34 -2.46 0.29
N TYR C 48 -4.09 -2.17 0.60
CA TYR C 48 -3.13 -3.24 0.98
C TYR C 48 -2.59 -2.96 2.38
N ASP C 49 -2.26 -3.97 3.12
CA ASP C 49 -1.76 -3.76 4.50
C ASP C 49 -0.28 -3.37 4.50
N VAL C 50 0.03 -2.17 4.90
CA VAL C 50 1.46 -1.73 4.95
C VAL C 50 2.19 -2.61 5.96
N MET C 51 1.49 -3.12 6.94
CA MET C 51 2.17 -3.98 7.95
C MET C 51 2.53 -5.33 7.32
N SER C 52 2.16 -5.53 6.08
CA SER C 52 2.49 -6.82 5.39
C SER C 52 3.61 -6.57 4.37
N MET C 53 3.88 -5.32 4.06
CA MET C 53 4.94 -5.03 3.07
C MET C 53 6.31 -5.31 3.69
N PRO C 54 7.33 -5.53 2.88
CA PRO C 54 8.70 -5.79 3.39
C PRO C 54 9.05 -4.88 4.56
N THR C 55 9.75 -5.39 5.55
CA THR C 55 10.12 -4.54 6.72
C THR C 55 10.66 -3.20 6.23
N LYS C 56 11.67 -3.23 5.42
CA LYS C 56 12.25 -1.95 4.91
C LYS C 56 11.12 -1.09 4.34
N GLU C 57 10.27 -1.67 3.53
CA GLU C 57 9.15 -0.89 2.92
C GLU C 57 8.24 -0.30 4.01
N ARG C 58 8.03 -1.01 5.07
CA ARG C 58 7.12 -0.49 6.15
C ARG C 58 7.57 0.89 6.63
N GLU C 59 8.81 1.03 7.02
CA GLU C 59 9.30 2.33 7.55
C GLU C 59 9.18 3.42 6.49
N GLN C 60 9.75 3.21 5.34
CA GLN C 60 9.67 4.26 4.31
C GLN C 60 8.21 4.51 3.95
N VAL C 61 7.41 3.49 3.88
CA VAL C 61 5.97 3.71 3.56
C VAL C 61 5.34 4.42 4.75
N ILE C 62 5.59 3.92 5.93
CA ILE C 62 5.03 4.56 7.15
C ILE C 62 5.57 5.99 7.23
N ALA C 63 6.83 6.16 6.95
CA ALA C 63 7.41 7.51 6.99
C ALA C 63 6.76 8.34 5.89
N HIS C 64 6.50 7.75 4.75
CA HIS C 64 5.85 8.52 3.67
C HIS C 64 4.46 8.90 4.17
N LEU C 65 3.84 7.99 4.88
CA LEU C 65 2.51 8.28 5.46
C LEU C 65 2.72 9.26 6.61
N GLY C 66 3.78 9.07 7.35
CA GLY C 66 4.08 9.99 8.49
C GLY C 66 3.37 9.49 9.73
N LEU C 67 3.22 8.20 9.88
CA LEU C 67 2.52 7.66 11.10
C LEU C 67 3.56 7.27 12.15
N SER C 68 4.15 6.12 12.01
CA SER C 68 5.18 5.67 12.99
C SER C 68 4.53 5.48 14.36
N THR C 69 5.31 5.16 15.35
CA THR C 69 4.75 4.95 16.71
C THR C 69 4.04 6.23 17.17
N LYS C 1 -3.03 -4.22 15.77
CA LYS C 1 -3.55 -3.10 14.93
C LYS C 1 -3.13 -3.33 13.48
N SER C 2 -3.64 -2.53 12.58
CA SER C 2 -3.28 -2.67 11.14
C SER C 2 -3.63 -1.39 10.41
N ILE C 3 -3.20 -1.27 9.20
CA ILE C 3 -3.52 -0.05 8.40
C ILE C 3 -3.73 -0.48 6.95
N TRP C 4 -4.32 0.36 6.17
CA TRP C 4 -4.57 0.00 4.74
C TRP C 4 -4.52 1.26 3.88
N CYS C 5 -4.22 1.11 2.62
CA CYS C 5 -4.13 2.30 1.72
C CYS C 5 -4.49 1.92 0.29
N SER C 6 -4.87 2.88 -0.50
CA SER C 6 -5.20 2.60 -1.93
C SER C 6 -3.88 2.54 -2.71
N PRO C 7 -3.78 1.72 -3.73
CA PRO C 7 -2.53 1.60 -4.53
C PRO C 7 -1.88 2.96 -4.80
N GLN C 8 -2.66 3.93 -5.19
CA GLN C 8 -2.10 5.28 -5.49
C GLN C 8 -1.35 5.86 -4.28
N GLU C 9 -1.78 5.53 -3.09
CA GLU C 9 -1.08 6.08 -1.89
C GLU C 9 0.24 5.37 -1.71
N ILE C 10 0.26 4.08 -1.92
CA ILE C 10 1.52 3.32 -1.76
C ILE C 10 2.47 3.59 -2.94
N MET C 11 1.99 3.43 -4.14
CA MET C 11 2.86 3.69 -5.32
C MET C 11 3.49 5.08 -5.17
N ALA C 12 2.84 5.91 -4.42
CA ALA C 12 3.37 7.29 -4.20
C ALA C 12 4.44 7.26 -3.09
N ALA C 13 4.51 6.20 -2.32
CA ALA C 13 5.54 6.14 -1.24
C ALA C 13 6.88 5.74 -1.83
N ASP C 14 7.96 6.24 -1.27
CA ASP C 14 9.30 5.87 -1.80
C ASP C 14 9.52 4.37 -1.61
N GLY C 15 10.36 3.77 -2.43
CA GLY C 15 10.61 2.30 -2.30
C GLY C 15 9.51 1.54 -3.05
N MET C 16 8.42 2.18 -3.34
CA MET C 16 7.31 1.49 -4.06
C MET C 16 7.48 1.69 -5.59
N PRO C 17 7.06 0.74 -6.38
CA PRO C 17 7.18 0.82 -7.87
C PRO C 17 6.98 2.23 -8.41
N GLY C 18 5.83 2.82 -8.21
CA GLY C 18 5.55 4.20 -8.72
C GLY C 18 4.50 4.11 -9.82
N SER C 19 3.78 3.02 -9.89
CA SER C 19 2.73 2.85 -10.93
C SER C 19 1.57 2.04 -10.33
N VAL C 20 0.35 2.38 -10.68
CA VAL C 20 -0.80 1.62 -10.12
C VAL C 20 -0.57 0.13 -10.36
N ALA C 21 -0.37 -0.26 -11.59
CA ALA C 21 -0.12 -1.71 -11.87
C ALA C 21 1.19 -2.11 -11.20
N GLY C 22 2.13 -1.20 -11.12
CA GLY C 22 3.43 -1.52 -10.46
C GLY C 22 3.14 -2.06 -9.07
N VAL C 23 2.19 -1.48 -8.38
CA VAL C 23 1.86 -1.98 -7.02
C VAL C 23 1.39 -3.42 -7.14
N HIS C 24 0.35 -3.66 -7.89
CA HIS C 24 -0.17 -5.04 -8.05
C HIS C 24 0.99 -6.00 -8.33
N TYR C 25 1.95 -5.55 -9.10
CA TYR C 25 3.13 -6.40 -9.42
C TYR C 25 3.80 -6.84 -8.11
N ARG C 26 4.51 -5.95 -7.47
CA ARG C 26 5.18 -6.28 -6.18
C ARG C 26 4.16 -6.80 -5.17
N ALA C 27 2.94 -6.33 -5.22
CA ALA C 27 1.93 -6.81 -4.24
C ALA C 27 1.71 -8.32 -4.38
N ASN C 28 1.51 -8.80 -5.58
CA ASN C 28 1.26 -10.26 -5.77
C ASN C 28 2.56 -11.03 -5.57
N VAL C 29 3.63 -10.53 -6.11
CA VAL C 29 4.92 -11.25 -5.97
C VAL C 29 5.25 -11.42 -4.49
N GLN C 30 4.98 -10.41 -3.71
CA GLN C 30 5.27 -10.49 -2.25
C GLN C 30 4.09 -11.12 -1.52
N GLY C 31 2.88 -10.69 -1.84
CA GLY C 31 1.67 -11.25 -1.17
C GLY C 31 1.17 -10.23 -0.15
N TRP C 32 0.90 -9.03 -0.58
CA TRP C 32 0.43 -7.98 0.37
C TRP C 32 -0.97 -8.33 0.88
N THR C 33 -1.24 -8.10 2.13
CA THR C 33 -2.60 -8.39 2.65
C THR C 33 -3.51 -7.31 2.08
N LYS C 34 -4.77 -7.60 1.81
CA LYS C 34 -5.64 -6.55 1.22
C LYS C 34 -7.04 -6.56 1.83
N ARG C 35 -7.49 -5.39 2.19
CA ARG C 35 -8.87 -5.24 2.75
C ARG C 35 -9.73 -4.70 1.62
N LYS C 36 -10.92 -5.18 1.52
CA LYS C 36 -11.82 -4.71 0.43
C LYS C 36 -12.29 -3.28 0.71
N LYS C 37 -12.17 -2.42 -0.28
CA LYS C 37 -12.60 -0.99 -0.11
C LYS C 37 -13.79 -0.71 -1.03
N GLU C 38 -14.73 0.10 -0.60
CA GLU C 38 -15.93 0.40 -1.44
C GLU C 38 -16.16 1.91 -1.51
N GLY C 39 -15.95 2.58 -0.41
CA GLY C 39 -16.16 4.07 -0.32
C GLY C 39 -15.93 4.74 -1.67
N VAL C 40 -14.98 4.26 -2.43
CA VAL C 40 -14.70 4.86 -3.77
C VAL C 40 -15.50 4.13 -4.85
N LYS C 41 -15.94 4.84 -5.86
CA LYS C 41 -16.71 4.19 -6.95
C LYS C 41 -15.94 2.98 -7.47
N GLY C 42 -16.45 2.31 -8.47
CA GLY C 42 -15.74 1.14 -9.04
C GLY C 42 -16.03 -0.12 -8.22
N GLY C 43 -16.09 0.00 -6.93
CA GLY C 43 -16.36 -1.21 -6.09
C GLY C 43 -15.12 -2.13 -6.11
N LYS C 44 -14.43 -2.19 -7.21
CA LYS C 44 -13.21 -3.04 -7.27
C LYS C 44 -12.13 -2.47 -6.36
N ALA C 45 -12.42 -1.37 -5.73
CA ALA C 45 -11.40 -0.73 -4.85
C ALA C 45 -10.99 -1.65 -3.70
N VAL C 46 -9.72 -1.98 -3.62
CA VAL C 46 -9.19 -2.84 -2.52
C VAL C 46 -7.89 -2.22 -2.03
N GLU C 47 -7.73 -2.07 -0.75
CA GLU C 47 -6.49 -1.44 -0.22
C GLU C 47 -5.48 -2.51 0.17
N TYR C 48 -4.24 -2.13 0.39
CA TYR C 48 -3.19 -3.12 0.80
C TYR C 48 -2.70 -2.75 2.19
N ASP C 49 -2.29 -3.71 2.97
CA ASP C 49 -1.81 -3.40 4.35
C ASP C 49 -0.38 -2.87 4.34
N VAL C 50 -0.20 -1.63 4.73
CA VAL C 50 1.16 -1.06 4.77
C VAL C 50 1.98 -1.80 5.83
N MET C 51 1.32 -2.33 6.82
CA MET C 51 2.06 -3.07 7.87
C MET C 51 2.59 -4.38 7.29
N SER C 52 2.26 -4.65 6.05
CA SER C 52 2.76 -5.89 5.39
C SER C 52 3.91 -5.52 4.45
N MET C 53 4.16 -4.24 4.27
CA MET C 53 5.26 -3.82 3.38
C MET C 53 6.59 -4.18 4.04
N PRO C 54 7.61 -4.54 3.28
CA PRO C 54 8.93 -4.86 3.88
C PRO C 54 9.26 -3.87 5.00
N THR C 55 9.63 -4.35 6.17
CA THR C 55 9.92 -3.45 7.33
C THR C 55 10.52 -2.13 6.86
N LYS C 56 11.62 -2.18 6.18
CA LYS C 56 12.22 -0.91 5.69
C LYS C 56 11.17 -0.14 4.88
N GLU C 57 10.47 -0.82 4.01
CA GLU C 57 9.44 -0.15 3.16
C GLU C 57 8.27 0.38 4.00
N ARG C 58 7.71 -0.41 4.86
CA ARG C 58 6.55 0.11 5.63
C ARG C 58 6.93 1.43 6.32
N GLU C 59 8.10 1.50 6.89
CA GLU C 59 8.51 2.78 7.53
C GLU C 59 8.59 3.84 6.45
N GLN C 60 9.04 3.47 5.29
CA GLN C 60 9.11 4.45 4.18
C GLN C 60 7.70 4.90 3.83
N VAL C 61 6.77 3.98 3.81
CA VAL C 61 5.37 4.34 3.48
C VAL C 61 4.78 5.15 4.65
N ILE C 62 4.80 4.60 5.84
CA ILE C 62 4.26 5.35 7.01
C ILE C 62 4.92 6.73 7.02
N ALA C 63 6.19 6.77 6.74
CA ALA C 63 6.88 8.08 6.71
C ALA C 63 6.34 8.89 5.53
N HIS C 64 6.14 8.28 4.39
CA HIS C 64 5.58 9.04 3.24
C HIS C 64 4.18 9.49 3.64
N LEU C 65 3.47 8.65 4.34
CA LEU C 65 2.12 9.03 4.80
C LEU C 65 2.26 10.08 5.88
N GLY C 66 3.25 9.93 6.71
CA GLY C 66 3.48 10.91 7.81
C GLY C 66 2.69 10.47 9.03
N LEU C 67 2.62 9.18 9.25
CA LEU C 67 1.87 8.66 10.44
C LEU C 67 2.82 8.62 11.63
N SER C 68 3.62 7.58 11.71
CA SER C 68 4.58 7.46 12.85
C SER C 68 3.80 7.42 14.18
N THR C 69 4.49 7.51 15.28
CA THR C 69 3.80 7.48 16.60
C THR C 69 2.80 6.32 16.63
N LYS C 1 -3.60 -3.48 16.28
CA LYS C 1 -4.04 -2.41 15.36
C LYS C 1 -3.39 -2.61 13.98
N SER C 2 -3.79 -1.87 13.00
CA SER C 2 -3.20 -2.03 11.64
C SER C 2 -3.50 -0.78 10.81
N ILE C 3 -2.96 -0.72 9.62
CA ILE C 3 -3.21 0.45 8.73
C ILE C 3 -3.36 -0.07 7.30
N TRP C 4 -3.93 0.73 6.46
CA TRP C 4 -4.14 0.32 5.03
C TRP C 4 -3.98 1.53 4.12
N CYS C 5 -3.61 1.31 2.89
CA CYS C 5 -3.43 2.46 1.95
C CYS C 5 -3.70 2.05 0.51
N SER C 6 -4.06 3.01 -0.30
CA SER C 6 -4.31 2.73 -1.74
C SER C 6 -2.94 2.66 -2.44
N PRO C 7 -2.88 2.13 -3.63
CA PRO C 7 -1.60 2.03 -4.38
C PRO C 7 -0.98 3.41 -4.62
N GLN C 8 -1.80 4.41 -4.79
CA GLN C 8 -1.28 5.79 -5.03
C GLN C 8 -0.43 6.26 -3.83
N GLU C 9 -0.81 5.89 -2.63
CA GLU C 9 -0.02 6.34 -1.44
C GLU C 9 1.23 5.47 -1.31
N ILE C 10 1.13 4.23 -1.65
CA ILE C 10 2.30 3.33 -1.54
C ILE C 10 3.29 3.62 -2.68
N MET C 11 2.81 3.62 -3.90
CA MET C 11 3.70 3.90 -5.06
C MET C 11 4.41 5.24 -4.81
N ALA C 12 3.79 6.08 -4.04
CA ALA C 12 4.39 7.40 -3.73
C ALA C 12 5.44 7.27 -2.62
N ALA C 13 5.46 6.16 -1.92
CA ALA C 13 6.48 6.02 -0.82
C ALA C 13 7.84 5.66 -1.41
N ASP C 14 8.90 6.00 -0.72
CA ASP C 14 10.25 5.65 -1.23
C ASP C 14 10.41 4.12 -1.23
N GLY C 15 11.24 3.59 -2.07
CA GLY C 15 11.42 2.10 -2.09
C GLY C 15 10.26 1.45 -2.84
N MET C 16 9.14 2.13 -2.90
CA MET C 16 7.96 1.55 -3.62
C MET C 16 7.98 2.00 -5.08
N PRO C 17 7.40 1.23 -5.97
CA PRO C 17 7.37 1.58 -7.42
C PRO C 17 6.65 2.91 -7.67
N GLY C 18 6.75 3.43 -8.86
CA GLY C 18 6.08 4.72 -9.21
C GLY C 18 4.99 4.44 -10.24
N SER C 19 4.32 3.32 -10.10
CA SER C 19 3.25 2.94 -11.06
C SER C 19 2.14 2.21 -10.31
N VAL C 20 0.91 2.56 -10.55
CA VAL C 20 -0.21 1.87 -9.84
C VAL C 20 -0.07 0.36 -10.04
N ALA C 21 0.23 -0.06 -11.23
CA ALA C 21 0.38 -1.52 -11.49
C ALA C 21 1.66 -2.02 -10.82
N GLY C 22 2.71 -1.24 -10.86
CA GLY C 22 3.99 -1.67 -10.22
C GLY C 22 3.69 -2.13 -8.79
N VAL C 23 2.85 -1.39 -8.09
CA VAL C 23 2.52 -1.79 -6.70
C VAL C 23 1.81 -3.15 -6.74
N HIS C 24 0.82 -3.30 -7.57
CA HIS C 24 0.10 -4.60 -7.66
C HIS C 24 1.09 -5.70 -8.04
N TYR C 25 2.16 -5.35 -8.69
CA TYR C 25 3.16 -6.37 -9.09
C TYR C 25 3.69 -7.03 -7.82
N ARG C 26 4.56 -6.38 -7.12
CA ARG C 26 5.11 -6.96 -5.87
C ARG C 26 3.98 -7.40 -4.95
N ALA C 27 2.93 -6.62 -4.84
CA ALA C 27 1.81 -7.02 -3.94
C ALA C 27 1.21 -8.37 -4.36
N ASN C 28 1.23 -8.70 -5.62
CA ASN C 28 0.64 -10.00 -6.05
C ASN C 28 1.60 -11.13 -5.70
N VAL C 29 2.85 -10.95 -5.98
CA VAL C 29 3.82 -12.03 -5.70
C VAL C 29 4.16 -12.05 -4.21
N GLN C 30 4.10 -10.92 -3.54
CA GLN C 30 4.41 -10.90 -2.08
C GLN C 30 3.17 -11.31 -1.30
N GLY C 31 2.02 -11.18 -1.89
CA GLY C 31 0.76 -11.58 -1.18
C GLY C 31 0.49 -10.60 -0.04
N TRP C 32 0.42 -9.33 -0.33
CA TRP C 32 0.14 -8.33 0.74
C TRP C 32 -1.28 -8.56 1.28
N THR C 33 -1.57 -8.12 2.46
CA THR C 33 -2.95 -8.27 2.97
C THR C 33 -3.82 -7.32 2.17
N LYS C 34 -5.11 -7.54 2.11
CA LYS C 34 -5.96 -6.63 1.30
C LYS C 34 -7.28 -6.34 1.99
N ARG C 35 -7.69 -5.10 1.91
CA ARG C 35 -8.99 -4.65 2.49
C ARG C 35 -9.73 -3.89 1.39
N LYS C 36 -10.84 -4.43 0.99
CA LYS C 36 -11.64 -3.81 -0.10
C LYS C 36 -12.36 -2.55 0.39
N LYS C 37 -12.08 -1.41 -0.20
CA LYS C 37 -12.79 -0.17 0.23
C LYS C 37 -14.06 -0.01 -0.61
N GLU C 38 -14.88 0.97 -0.31
CA GLU C 38 -16.15 1.17 -1.09
C GLU C 38 -16.30 2.63 -1.48
N GLY C 39 -15.82 3.50 -0.66
CA GLY C 39 -15.93 4.97 -0.91
C GLY C 39 -15.25 5.38 -2.22
N VAL C 40 -15.12 4.48 -3.16
CA VAL C 40 -14.47 4.82 -4.46
C VAL C 40 -15.20 4.09 -5.60
N LYS C 41 -15.57 4.80 -6.63
CA LYS C 41 -16.30 4.17 -7.77
C LYS C 41 -15.58 2.88 -8.19
N GLY C 42 -16.16 2.17 -9.12
CA GLY C 42 -15.53 0.92 -9.62
C GLY C 42 -15.60 -0.19 -8.55
N GLY C 43 -15.50 0.15 -7.31
CA GLY C 43 -15.55 -0.91 -6.25
C GLY C 43 -14.29 -1.77 -6.32
N LYS C 44 -13.66 -1.85 -7.46
CA LYS C 44 -12.43 -2.67 -7.57
C LYS C 44 -11.38 -2.10 -6.63
N ALA C 45 -11.56 -0.88 -6.24
CA ALA C 45 -10.58 -0.24 -5.32
C ALA C 45 -10.27 -1.17 -4.15
N VAL C 46 -9.00 -1.46 -3.93
CA VAL C 46 -8.61 -2.35 -2.80
C VAL C 46 -7.33 -1.80 -2.15
N GLU C 47 -7.35 -1.62 -0.85
CA GLU C 47 -6.12 -1.10 -0.17
C GLU C 47 -5.29 -2.27 0.31
N TYR C 48 -4.10 -2.03 0.78
CA TYR C 48 -3.24 -3.14 1.29
C TYR C 48 -2.68 -2.75 2.65
N ASP C 49 -2.46 -3.70 3.51
CA ASP C 49 -1.96 -3.35 4.88
C ASP C 49 -0.48 -3.00 4.86
N VAL C 50 -0.16 -1.78 5.21
CA VAL C 50 1.27 -1.34 5.24
C VAL C 50 2.02 -2.15 6.28
N MET C 51 1.33 -2.65 7.27
CA MET C 51 2.00 -3.45 8.33
C MET C 51 2.45 -4.78 7.74
N SER C 52 2.17 -5.02 6.49
CA SER C 52 2.60 -6.29 5.83
C SER C 52 3.69 -5.98 4.82
N MET C 53 3.95 -4.72 4.57
CA MET C 53 4.99 -4.34 3.59
C MET C 53 6.38 -4.68 4.14
N PRO C 54 7.34 -4.95 3.29
CA PRO C 54 8.72 -5.26 3.75
C PRO C 54 9.14 -4.31 4.88
N THR C 55 9.88 -4.78 5.85
CA THR C 55 10.30 -3.88 6.95
C THR C 55 10.84 -2.58 6.35
N LYS C 56 11.74 -2.70 5.43
CA LYS C 56 12.29 -1.49 4.78
C LYS C 56 11.14 -0.65 4.22
N GLU C 57 10.30 -1.24 3.42
CA GLU C 57 9.16 -0.48 2.82
C GLU C 57 8.30 0.16 3.91
N ARG C 58 8.13 -0.49 5.03
CA ARG C 58 7.28 0.10 6.11
C ARG C 58 7.76 1.50 6.48
N GLU C 59 9.00 1.66 6.82
CA GLU C 59 9.48 3.00 7.21
C GLU C 59 9.28 3.98 6.05
N GLN C 60 9.38 3.53 4.83
CA GLN C 60 9.16 4.48 3.70
C GLN C 60 7.71 4.93 3.73
N VAL C 61 6.81 4.00 3.84
CA VAL C 61 5.36 4.37 3.88
C VAL C 61 5.08 5.12 5.18
N ILE C 62 5.42 4.53 6.30
CA ILE C 62 5.18 5.22 7.61
C ILE C 62 5.82 6.61 7.53
N ALA C 63 7.01 6.71 7.02
CA ALA C 63 7.64 8.04 6.93
C ALA C 63 6.91 8.87 5.88
N HIS C 64 6.55 8.28 4.77
CA HIS C 64 5.81 9.03 3.74
C HIS C 64 4.47 9.44 4.35
N LEU C 65 3.92 8.57 5.14
CA LEU C 65 2.63 8.89 5.81
C LEU C 65 2.91 9.94 6.88
N GLY C 66 4.00 9.78 7.59
CA GLY C 66 4.37 10.77 8.66
C GLY C 66 3.94 10.26 10.02
N LEU C 67 3.93 8.97 10.20
CA LEU C 67 3.52 8.39 11.53
C LEU C 67 4.76 8.19 12.39
N SER C 68 5.83 7.77 11.78
CA SER C 68 7.10 7.56 12.55
C SER C 68 7.35 8.75 13.47
N THR C 69 8.24 8.61 14.40
CA THR C 69 8.54 9.73 15.34
C THR C 69 9.53 10.69 14.70
N LYS C 1 -2.96 -3.94 16.06
CA LYS C 1 -3.49 -2.87 15.16
C LYS C 1 -2.97 -3.09 13.75
N SER C 2 -3.44 -2.33 12.81
CA SER C 2 -2.98 -2.49 11.40
C SER C 2 -3.31 -1.21 10.61
N ILE C 3 -2.83 -1.13 9.40
CA ILE C 3 -3.12 0.06 8.56
C ILE C 3 -3.31 -0.40 7.12
N TRP C 4 -3.89 0.42 6.30
CA TRP C 4 -4.14 0.04 4.88
C TRP C 4 -4.03 1.28 3.99
N CYS C 5 -3.71 1.11 2.74
CA CYS C 5 -3.57 2.28 1.83
C CYS C 5 -3.88 1.90 0.40
N SER C 6 -4.20 2.88 -0.41
CA SER C 6 -4.48 2.61 -1.85
C SER C 6 -3.12 2.46 -2.55
N PRO C 7 -3.10 1.90 -3.73
CA PRO C 7 -1.84 1.72 -4.49
C PRO C 7 -1.14 3.06 -4.77
N GLN C 8 -1.90 4.08 -5.05
CA GLN C 8 -1.29 5.41 -5.34
C GLN C 8 -0.46 5.91 -4.15
N GLU C 9 -0.83 5.54 -2.96
CA GLU C 9 -0.06 6.02 -1.77
C GLU C 9 1.22 5.20 -1.63
N ILE C 10 1.15 3.93 -1.87
CA ILE C 10 2.35 3.07 -1.75
C ILE C 10 3.31 3.33 -2.91
N MET C 11 2.81 3.29 -4.12
CA MET C 11 3.68 3.52 -5.30
C MET C 11 4.39 4.87 -5.12
N ALA C 12 3.77 5.76 -4.42
CA ALA C 12 4.39 7.10 -4.21
C ALA C 12 5.43 7.01 -3.09
N ALA C 13 5.46 5.93 -2.34
CA ALA C 13 6.46 5.83 -1.25
C ALA C 13 7.83 5.45 -1.83
N ASP C 14 8.89 5.86 -1.18
CA ASP C 14 10.24 5.50 -1.70
C ASP C 14 10.44 3.99 -1.60
N GLY C 15 11.18 3.42 -2.51
CA GLY C 15 11.42 1.94 -2.46
C GLY C 15 10.23 1.23 -3.12
N MET C 16 9.09 1.88 -3.16
CA MET C 16 7.89 1.24 -3.79
C MET C 16 7.80 1.67 -5.26
N PRO C 17 7.42 0.78 -6.16
CA PRO C 17 7.30 1.13 -7.61
C PRO C 17 6.65 2.50 -7.83
N GLY C 18 6.64 2.98 -9.04
CA GLY C 18 6.02 4.30 -9.37
C GLY C 18 4.89 4.09 -10.38
N SER C 19 4.25 2.95 -10.31
CA SER C 19 3.13 2.65 -11.24
C SER C 19 2.08 1.80 -10.51
N VAL C 20 0.82 2.10 -10.69
CA VAL C 20 -0.22 1.30 -9.99
C VAL C 20 0.02 -0.18 -10.24
N ALA C 21 0.21 -0.58 -11.47
CA ALA C 21 0.48 -2.01 -11.75
C ALA C 21 1.71 -2.45 -10.96
N GLY C 22 2.71 -1.60 -10.90
CA GLY C 22 3.94 -1.95 -10.14
C GLY C 22 3.54 -2.36 -8.72
N VAL C 23 2.51 -1.75 -8.18
CA VAL C 23 2.08 -2.11 -6.81
C VAL C 23 1.55 -3.55 -6.82
N HIS C 24 0.49 -3.80 -7.55
CA HIS C 24 -0.07 -5.17 -7.60
C HIS C 24 1.05 -6.18 -7.88
N TYR C 25 2.09 -5.74 -8.52
CA TYR C 25 3.23 -6.65 -8.82
C TYR C 25 3.80 -7.19 -7.50
N ARG C 26 4.53 -6.38 -6.79
CA ARG C 26 5.11 -6.85 -5.50
C ARG C 26 3.99 -7.42 -4.62
N ALA C 27 2.82 -6.85 -4.70
CA ALA C 27 1.70 -7.34 -3.86
C ALA C 27 1.54 -8.85 -4.00
N ASN C 28 1.41 -9.34 -5.21
CA ASN C 28 1.24 -10.81 -5.40
C ASN C 28 2.56 -11.52 -5.18
N VAL C 29 3.63 -10.99 -5.71
CA VAL C 29 4.94 -11.65 -5.53
C VAL C 29 5.27 -11.73 -4.03
N GLN C 30 5.00 -10.68 -3.30
CA GLN C 30 5.30 -10.69 -1.84
C GLN C 30 4.13 -11.29 -1.07
N GLY C 31 2.92 -10.95 -1.45
CA GLY C 31 1.72 -11.49 -0.75
C GLY C 31 1.24 -10.49 0.31
N TRP C 32 1.08 -9.25 -0.08
CA TRP C 32 0.61 -8.23 0.90
C TRP C 32 -0.82 -8.56 1.33
N THR C 33 -1.18 -8.23 2.54
CA THR C 33 -2.59 -8.48 2.97
C THR C 33 -3.44 -7.46 2.23
N LYS C 34 -4.72 -7.71 2.04
CA LYS C 34 -5.54 -6.71 1.29
C LYS C 34 -6.94 -6.57 1.87
N ARG C 35 -7.30 -5.34 2.11
CA ARG C 35 -8.65 -5.01 2.62
C ARG C 35 -9.46 -4.51 1.44
N LYS C 36 -10.60 -5.06 1.22
CA LYS C 36 -11.42 -4.64 0.04
C LYS C 36 -11.98 -3.24 0.26
N LYS C 37 -11.69 -2.34 -0.65
CA LYS C 37 -12.20 -0.95 -0.56
C LYS C 37 -13.35 -0.78 -1.56
N GLU C 38 -14.44 -0.16 -1.16
CA GLU C 38 -15.60 0.01 -2.09
C GLU C 38 -16.08 1.45 -2.11
N GLY C 39 -16.07 2.09 -0.97
CA GLY C 39 -16.53 3.51 -0.84
C GLY C 39 -16.27 4.30 -2.12
N VAL C 40 -15.22 3.99 -2.82
CA VAL C 40 -14.90 4.73 -4.08
C VAL C 40 -15.58 4.02 -5.28
N LYS C 41 -15.84 4.75 -6.33
CA LYS C 41 -16.49 4.14 -7.52
C LYS C 41 -15.74 2.87 -7.95
N GLY C 42 -16.15 2.29 -9.03
CA GLY C 42 -15.47 1.06 -9.54
C GLY C 42 -15.67 -0.11 -8.59
N GLY C 43 -15.63 0.12 -7.30
CA GLY C 43 -15.82 -0.99 -6.34
C GLY C 43 -14.60 -1.92 -6.36
N LYS C 44 -13.85 -1.91 -7.44
CA LYS C 44 -12.66 -2.80 -7.53
C LYS C 44 -11.59 -2.31 -6.56
N ALA C 45 -11.74 -1.12 -6.06
CA ALA C 45 -10.73 -0.56 -5.12
C ALA C 45 -10.36 -1.58 -4.03
N VAL C 46 -9.09 -1.74 -3.77
CA VAL C 46 -8.63 -2.69 -2.70
C VAL C 46 -7.33 -2.13 -2.12
N GLU C 47 -7.25 -1.97 -0.82
CA GLU C 47 -6.00 -1.41 -0.20
C GLU C 47 -5.08 -2.55 0.25
N TYR C 48 -3.86 -2.23 0.60
CA TYR C 48 -2.91 -3.28 1.07
C TYR C 48 -2.38 -2.89 2.45
N ASP C 49 -2.04 -3.84 3.26
CA ASP C 49 -1.55 -3.51 4.63
C ASP C 49 -0.10 -3.02 4.59
N VAL C 50 0.11 -1.77 4.93
CA VAL C 50 1.50 -1.21 4.95
C VAL C 50 2.31 -1.97 5.98
N MET C 51 1.68 -2.46 7.01
CA MET C 51 2.43 -3.20 8.06
C MET C 51 2.91 -4.52 7.49
N SER C 52 2.56 -4.80 6.25
CA SER C 52 3.02 -6.06 5.60
C SER C 52 4.18 -5.73 4.66
N MET C 53 4.36 -4.47 4.35
CA MET C 53 5.46 -4.07 3.45
C MET C 53 6.80 -4.31 4.17
N PRO C 54 7.84 -4.65 3.45
CA PRO C 54 9.19 -4.88 4.07
C PRO C 54 9.47 -3.84 5.16
N THR C 55 10.10 -4.23 6.23
CA THR C 55 10.39 -3.27 7.33
C THR C 55 10.90 -1.94 6.75
N LYS C 56 12.01 -1.98 6.07
CA LYS C 56 12.56 -0.73 5.48
C LYS C 56 11.45 -0.02 4.68
N GLU C 57 10.73 -0.75 3.87
CA GLU C 57 9.65 -0.12 3.06
C GLU C 57 8.61 0.54 3.97
N ARG C 58 8.30 -0.04 5.09
CA ARG C 58 7.29 0.57 5.99
C ARG C 58 7.67 2.02 6.28
N GLU C 59 8.92 2.24 6.59
CA GLU C 59 9.36 3.62 6.91
C GLU C 59 9.10 4.53 5.73
N GLN C 60 9.33 4.06 4.53
CA GLN C 60 9.07 4.92 3.36
C GLN C 60 7.59 5.21 3.29
N VAL C 61 6.78 4.21 3.48
CA VAL C 61 5.31 4.42 3.44
C VAL C 61 4.90 5.23 4.67
N ILE C 62 5.28 4.78 5.83
CA ILE C 62 4.94 5.51 7.07
C ILE C 62 5.46 6.95 6.95
N ALA C 63 6.60 7.12 6.36
CA ALA C 63 7.14 8.49 6.21
C ALA C 63 6.38 9.19 5.09
N HIS C 64 6.11 8.49 4.01
CA HIS C 64 5.34 9.12 2.91
C HIS C 64 3.97 9.46 3.49
N LEU C 65 3.48 8.62 4.36
CA LEU C 65 2.17 8.89 4.99
C LEU C 65 2.37 10.00 6.01
N GLY C 66 3.46 9.96 6.73
CA GLY C 66 3.75 11.01 7.74
C GLY C 66 3.17 10.58 9.09
N LEU C 67 3.21 9.31 9.38
CA LEU C 67 2.66 8.82 10.68
C LEU C 67 3.80 8.70 11.68
N SER C 68 4.48 7.58 11.68
CA SER C 68 5.61 7.38 12.62
C SER C 68 5.12 7.59 14.07
N THR C 69 6.02 7.75 14.99
CA THR C 69 5.60 7.94 16.41
C THR C 69 6.73 8.61 17.19
N LYS C 1 -2.57 -4.94 15.81
CA LYS C 1 -3.05 -3.73 15.08
C LYS C 1 -2.53 -3.77 13.64
N SER C 2 -3.03 -2.92 12.80
CA SER C 2 -2.58 -2.92 11.38
C SER C 2 -2.94 -1.59 10.72
N ILE C 3 -2.52 -1.39 9.50
CA ILE C 3 -2.83 -0.14 8.77
C ILE C 3 -3.09 -0.47 7.31
N TRP C 4 -3.70 0.40 6.59
CA TRP C 4 -4.01 0.14 5.15
C TRP C 4 -3.92 1.45 4.36
N CYS C 5 -3.68 1.37 3.07
CA CYS C 5 -3.55 2.60 2.25
C CYS C 5 -3.97 2.34 0.80
N SER C 6 -4.36 3.37 0.11
CA SER C 6 -4.75 3.21 -1.31
C SER C 6 -3.47 3.21 -2.17
N PRO C 7 -3.46 2.54 -3.30
CA PRO C 7 -2.26 2.49 -4.18
C PRO C 7 -1.57 3.86 -4.31
N GLN C 8 -2.32 4.88 -4.58
CA GLN C 8 -1.73 6.25 -4.76
C GLN C 8 -0.91 6.64 -3.52
N GLU C 9 -1.28 6.19 -2.35
CA GLU C 9 -0.51 6.56 -1.14
C GLU C 9 0.77 5.72 -1.11
N ILE C 10 0.67 4.49 -1.53
CA ILE C 10 1.86 3.59 -1.53
C ILE C 10 2.78 3.93 -2.70
N MET C 11 2.24 4.00 -3.89
CA MET C 11 3.08 4.32 -5.08
C MET C 11 3.87 5.60 -4.80
N ALA C 12 3.31 6.45 -3.99
CA ALA C 12 4.00 7.73 -3.67
C ALA C 12 5.08 7.50 -2.60
N ALA C 13 5.09 6.36 -1.96
CA ALA C 13 6.13 6.13 -0.91
C ALA C 13 7.44 5.72 -1.56
N ASP C 14 8.55 5.99 -0.92
CA ASP C 14 9.86 5.60 -1.50
C ASP C 14 9.97 4.07 -1.58
N GLY C 15 10.73 3.57 -2.50
CA GLY C 15 10.88 2.08 -2.61
C GLY C 15 9.67 1.50 -3.36
N MET C 16 8.57 2.21 -3.38
CA MET C 16 7.35 1.70 -4.07
C MET C 16 7.36 2.20 -5.53
N PRO C 17 6.78 1.44 -6.44
CA PRO C 17 6.74 1.85 -7.88
C PRO C 17 5.80 3.05 -8.11
N GLY C 18 6.30 4.08 -8.74
CA GLY C 18 5.47 5.28 -9.01
C GLY C 18 4.45 4.96 -10.10
N SER C 19 4.00 3.73 -10.16
CA SER C 19 2.99 3.33 -11.17
C SER C 19 1.86 2.58 -10.45
N VAL C 20 0.64 3.03 -10.59
CA VAL C 20 -0.48 2.35 -9.90
C VAL C 20 -0.45 0.86 -10.21
N ALA C 21 -0.15 0.49 -11.43
CA ALA C 21 -0.09 -0.95 -11.78
C ALA C 21 1.19 -1.55 -11.19
N GLY C 22 2.30 -0.85 -11.29
CA GLY C 22 3.57 -1.38 -10.72
C GLY C 22 3.32 -1.83 -9.29
N VAL C 23 2.53 -1.09 -8.56
CA VAL C 23 2.23 -1.47 -7.15
C VAL C 23 1.50 -2.82 -7.17
N HIS C 24 0.45 -2.91 -7.93
CA HIS C 24 -0.31 -4.19 -7.99
C HIS C 24 0.61 -5.34 -8.39
N TYR C 25 1.66 -5.05 -9.10
CA TYR C 25 2.61 -6.11 -9.53
C TYR C 25 3.18 -6.79 -8.29
N ARG C 26 4.06 -6.12 -7.60
CA ARG C 26 4.65 -6.72 -6.37
C ARG C 26 3.51 -7.15 -5.43
N ALA C 27 2.41 -6.46 -5.46
CA ALA C 27 1.28 -6.82 -4.57
C ALA C 27 0.89 -8.29 -4.76
N ASN C 28 0.62 -8.69 -5.96
CA ASN C 28 0.22 -10.11 -6.20
C ASN C 28 1.43 -11.02 -6.07
N VAL C 29 2.56 -10.59 -6.54
CA VAL C 29 3.76 -11.46 -6.44
C VAL C 29 4.20 -11.59 -4.98
N GLN C 30 4.07 -10.54 -4.21
CA GLN C 30 4.48 -10.63 -2.77
C GLN C 30 3.32 -11.14 -1.92
N GLY C 31 2.10 -10.96 -2.38
CA GLY C 31 0.93 -11.44 -1.59
C GLY C 31 0.55 -10.41 -0.53
N TRP C 32 0.37 -9.18 -0.92
CA TRP C 32 0.00 -8.13 0.07
C TRP C 32 -1.41 -8.40 0.60
N THR C 33 -1.67 -8.10 1.85
CA THR C 33 -3.04 -8.28 2.38
C THR C 33 -3.87 -7.16 1.77
N LYS C 34 -5.18 -7.33 1.65
CA LYS C 34 -5.99 -6.25 1.03
C LYS C 34 -7.32 -6.04 1.73
N ARG C 35 -7.64 -4.80 1.94
CA ARG C 35 -8.94 -4.42 2.58
C ARG C 35 -9.77 -3.72 1.50
N LYS C 36 -10.94 -4.22 1.27
CA LYS C 36 -11.82 -3.63 0.21
C LYS C 36 -12.42 -2.29 0.65
N LYS C 37 -12.22 -1.26 -0.12
CA LYS C 37 -12.79 0.07 0.24
C LYS C 37 -14.32 0.03 0.08
N GLU C 38 -15.00 1.12 0.33
CA GLU C 38 -16.51 1.12 0.21
C GLU C 38 -16.99 2.33 -0.61
N GLY C 39 -16.72 3.52 -0.15
CA GLY C 39 -17.21 4.75 -0.84
C GLY C 39 -16.46 5.04 -2.14
N VAL C 40 -15.52 4.23 -2.53
CA VAL C 40 -14.77 4.53 -3.79
C VAL C 40 -15.45 3.85 -4.98
N LYS C 41 -15.73 4.61 -6.03
CA LYS C 41 -16.39 4.03 -7.23
C LYS C 41 -15.60 2.81 -7.73
N GLY C 42 -16.01 2.28 -8.84
CA GLY C 42 -15.29 1.11 -9.43
C GLY C 42 -15.46 -0.13 -8.56
N GLY C 43 -15.59 0.02 -7.27
CA GLY C 43 -15.74 -1.17 -6.40
C GLY C 43 -14.44 -1.96 -6.39
N LYS C 44 -13.78 -2.06 -7.51
CA LYS C 44 -12.49 -2.80 -7.58
C LYS C 44 -11.49 -2.11 -6.66
N ALA C 45 -11.87 -1.00 -6.10
CA ALA C 45 -10.94 -0.25 -5.22
C ALA C 45 -10.61 -1.05 -3.96
N VAL C 46 -9.34 -1.35 -3.75
CA VAL C 46 -8.93 -2.11 -2.53
C VAL C 46 -7.62 -1.53 -1.98
N GLU C 47 -7.50 -1.44 -0.69
CA GLU C 47 -6.23 -0.89 -0.08
C GLU C 47 -5.31 -2.06 0.23
N TYR C 48 -4.09 -1.79 0.65
CA TYR C 48 -3.14 -2.89 0.99
C TYR C 48 -2.58 -2.65 2.38
N ASP C 49 -2.24 -3.69 3.09
CA ASP C 49 -1.71 -3.51 4.47
C ASP C 49 -0.26 -3.02 4.44
N VAL C 50 -0.02 -1.85 4.98
CA VAL C 50 1.37 -1.29 4.99
C VAL C 50 2.27 -2.18 5.84
N MET C 51 1.69 -2.80 6.83
CA MET C 51 2.50 -3.67 7.74
C MET C 51 2.84 -4.99 7.04
N SER C 52 2.32 -5.22 5.86
CA SER C 52 2.65 -6.48 5.13
C SER C 52 3.75 -6.15 4.13
N MET C 53 4.05 -4.88 3.98
CA MET C 53 5.11 -4.45 3.04
C MET C 53 6.49 -4.80 3.62
N PRO C 54 7.48 -5.06 2.79
CA PRO C 54 8.86 -5.35 3.28
C PRO C 54 9.23 -4.40 4.42
N THR C 55 9.93 -4.89 5.42
CA THR C 55 10.31 -4.00 6.57
C THR C 55 10.81 -2.66 6.05
N LYS C 56 11.83 -2.66 5.24
CA LYS C 56 12.35 -1.37 4.70
C LYS C 56 11.20 -0.59 4.07
N GLU C 57 10.39 -1.24 3.26
CA GLU C 57 9.26 -0.53 2.59
C GLU C 57 8.32 0.08 3.63
N ARG C 58 8.11 -0.58 4.73
CA ARG C 58 7.19 -0.02 5.77
C ARG C 58 7.64 1.39 6.14
N GLU C 59 8.90 1.56 6.39
CA GLU C 59 9.42 2.89 6.78
C GLU C 59 9.13 3.89 5.68
N GLN C 60 9.18 3.47 4.44
CA GLN C 60 8.90 4.42 3.35
C GLN C 60 7.47 4.90 3.46
N VAL C 61 6.56 3.97 3.57
CA VAL C 61 5.13 4.36 3.67
C VAL C 61 4.86 5.01 5.03
N ILE C 62 5.28 4.39 6.10
CA ILE C 62 5.05 4.97 7.45
C ILE C 62 5.64 6.39 7.49
N ALA C 63 6.73 6.61 6.82
CA ALA C 63 7.32 7.97 6.82
C ALA C 63 6.57 8.83 5.80
N HIS C 64 6.24 8.28 4.67
CA HIS C 64 5.48 9.07 3.67
C HIS C 64 4.13 9.40 4.29
N LEU C 65 3.61 8.50 5.07
CA LEU C 65 2.31 8.74 5.74
C LEU C 65 2.54 9.78 6.84
N GLY C 66 3.54 9.55 7.66
CA GLY C 66 3.85 10.54 8.76
C GLY C 66 3.58 9.92 10.13
N LEU C 67 3.62 8.62 10.26
CA LEU C 67 3.37 8.01 11.61
C LEU C 67 4.70 7.78 12.31
N SER C 68 5.70 7.37 11.57
CA SER C 68 7.02 7.12 12.20
C SER C 68 6.88 6.14 13.36
N THR C 69 7.94 5.89 14.07
CA THR C 69 7.85 4.92 15.21
C THR C 69 9.01 5.18 16.17
N LYS C 1 -2.91 -3.37 16.21
CA LYS C 1 -3.77 -2.66 15.23
C LYS C 1 -3.26 -2.90 13.81
N SER C 2 -3.70 -2.11 12.87
CA SER C 2 -3.23 -2.29 11.47
C SER C 2 -3.47 -1.00 10.69
N ILE C 3 -2.96 -0.93 9.49
CA ILE C 3 -3.15 0.29 8.66
C ILE C 3 -3.32 -0.14 7.21
N TRP C 4 -3.86 0.73 6.41
CA TRP C 4 -4.09 0.41 4.96
C TRP C 4 -3.85 1.68 4.13
N CYS C 5 -3.60 1.54 2.84
CA CYS C 5 -3.35 2.75 2.00
C CYS C 5 -3.81 2.53 0.57
N SER C 6 -4.13 3.60 -0.11
CA SER C 6 -4.54 3.49 -1.54
C SER C 6 -3.28 3.39 -2.41
N PRO C 7 -3.35 2.76 -3.55
CA PRO C 7 -2.18 2.62 -4.46
C PRO C 7 -1.35 3.91 -4.55
N GLN C 8 -1.98 5.01 -4.84
CA GLN C 8 -1.26 6.31 -4.99
C GLN C 8 -0.43 6.61 -3.73
N GLU C 9 -0.86 6.18 -2.57
CA GLU C 9 -0.06 6.48 -1.34
C GLU C 9 1.15 5.55 -1.31
N ILE C 10 0.97 4.34 -1.77
CA ILE C 10 2.09 3.36 -1.77
C ILE C 10 3.10 3.71 -2.87
N MET C 11 2.68 3.71 -4.10
CA MET C 11 3.61 4.03 -5.22
C MET C 11 4.35 5.33 -4.89
N ALA C 12 3.75 6.13 -4.07
CA ALA C 12 4.39 7.42 -3.68
C ALA C 12 5.42 7.15 -2.57
N ALA C 13 5.33 6.02 -1.92
CA ALA C 13 6.32 5.73 -0.83
C ALA C 13 7.59 5.16 -1.44
N ASP C 14 8.73 5.52 -0.92
CA ASP C 14 9.98 4.96 -1.50
C ASP C 14 9.97 3.44 -1.38
N GLY C 15 10.77 2.75 -2.14
CA GLY C 15 10.79 1.26 -2.07
C GLY C 15 9.63 0.71 -2.92
N MET C 16 8.64 1.53 -3.20
CA MET C 16 7.48 1.04 -4.01
C MET C 16 7.74 1.33 -5.50
N PRO C 17 7.23 0.50 -6.38
CA PRO C 17 7.41 0.67 -7.85
C PRO C 17 7.41 2.13 -8.30
N GLY C 18 6.27 2.78 -8.23
CA GLY C 18 6.17 4.21 -8.68
C GLY C 18 5.07 4.34 -9.73
N SER C 19 4.26 3.31 -9.87
CA SER C 19 3.15 3.33 -10.87
C SER C 19 1.96 2.57 -10.29
N VAL C 20 0.77 3.08 -10.41
CA VAL C 20 -0.41 2.37 -9.85
C VAL C 20 -0.36 0.90 -10.24
N ALA C 21 -0.26 0.61 -11.52
CA ALA C 21 -0.19 -0.82 -11.93
C ALA C 21 1.02 -1.47 -11.27
N GLY C 22 2.10 -0.73 -11.17
CA GLY C 22 3.32 -1.29 -10.52
C GLY C 22 2.94 -1.76 -9.11
N VAL C 23 2.11 -1.04 -8.43
CA VAL C 23 1.71 -1.46 -7.06
C VAL C 23 1.07 -2.85 -7.15
N HIS C 24 0.15 -3.03 -8.07
CA HIS C 24 -0.51 -4.35 -8.20
C HIS C 24 0.53 -5.41 -8.58
N TYR C 25 1.61 -4.99 -9.17
CA TYR C 25 2.68 -5.96 -9.57
C TYR C 25 3.22 -6.65 -8.31
N ARG C 26 4.01 -5.95 -7.54
CA ARG C 26 4.58 -6.55 -6.30
C ARG C 26 3.44 -7.08 -5.40
N ALA C 27 2.31 -6.43 -5.40
CA ALA C 27 1.18 -6.90 -4.54
C ALA C 27 0.82 -8.34 -4.86
N ASN C 28 0.63 -8.67 -6.11
CA ASN C 28 0.26 -10.07 -6.46
C ASN C 28 1.46 -10.98 -6.28
N VAL C 29 2.61 -10.53 -6.70
CA VAL C 29 3.81 -11.37 -6.57
C VAL C 29 4.03 -11.71 -5.09
N GLN C 30 3.87 -10.73 -4.23
CA GLN C 30 4.07 -10.98 -2.77
C GLN C 30 2.75 -11.44 -2.14
N GLY C 31 1.66 -10.82 -2.49
CA GLY C 31 0.34 -11.21 -1.93
C GLY C 31 0.01 -10.33 -0.71
N TRP C 32 -0.04 -9.03 -0.91
CA TRP C 32 -0.35 -8.13 0.23
C TRP C 32 -1.81 -8.31 0.67
N THR C 33 -2.10 -8.07 1.92
CA THR C 33 -3.51 -8.16 2.38
C THR C 33 -4.22 -6.92 1.84
N LYS C 34 -5.50 -6.98 1.59
CA LYS C 34 -6.18 -5.76 1.03
C LYS C 34 -7.57 -5.55 1.62
N ARG C 35 -7.82 -4.33 1.99
CA ARG C 35 -9.16 -3.94 2.54
C ARG C 35 -9.94 -3.29 1.40
N LYS C 36 -11.11 -3.76 1.14
CA LYS C 36 -11.91 -3.21 0.03
C LYS C 36 -12.51 -1.84 0.40
N LYS C 37 -12.25 -0.83 -0.39
CA LYS C 37 -12.81 0.51 -0.09
C LYS C 37 -14.31 0.49 -0.40
N GLU C 38 -15.03 1.55 -0.09
CA GLU C 38 -16.50 1.58 -0.36
C GLU C 38 -16.89 2.89 -1.06
N GLY C 39 -16.57 4.01 -0.44
CA GLY C 39 -16.96 5.33 -1.03
C GLY C 39 -16.26 5.59 -2.37
N VAL C 40 -15.31 4.78 -2.76
CA VAL C 40 -14.61 5.04 -4.06
C VAL C 40 -15.37 4.35 -5.22
N LYS C 41 -15.64 5.08 -6.27
CA LYS C 41 -16.38 4.49 -7.43
C LYS C 41 -15.71 3.19 -7.89
N GLY C 42 -16.21 2.63 -8.96
CA GLY C 42 -15.62 1.39 -9.52
C GLY C 42 -15.77 0.22 -8.53
N GLY C 43 -15.65 0.48 -7.26
CA GLY C 43 -15.78 -0.64 -6.28
C GLY C 43 -14.50 -1.50 -6.33
N LYS C 44 -13.84 -1.53 -7.45
CA LYS C 44 -12.59 -2.34 -7.56
C LYS C 44 -11.51 -1.69 -6.68
N ALA C 45 -11.77 -0.52 -6.20
CA ALA C 45 -10.77 0.18 -5.35
C ALA C 45 -10.50 -0.61 -4.06
N VAL C 46 -9.26 -0.97 -3.82
CA VAL C 46 -8.91 -1.72 -2.57
C VAL C 46 -7.58 -1.21 -2.02
N GLU C 47 -7.48 -1.05 -0.73
CA GLU C 47 -6.18 -0.55 -0.14
C GLU C 47 -5.34 -1.77 0.23
N TYR C 48 -4.08 -1.57 0.55
CA TYR C 48 -3.20 -2.71 0.94
C TYR C 48 -2.70 -2.47 2.36
N ASP C 49 -2.49 -3.51 3.12
CA ASP C 49 -2.04 -3.34 4.52
C ASP C 49 -0.55 -2.99 4.57
N VAL C 50 -0.23 -1.85 5.13
CA VAL C 50 1.20 -1.44 5.23
C VAL C 50 1.93 -2.43 6.16
N MET C 51 1.22 -2.99 7.10
CA MET C 51 1.85 -3.95 8.04
C MET C 51 2.10 -5.27 7.33
N SER C 52 1.67 -5.40 6.09
CA SER C 52 1.91 -6.65 5.33
C SER C 52 3.05 -6.40 4.35
N MET C 53 3.49 -5.16 4.27
CA MET C 53 4.61 -4.83 3.35
C MET C 53 5.92 -5.41 3.89
N PRO C 54 6.88 -5.70 3.04
CA PRO C 54 8.20 -6.23 3.50
C PRO C 54 8.70 -5.43 4.71
N THR C 55 9.33 -6.10 5.65
CA THR C 55 9.83 -5.37 6.86
C THR C 55 10.50 -4.05 6.45
N LYS C 56 11.53 -4.12 5.66
CA LYS C 56 12.21 -2.87 5.23
C LYS C 56 11.19 -1.91 4.63
N GLU C 57 10.29 -2.40 3.81
CA GLU C 57 9.29 -1.50 3.19
C GLU C 57 8.42 -0.86 4.28
N ARG C 58 8.13 -1.56 5.33
CA ARG C 58 7.29 -0.96 6.40
C ARG C 58 7.90 0.37 6.85
N GLU C 59 9.11 0.33 7.34
CA GLU C 59 9.77 1.59 7.78
C GLU C 59 9.83 2.54 6.60
N GLN C 60 9.95 2.00 5.42
CA GLN C 60 9.99 2.87 4.23
C GLN C 60 8.64 3.58 4.08
N VAL C 61 7.59 2.81 4.06
CA VAL C 61 6.23 3.41 3.93
C VAL C 61 5.87 4.15 5.22
N ILE C 62 6.01 3.51 6.35
CA ILE C 62 5.67 4.20 7.64
C ILE C 62 6.45 5.51 7.69
N ALA C 63 7.58 5.55 7.06
CA ALA C 63 8.37 6.81 7.05
C ALA C 63 7.75 7.75 6.02
N HIS C 64 7.39 7.24 4.87
CA HIS C 64 6.76 8.11 3.84
C HIS C 64 5.45 8.61 4.43
N LEU C 65 4.77 7.75 5.13
CA LEU C 65 3.50 8.15 5.77
C LEU C 65 3.81 9.08 6.93
N GLY C 66 4.88 8.82 7.62
CA GLY C 66 5.23 9.66 8.79
C GLY C 66 4.38 9.17 9.95
N LEU C 67 4.29 7.87 10.08
CA LEU C 67 3.45 7.28 11.15
C LEU C 67 4.27 7.19 12.45
N SER C 68 5.16 6.24 12.53
CA SER C 68 6.00 6.09 13.74
C SER C 68 5.12 5.76 14.95
N THR C 69 5.73 5.53 16.09
CA THR C 69 4.94 5.20 17.31
C THR C 69 4.61 6.49 18.07
N LYS C 1 -3.20 -3.91 16.09
CA LYS C 1 -4.01 -3.13 15.10
C LYS C 1 -3.38 -3.29 13.71
N SER C 2 -3.79 -2.47 12.77
CA SER C 2 -3.24 -2.57 11.40
C SER C 2 -3.47 -1.27 10.65
N ILE C 3 -2.95 -1.15 9.46
CA ILE C 3 -3.15 0.09 8.65
C ILE C 3 -3.29 -0.29 7.19
N TRP C 4 -3.84 0.60 6.40
CA TRP C 4 -4.05 0.31 4.95
C TRP C 4 -3.83 1.61 4.15
N CYS C 5 -3.58 1.50 2.87
CA CYS C 5 -3.35 2.74 2.05
C CYS C 5 -3.86 2.55 0.63
N SER C 6 -4.08 3.63 -0.08
CA SER C 6 -4.54 3.53 -1.48
C SER C 6 -3.33 3.19 -2.35
N PRO C 7 -3.49 2.42 -3.41
CA PRO C 7 -2.35 2.06 -4.29
C PRO C 7 -1.42 3.24 -4.57
N GLN C 8 -1.95 4.35 -4.97
CA GLN C 8 -1.11 5.54 -5.30
C GLN C 8 -0.32 6.02 -4.07
N GLU C 9 -0.80 5.75 -2.88
CA GLU C 9 -0.04 6.22 -1.67
C GLU C 9 1.18 5.34 -1.48
N ILE C 10 1.04 4.08 -1.78
CA ILE C 10 2.17 3.14 -1.62
C ILE C 10 3.21 3.37 -2.73
N MET C 11 2.79 3.30 -3.96
CA MET C 11 3.76 3.52 -5.07
C MET C 11 4.46 4.86 -4.85
N ALA C 12 3.84 5.71 -4.08
CA ALA C 12 4.45 7.03 -3.80
C ALA C 12 5.51 6.87 -2.69
N ALA C 13 5.46 5.79 -1.96
CA ALA C 13 6.46 5.60 -0.87
C ALA C 13 7.77 5.07 -1.45
N ASP C 14 8.87 5.33 -0.81
CA ASP C 14 10.18 4.83 -1.32
C ASP C 14 10.17 3.29 -1.24
N GLY C 15 11.01 2.65 -1.99
CA GLY C 15 11.05 1.15 -1.96
C GLY C 15 9.86 0.61 -2.75
N MET C 16 8.80 1.37 -2.81
CA MET C 16 7.58 0.93 -3.54
C MET C 16 7.62 1.49 -4.98
N PRO C 17 7.22 0.71 -5.98
CA PRO C 17 7.22 1.21 -7.39
C PRO C 17 6.64 2.62 -7.53
N GLY C 18 6.61 3.15 -8.73
CA GLY C 18 6.06 4.51 -8.96
C GLY C 18 4.96 4.43 -10.02
N SER C 19 4.21 3.36 -10.02
CA SER C 19 3.11 3.20 -11.01
C SER C 19 1.96 2.45 -10.35
N VAL C 20 0.75 2.78 -10.68
CA VAL C 20 -0.41 2.08 -10.06
C VAL C 20 -0.25 0.58 -10.27
N ALA C 21 0.00 0.15 -11.48
CA ALA C 21 0.16 -1.31 -11.73
C ALA C 21 1.41 -1.80 -11.00
N GLY C 22 2.44 -0.99 -10.93
CA GLY C 22 3.68 -1.41 -10.22
C GLY C 22 3.29 -1.97 -8.84
N VAL C 23 2.34 -1.35 -8.20
CA VAL C 23 1.90 -1.85 -6.88
C VAL C 23 1.28 -3.24 -7.06
N HIS C 24 0.32 -3.35 -7.94
CA HIS C 24 -0.31 -4.68 -8.16
C HIS C 24 0.77 -5.71 -8.52
N TYR C 25 1.89 -5.24 -9.01
CA TYR C 25 2.99 -6.18 -9.36
C TYR C 25 3.47 -6.89 -8.08
N ARG C 26 4.22 -6.21 -7.27
CA ARG C 26 4.71 -6.84 -6.02
C ARG C 26 3.53 -7.40 -5.22
N ALA C 27 2.42 -6.73 -5.24
CA ALA C 27 1.25 -7.22 -4.47
C ALA C 27 0.97 -8.69 -4.78
N ASN C 28 0.91 -9.04 -6.04
CA ASN C 28 0.63 -10.45 -6.41
C ASN C 28 1.87 -11.30 -6.18
N VAL C 29 3.02 -10.80 -6.55
CA VAL C 29 4.26 -11.59 -6.35
C VAL C 29 4.51 -11.75 -4.85
N GLN C 30 4.31 -10.70 -4.10
CA GLN C 30 4.54 -10.80 -2.62
C GLN C 30 3.27 -11.30 -1.93
N GLY C 31 2.12 -10.95 -2.44
CA GLY C 31 0.85 -11.40 -1.81
C GLY C 31 0.47 -10.47 -0.67
N TRP C 32 0.38 -9.19 -0.94
CA TRP C 32 0.01 -8.23 0.14
C TRP C 32 -1.43 -8.50 0.60
N THR C 33 -1.72 -8.26 1.85
CA THR C 33 -3.12 -8.42 2.31
C THR C 33 -3.89 -7.27 1.69
N LYS C 34 -5.19 -7.40 1.48
CA LYS C 34 -5.93 -6.27 0.84
C LYS C 34 -7.31 -6.06 1.44
N ARG C 35 -7.59 -4.83 1.74
CA ARG C 35 -8.91 -4.43 2.29
C ARG C 35 -9.68 -3.77 1.15
N LYS C 36 -10.92 -4.13 0.98
CA LYS C 36 -11.71 -3.54 -0.14
C LYS C 36 -12.08 -2.09 0.17
N LYS C 37 -11.78 -1.21 -0.75
CA LYS C 37 -12.11 0.24 -0.55
C LYS C 37 -13.41 0.54 -1.32
N GLU C 38 -14.20 1.46 -0.82
CA GLU C 38 -15.51 1.79 -1.49
C GLU C 38 -15.63 3.29 -1.70
N GLY C 39 -15.21 4.05 -0.71
CA GLY C 39 -15.29 5.55 -0.77
C GLY C 39 -15.21 6.06 -2.21
N VAL C 40 -14.38 5.45 -3.01
CA VAL C 40 -14.25 5.87 -4.44
C VAL C 40 -15.19 5.01 -5.30
N LYS C 41 -15.84 5.58 -6.26
CA LYS C 41 -16.75 4.79 -7.13
C LYS C 41 -15.93 3.65 -7.75
N GLY C 42 -16.51 2.90 -8.65
CA GLY C 42 -15.76 1.79 -9.30
C GLY C 42 -15.90 0.52 -8.45
N GLY C 43 -15.89 0.65 -7.16
CA GLY C 43 -16.01 -0.56 -6.29
C GLY C 43 -14.76 -1.41 -6.36
N LYS C 44 -14.03 -1.35 -7.45
CA LYS C 44 -12.80 -2.17 -7.58
C LYS C 44 -11.72 -1.61 -6.64
N ALA C 45 -11.89 -0.39 -6.19
CA ALA C 45 -10.88 0.22 -5.29
C ALA C 45 -10.48 -0.78 -4.20
N VAL C 46 -9.20 -0.97 -3.98
CA VAL C 46 -8.74 -1.91 -2.93
C VAL C 46 -7.44 -1.40 -2.29
N GLU C 47 -7.39 -1.28 -0.99
CA GLU C 47 -6.14 -0.79 -0.33
C GLU C 47 -5.28 -1.99 0.08
N TYR C 48 -4.04 -1.76 0.44
CA TYR C 48 -3.15 -2.88 0.87
C TYR C 48 -2.65 -2.60 2.29
N ASP C 49 -2.39 -3.61 3.06
CA ASP C 49 -1.96 -3.40 4.46
C ASP C 49 -0.46 -3.04 4.51
N VAL C 50 -0.15 -1.89 5.06
CA VAL C 50 1.27 -1.45 5.17
C VAL C 50 2.01 -2.41 6.11
N MET C 51 1.31 -2.98 7.05
CA MET C 51 1.96 -3.90 8.02
C MET C 51 2.26 -5.26 7.36
N SER C 52 1.80 -5.46 6.15
CA SER C 52 2.08 -6.76 5.45
C SER C 52 3.27 -6.51 4.52
N MET C 53 3.67 -5.28 4.39
CA MET C 53 4.81 -4.94 3.50
C MET C 53 6.13 -5.41 4.14
N PRO C 54 7.12 -5.74 3.35
CA PRO C 54 8.44 -6.17 3.90
C PRO C 54 8.86 -5.29 5.08
N THR C 55 9.53 -5.85 6.06
CA THR C 55 9.95 -5.03 7.23
C THR C 55 10.60 -3.74 6.74
N LYS C 56 11.62 -3.84 5.95
CA LYS C 56 12.29 -2.62 5.43
C LYS C 56 11.23 -1.71 4.81
N GLU C 57 10.36 -2.26 4.02
CA GLU C 57 9.32 -1.43 3.36
C GLU C 57 8.40 -0.79 4.40
N ARG C 58 8.17 -1.44 5.51
CA ARG C 58 7.27 -0.85 6.55
C ARG C 58 7.79 0.51 6.97
N GLU C 59 8.95 0.56 7.57
CA GLU C 59 9.49 1.88 8.00
C GLU C 59 9.61 2.77 6.79
N GLN C 60 9.78 2.19 5.64
CA GLN C 60 9.89 3.01 4.42
C GLN C 60 8.55 3.69 4.16
N VAL C 61 7.49 2.93 4.10
CA VAL C 61 6.14 3.51 3.86
C VAL C 61 5.69 4.31 5.09
N ILE C 62 5.78 3.73 6.26
CA ILE C 62 5.35 4.47 7.49
C ILE C 62 6.05 5.83 7.49
N ALA C 63 7.29 5.85 7.11
CA ALA C 63 8.02 7.14 7.09
C ALA C 63 7.45 8.00 5.96
N HIS C 64 7.15 7.42 4.82
CA HIS C 64 6.55 8.21 3.73
C HIS C 64 5.21 8.71 4.21
N LEU C 65 4.51 7.87 4.93
CA LEU C 65 3.20 8.29 5.48
C LEU C 65 3.47 9.30 6.58
N GLY C 66 4.53 9.09 7.32
CA GLY C 66 4.89 10.03 8.42
C GLY C 66 4.12 9.63 9.67
N LEU C 67 3.94 8.35 9.87
CA LEU C 67 3.19 7.88 11.07
C LEU C 67 4.19 7.47 12.16
N SER C 68 4.68 6.27 12.10
CA SER C 68 5.65 5.81 13.13
C SER C 68 5.10 6.13 14.52
N THR C 69 5.97 6.33 15.48
CA THR C 69 5.53 6.64 16.87
C THR C 69 6.45 7.71 17.47
N LYS C 1 -2.93 -3.58 16.07
CA LYS C 1 -3.81 -2.89 15.08
C LYS C 1 -3.19 -2.99 13.70
N SER C 2 -3.62 -2.17 12.77
CA SER C 2 -3.06 -2.22 11.40
C SER C 2 -3.36 -0.92 10.65
N ILE C 3 -2.83 -0.80 9.46
CA ILE C 3 -3.09 0.43 8.64
C ILE C 3 -3.29 0.00 7.20
N TRP C 4 -3.84 0.85 6.40
CA TRP C 4 -4.08 0.50 4.96
C TRP C 4 -3.98 1.76 4.10
N CYS C 5 -3.70 1.61 2.83
CA CYS C 5 -3.57 2.81 1.95
C CYS C 5 -3.95 2.47 0.52
N SER C 6 -4.33 3.46 -0.24
CA SER C 6 -4.67 3.24 -1.68
C SER C 6 -3.34 3.17 -2.44
N PRO C 7 -3.32 2.53 -3.59
CA PRO C 7 -2.07 2.42 -4.40
C PRO C 7 -1.44 3.80 -4.68
N GLN C 8 -2.26 4.78 -4.91
CA GLN C 8 -1.75 6.15 -5.19
C GLN C 8 -0.89 6.63 -4.01
N GLU C 9 -1.24 6.29 -2.81
CA GLU C 9 -0.43 6.73 -1.64
C GLU C 9 0.84 5.89 -1.58
N ILE C 10 0.72 4.64 -1.89
CA ILE C 10 1.91 3.75 -1.86
C ILE C 10 2.81 4.01 -3.06
N MET C 11 2.28 3.89 -4.24
CA MET C 11 3.10 4.13 -5.47
C MET C 11 3.82 5.47 -5.32
N ALA C 12 3.25 6.35 -4.54
CA ALA C 12 3.87 7.68 -4.33
C ALA C 12 5.02 7.56 -3.32
N ALA C 13 5.11 6.45 -2.64
CA ALA C 13 6.22 6.31 -1.64
C ALA C 13 7.53 6.02 -2.38
N ASP C 14 8.64 6.14 -1.69
CA ASP C 14 9.96 5.91 -2.35
C ASP C 14 10.13 4.43 -2.76
N GLY C 15 10.52 3.60 -1.83
CA GLY C 15 10.74 2.15 -2.14
C GLY C 15 9.54 1.56 -2.89
N MET C 16 8.50 2.32 -3.08
CA MET C 16 7.30 1.78 -3.80
C MET C 16 7.32 2.18 -5.28
N PRO C 17 6.88 1.32 -6.18
CA PRO C 17 6.84 1.64 -7.63
C PRO C 17 6.25 3.03 -7.89
N GLY C 18 6.20 3.45 -9.14
CA GLY C 18 5.64 4.79 -9.49
C GLY C 18 4.47 4.60 -10.47
N SER C 19 3.77 3.50 -10.36
CA SER C 19 2.62 3.24 -11.27
C SER C 19 1.54 2.45 -10.51
N VAL C 20 0.29 2.76 -10.72
CA VAL C 20 -0.78 2.01 -10.01
C VAL C 20 -0.62 0.51 -10.28
N ALA C 21 -0.27 0.14 -11.49
CA ALA C 21 -0.11 -1.30 -11.79
C ALA C 21 1.14 -1.82 -11.06
N GLY C 22 2.20 -1.07 -11.09
CA GLY C 22 3.44 -1.52 -10.39
C GLY C 22 3.08 -1.93 -8.96
N VAL C 23 2.11 -1.29 -8.37
CA VAL C 23 1.70 -1.66 -6.99
C VAL C 23 1.12 -3.07 -6.99
N HIS C 24 0.08 -3.29 -7.76
CA HIS C 24 -0.53 -4.64 -7.80
C HIS C 24 0.55 -5.67 -8.14
N TYR C 25 1.57 -5.27 -8.83
CA TYR C 25 2.65 -6.22 -9.18
C TYR C 25 3.20 -6.81 -7.89
N ARG C 26 4.00 -6.06 -7.17
CA ARG C 26 4.56 -6.58 -5.89
C ARG C 26 3.44 -7.21 -5.06
N ALA C 27 2.35 -6.53 -4.91
CA ALA C 27 1.23 -7.07 -4.09
C ALA C 27 0.84 -8.48 -4.55
N ASN C 28 0.95 -8.77 -5.83
CA ASN C 28 0.55 -10.12 -6.30
C ASN C 28 1.65 -11.12 -5.93
N VAL C 29 2.87 -10.79 -6.23
CA VAL C 29 3.96 -11.73 -5.92
C VAL C 29 4.29 -11.68 -4.42
N GLN C 30 4.13 -10.56 -3.79
CA GLN C 30 4.42 -10.48 -2.32
C GLN C 30 3.19 -10.93 -1.53
N GLY C 31 2.02 -10.80 -2.10
CA GLY C 31 0.79 -11.22 -1.36
C GLY C 31 0.48 -10.23 -0.25
N TRP C 32 0.38 -8.97 -0.58
CA TRP C 32 0.07 -7.94 0.47
C TRP C 32 -1.35 -8.14 1.01
N THR C 33 -1.56 -7.88 2.26
CA THR C 33 -2.94 -8.00 2.81
C THR C 33 -3.73 -6.82 2.26
N LYS C 34 -5.01 -6.97 1.99
CA LYS C 34 -5.76 -5.82 1.40
C LYS C 34 -7.16 -5.69 1.98
N ARG C 35 -7.50 -4.49 2.34
CA ARG C 35 -8.86 -4.19 2.87
C ARG C 35 -9.69 -3.62 1.72
N LYS C 36 -10.81 -4.20 1.47
CA LYS C 36 -11.66 -3.71 0.34
C LYS C 36 -12.36 -2.40 0.71
N LYS C 37 -12.14 -1.38 -0.06
CA LYS C 37 -12.80 -0.07 0.23
C LYS C 37 -14.30 -0.19 -0.09
N GLU C 38 -15.08 0.79 0.30
CA GLU C 38 -16.56 0.72 0.03
C GLU C 38 -17.06 2.05 -0.58
N GLY C 39 -16.87 3.14 0.11
CA GLY C 39 -17.37 4.45 -0.38
C GLY C 39 -16.71 4.88 -1.69
N VAL C 40 -15.72 4.18 -2.15
CA VAL C 40 -15.05 4.59 -3.43
C VAL C 40 -15.71 3.91 -4.63
N LYS C 41 -16.03 4.65 -5.66
CA LYS C 41 -16.68 4.06 -6.86
C LYS C 41 -15.84 2.89 -7.38
N GLY C 42 -16.14 2.43 -8.56
CA GLY C 42 -15.37 1.31 -9.16
C GLY C 42 -15.56 0.02 -8.35
N GLY C 43 -15.63 0.12 -7.06
CA GLY C 43 -15.82 -1.10 -6.23
C GLY C 43 -14.51 -1.89 -6.19
N LYS C 44 -13.76 -1.86 -7.26
CA LYS C 44 -12.47 -2.60 -7.29
C LYS C 44 -11.49 -1.93 -6.32
N ALA C 45 -11.80 -0.75 -5.87
CA ALA C 45 -10.88 -0.03 -4.96
C ALA C 45 -10.52 -0.87 -3.72
N VAL C 46 -9.27 -1.25 -3.61
CA VAL C 46 -8.81 -2.06 -2.44
C VAL C 46 -7.51 -1.45 -1.90
N GLU C 47 -7.37 -1.32 -0.60
CA GLU C 47 -6.11 -0.74 -0.03
C GLU C 47 -5.17 -1.88 0.33
N TYR C 48 -3.93 -1.58 0.66
CA TYR C 48 -2.97 -2.65 1.06
C TYR C 48 -2.44 -2.33 2.45
N ASP C 49 -2.15 -3.34 3.23
CA ASP C 49 -1.66 -3.07 4.60
C ASP C 49 -0.18 -2.69 4.60
N VAL C 50 0.12 -1.46 4.94
CA VAL C 50 1.54 -1.03 4.97
C VAL C 50 2.27 -1.88 6.00
N MET C 51 1.57 -2.37 6.99
CA MET C 51 2.23 -3.21 8.02
C MET C 51 2.56 -4.59 7.44
N SER C 52 2.16 -4.83 6.21
CA SER C 52 2.48 -6.16 5.58
C SER C 52 3.64 -5.98 4.59
N MET C 53 3.93 -4.78 4.18
CA MET C 53 5.04 -4.58 3.22
C MET C 53 6.38 -4.83 3.95
N PRO C 54 7.44 -5.10 3.21
CA PRO C 54 8.78 -5.34 3.79
C PRO C 54 9.09 -4.38 4.95
N THR C 55 9.75 -4.85 5.98
CA THR C 55 10.07 -3.97 7.13
C THR C 55 10.65 -2.65 6.60
N LYS C 56 11.70 -2.73 5.84
CA LYS C 56 12.32 -1.50 5.30
C LYS C 56 11.23 -0.64 4.64
N GLU C 57 10.38 -1.27 3.87
CA GLU C 57 9.31 -0.49 3.18
C GLU C 57 8.34 0.11 4.21
N ARG C 58 8.13 -0.54 5.33
CA ARG C 58 7.19 0.03 6.33
C ARG C 58 7.63 1.45 6.68
N GLU C 59 8.83 1.61 7.19
CA GLU C 59 9.31 2.96 7.55
C GLU C 59 9.35 3.81 6.29
N GLN C 60 9.55 3.20 5.16
CA GLN C 60 9.58 3.97 3.90
C GLN C 60 8.20 4.57 3.66
N VAL C 61 7.20 3.73 3.63
CA VAL C 61 5.81 4.21 3.40
C VAL C 61 5.33 5.02 4.60
N ILE C 62 5.50 4.50 5.79
CA ILE C 62 5.07 5.27 6.98
C ILE C 62 5.73 6.64 6.94
N ALA C 63 6.92 6.71 6.42
CA ALA C 63 7.61 8.02 6.35
C ALA C 63 6.96 8.83 5.21
N HIS C 64 6.69 8.20 4.10
CA HIS C 64 6.04 8.94 2.99
C HIS C 64 4.69 9.40 3.52
N LEU C 65 4.07 8.57 4.33
CA LEU C 65 2.77 8.95 4.92
C LEU C 65 3.04 10.00 6.00
N GLY C 66 4.11 9.82 6.72
CA GLY C 66 4.47 10.80 7.80
C GLY C 66 3.76 10.42 9.10
N LEU C 67 3.60 9.14 9.34
CA LEU C 67 2.93 8.70 10.60
C LEU C 67 3.98 8.37 11.65
N SER C 68 4.48 7.17 11.64
CA SER C 68 5.53 6.78 12.63
C SER C 68 5.04 7.07 14.04
N THR C 69 5.93 7.04 15.01
CA THR C 69 5.52 7.31 16.41
C THR C 69 4.92 8.72 16.50
N LYS C 1 -3.43 -4.22 16.25
CA LYS C 1 -3.83 -3.05 15.42
C LYS C 1 -3.27 -3.22 14.01
N SER C 2 -3.70 -2.39 13.09
CA SER C 2 -3.19 -2.50 11.69
C SER C 2 -3.49 -1.22 10.93
N ILE C 3 -2.98 -1.11 9.73
CA ILE C 3 -3.23 0.09 8.89
C ILE C 3 -3.38 -0.34 7.44
N TRP C 4 -3.96 0.50 6.64
CA TRP C 4 -4.17 0.17 5.20
C TRP C 4 -4.04 1.44 4.37
N CYS C 5 -3.71 1.32 3.11
CA CYS C 5 -3.57 2.54 2.26
C CYS C 5 -3.92 2.22 0.80
N SER C 6 -4.28 3.23 0.06
CA SER C 6 -4.61 3.01 -1.38
C SER C 6 -3.29 2.96 -2.17
N PRO C 7 -3.24 2.21 -3.25
CA PRO C 7 -2.01 2.11 -4.08
C PRO C 7 -1.31 3.48 -4.27
N GLN C 8 -2.06 4.49 -4.60
CA GLN C 8 -1.47 5.84 -4.83
C GLN C 8 -0.71 6.31 -3.57
N GLU C 9 -1.15 5.95 -2.40
CA GLU C 9 -0.43 6.39 -1.18
C GLU C 9 0.85 5.58 -1.05
N ILE C 10 0.78 4.32 -1.36
CA ILE C 10 1.99 3.46 -1.25
C ILE C 10 2.93 3.73 -2.41
N MET C 11 2.45 3.63 -3.61
CA MET C 11 3.33 3.88 -4.80
C MET C 11 4.12 5.17 -4.59
N ALA C 12 3.57 6.06 -3.82
CA ALA C 12 4.27 7.35 -3.56
C ALA C 12 5.32 7.17 -2.46
N ALA C 13 5.35 6.04 -1.80
CA ALA C 13 6.35 5.85 -0.72
C ALA C 13 7.68 5.41 -1.32
N ASP C 14 8.77 5.80 -0.72
CA ASP C 14 10.10 5.39 -1.27
C ASP C 14 10.21 3.86 -1.20
N GLY C 15 11.00 3.28 -2.06
CA GLY C 15 11.15 1.79 -2.06
C GLY C 15 10.03 1.16 -2.89
N MET C 16 9.01 1.91 -3.22
CA MET C 16 7.90 1.34 -4.02
C MET C 16 8.15 1.56 -5.53
N PRO C 17 7.69 0.66 -6.38
CA PRO C 17 7.86 0.78 -7.85
C PRO C 17 7.73 2.21 -8.38
N GLY C 18 6.54 2.76 -8.31
CA GLY C 18 6.30 4.16 -8.80
C GLY C 18 5.16 4.13 -9.82
N SER C 19 4.39 3.08 -9.82
CA SER C 19 3.25 2.96 -10.78
C SER C 19 2.10 2.20 -10.09
N VAL C 20 0.88 2.59 -10.34
CA VAL C 20 -0.26 1.88 -9.69
C VAL C 20 -0.12 0.38 -9.95
N ALA C 21 0.03 -0.01 -11.20
CA ALA C 21 0.18 -1.46 -11.50
C ALA C 21 1.47 -1.97 -10.85
N GLY C 22 2.50 -1.18 -10.85
CA GLY C 22 3.78 -1.61 -10.22
C GLY C 22 3.47 -2.13 -8.81
N VAL C 23 2.66 -1.42 -8.08
CA VAL C 23 2.31 -1.89 -6.73
C VAL C 23 1.62 -3.25 -6.84
N HIS C 24 0.64 -3.35 -7.70
CA HIS C 24 -0.05 -4.65 -7.88
C HIS C 24 0.97 -5.72 -8.25
N TYR C 25 2.08 -5.32 -8.80
CA TYR C 25 3.13 -6.31 -9.19
C TYR C 25 3.61 -7.06 -7.94
N ARG C 26 4.43 -6.45 -7.15
CA ARG C 26 4.92 -7.16 -5.92
C ARG C 26 3.75 -7.54 -5.01
N ALA C 27 2.69 -6.77 -5.01
CA ALA C 27 1.54 -7.10 -4.11
C ALA C 27 1.00 -8.52 -4.38
N ASN C 28 0.64 -8.81 -5.60
CA ASN C 28 0.08 -10.16 -5.90
C ASN C 28 1.19 -11.20 -5.87
N VAL C 29 2.38 -10.83 -6.22
CA VAL C 29 3.50 -11.81 -6.21
C VAL C 29 3.94 -12.06 -4.77
N GLN C 30 3.89 -11.07 -3.93
CA GLN C 30 4.31 -11.27 -2.51
C GLN C 30 3.13 -11.78 -1.68
N GLY C 31 1.94 -11.32 -1.98
CA GLY C 31 0.74 -11.78 -1.21
C GLY C 31 0.42 -10.73 -0.14
N TRP C 32 0.31 -9.49 -0.52
CA TRP C 32 -0.01 -8.42 0.47
C TRP C 32 -1.42 -8.62 1.01
N THR C 33 -1.65 -8.39 2.27
CA THR C 33 -3.03 -8.53 2.80
C THR C 33 -3.83 -7.34 2.30
N LYS C 34 -4.83 -7.57 1.48
CA LYS C 34 -5.62 -6.42 0.93
C LYS C 34 -7.00 -6.30 1.58
N ARG C 35 -7.37 -5.09 1.88
CA ARG C 35 -8.71 -4.81 2.46
C ARG C 35 -9.53 -4.19 1.31
N LYS C 36 -10.75 -4.61 1.16
CA LYS C 36 -11.56 -4.08 0.04
C LYS C 36 -11.93 -2.62 0.27
N LYS C 37 -11.73 -1.81 -0.73
CA LYS C 37 -12.08 -0.35 -0.63
C LYS C 37 -13.31 -0.09 -1.49
N GLU C 38 -14.17 0.81 -1.06
CA GLU C 38 -15.43 1.10 -1.84
C GLU C 38 -15.58 2.60 -2.05
N GLY C 39 -15.30 3.37 -1.02
CA GLY C 39 -15.44 4.85 -1.07
C GLY C 39 -15.16 5.38 -2.48
N VAL C 40 -14.24 4.77 -3.18
CA VAL C 40 -13.91 5.22 -4.57
C VAL C 40 -14.79 4.44 -5.56
N LYS C 41 -15.22 5.09 -6.61
CA LYS C 41 -16.08 4.41 -7.62
C LYS C 41 -15.43 3.10 -8.09
N GLY C 42 -16.00 2.49 -9.09
CA GLY C 42 -15.44 1.23 -9.63
C GLY C 42 -15.66 0.09 -8.63
N GLY C 43 -15.39 0.32 -7.38
CA GLY C 43 -15.57 -0.76 -6.36
C GLY C 43 -14.39 -1.73 -6.45
N LYS C 44 -13.73 -1.77 -7.59
CA LYS C 44 -12.56 -2.69 -7.73
C LYS C 44 -11.42 -2.18 -6.85
N ALA C 45 -11.55 -0.99 -6.34
CA ALA C 45 -10.47 -0.42 -5.50
C ALA C 45 -10.24 -1.29 -4.26
N VAL C 46 -8.99 -1.50 -3.92
CA VAL C 46 -8.64 -2.32 -2.71
C VAL C 46 -7.39 -1.72 -2.06
N GLU C 47 -7.36 -1.63 -0.76
CA GLU C 47 -6.15 -1.06 -0.08
C GLU C 47 -5.22 -2.20 0.33
N TYR C 48 -4.01 -1.87 0.73
CA TYR C 48 -3.04 -2.94 1.16
C TYR C 48 -2.61 -2.65 2.60
N ASP C 49 -2.38 -3.67 3.36
CA ASP C 49 -1.97 -3.45 4.79
C ASP C 49 -0.49 -3.07 4.83
N VAL C 50 -0.20 -1.86 5.23
CA VAL C 50 1.22 -1.41 5.32
C VAL C 50 1.96 -2.31 6.31
N MET C 51 1.25 -2.93 7.21
CA MET C 51 1.92 -3.81 8.20
C MET C 51 2.30 -5.13 7.53
N SER C 52 1.95 -5.31 6.28
CA SER C 52 2.30 -6.56 5.57
C SER C 52 3.46 -6.29 4.60
N MET C 53 3.72 -5.04 4.30
CA MET C 53 4.82 -4.73 3.36
C MET C 53 6.17 -4.97 4.07
N PRO C 54 7.20 -5.37 3.34
CA PRO C 54 8.55 -5.62 3.91
C PRO C 54 8.89 -4.61 5.02
N THR C 55 9.50 -5.07 6.09
CA THR C 55 9.86 -4.15 7.21
C THR C 55 10.43 -2.85 6.65
N LYS C 56 11.47 -2.93 5.87
CA LYS C 56 12.06 -1.69 5.29
C LYS C 56 10.95 -0.89 4.60
N GLU C 57 10.16 -1.53 3.79
CA GLU C 57 9.08 -0.79 3.06
C GLU C 57 8.14 -0.14 4.08
N ARG C 58 7.83 -0.81 5.15
CA ARG C 58 6.92 -0.19 6.15
C ARG C 58 7.46 1.20 6.54
N GLU C 59 8.75 1.28 6.74
CA GLU C 59 9.37 2.57 7.13
C GLU C 59 9.13 3.60 6.04
N GLN C 60 9.25 3.22 4.80
CA GLN C 60 9.03 4.21 3.72
C GLN C 60 7.57 4.66 3.76
N VAL C 61 6.68 3.73 3.91
CA VAL C 61 5.24 4.09 3.96
C VAL C 61 4.97 4.82 5.28
N ILE C 62 5.37 4.23 6.38
CA ILE C 62 5.16 4.87 7.70
C ILE C 62 5.76 6.29 7.67
N ALA C 63 6.91 6.43 7.09
CA ALA C 63 7.53 7.78 7.04
C ALA C 63 6.78 8.62 5.99
N HIS C 64 6.43 8.04 4.88
CA HIS C 64 5.68 8.82 3.86
C HIS C 64 4.38 9.22 4.52
N LEU C 65 3.83 8.35 5.33
CA LEU C 65 2.57 8.67 6.03
C LEU C 65 2.89 9.68 7.13
N GLY C 66 3.94 9.42 7.88
CA GLY C 66 4.34 10.36 8.97
C GLY C 66 3.89 9.82 10.33
N LEU C 67 3.82 8.52 10.48
CA LEU C 67 3.39 7.95 11.81
C LEU C 67 4.64 7.72 12.65
N SER C 68 5.18 6.53 12.58
CA SER C 68 6.41 6.21 13.36
C SER C 68 6.62 4.70 13.39
N THR C 69 7.78 4.28 13.79
CA THR C 69 8.08 2.81 13.86
C THR C 69 7.59 2.25 15.20
N LYS C 1 -4.09 -2.67 16.13
CA LYS C 1 -4.57 -1.68 15.12
C LYS C 1 -3.92 -1.99 13.76
N SER C 2 -4.31 -1.32 12.73
CA SER C 2 -3.72 -1.57 11.39
C SER C 2 -3.96 -0.37 10.49
N ILE C 3 -3.38 -0.37 9.32
CA ILE C 3 -3.57 0.76 8.37
C ILE C 3 -3.65 0.21 6.95
N TRP C 4 -4.18 0.98 6.05
CA TRP C 4 -4.31 0.52 4.63
C TRP C 4 -4.14 1.73 3.70
N CYS C 5 -3.70 1.49 2.48
CA CYS C 5 -3.50 2.61 1.52
C CYS C 5 -3.74 2.14 0.08
N SER C 6 -4.10 3.05 -0.79
CA SER C 6 -4.31 2.71 -2.22
C SER C 6 -2.94 2.72 -2.94
N PRO C 7 -2.74 1.89 -3.93
CA PRO C 7 -1.45 1.84 -4.68
C PRO C 7 -0.87 3.24 -4.94
N GLN C 8 -1.70 4.17 -5.31
CA GLN C 8 -1.21 5.55 -5.60
C GLN C 8 -0.45 6.11 -4.40
N GLU C 9 -0.89 5.80 -3.21
CA GLU C 9 -0.17 6.33 -2.01
C GLU C 9 1.09 5.50 -1.79
N ILE C 10 1.01 4.22 -2.03
CA ILE C 10 2.18 3.35 -1.83
C ILE C 10 3.17 3.53 -2.99
N MET C 11 2.73 3.39 -4.20
CA MET C 11 3.64 3.56 -5.37
C MET C 11 4.35 4.90 -5.25
N ALA C 12 3.72 5.85 -4.61
CA ALA C 12 4.34 7.19 -4.44
C ALA C 12 5.36 7.13 -3.29
N ALA C 13 5.33 6.10 -2.49
CA ALA C 13 6.29 6.01 -1.35
C ALA C 13 7.64 5.51 -1.86
N ASP C 14 8.71 5.92 -1.24
CA ASP C 14 10.05 5.45 -1.68
C ASP C 14 10.15 3.94 -1.45
N GLY C 15 10.97 3.26 -2.22
CA GLY C 15 11.11 1.79 -2.06
C GLY C 15 9.96 1.09 -2.78
N MET C 16 8.85 1.78 -2.92
CA MET C 16 7.68 1.19 -3.61
C MET C 16 7.70 1.59 -5.11
N PRO C 17 7.37 0.71 -6.02
CA PRO C 17 7.35 1.05 -7.47
C PRO C 17 6.71 2.41 -7.74
N GLY C 18 6.77 2.87 -8.95
CA GLY C 18 6.16 4.20 -9.32
C GLY C 18 5.06 3.98 -10.35
N SER C 19 4.34 2.89 -10.24
CA SER C 19 3.25 2.60 -11.21
C SER C 19 2.12 1.86 -10.49
N VAL C 20 0.88 2.14 -10.81
CA VAL C 20 -0.24 1.44 -10.15
C VAL C 20 -0.06 -0.08 -10.30
N ALA C 21 0.18 -0.54 -11.49
CA ALA C 21 0.37 -2.01 -11.68
C ALA C 21 1.66 -2.43 -10.97
N GLY C 22 2.67 -1.60 -11.01
CA GLY C 22 3.96 -1.96 -10.33
C GLY C 22 3.65 -2.39 -8.89
N VAL C 23 2.70 -1.75 -8.26
CA VAL C 23 2.35 -2.12 -6.88
C VAL C 23 1.77 -3.54 -6.89
N HIS C 24 0.73 -3.76 -7.65
CA HIS C 24 0.12 -5.12 -7.71
C HIS C 24 1.22 -6.16 -7.94
N TYR C 25 2.27 -5.76 -8.59
CA TYR C 25 3.39 -6.70 -8.86
C TYR C 25 3.94 -7.22 -7.53
N ARG C 26 4.69 -6.40 -6.83
CA ARG C 26 5.25 -6.81 -5.52
C ARG C 26 4.12 -7.29 -4.59
N ALA C 27 2.95 -6.75 -4.74
CA ALA C 27 1.82 -7.16 -3.87
C ALA C 27 1.57 -8.68 -3.98
N ASN C 28 1.41 -9.18 -5.17
CA ASN C 28 1.15 -10.63 -5.35
C ASN C 28 2.42 -11.41 -5.08
N VAL C 29 3.52 -10.95 -5.59
CA VAL C 29 4.80 -11.68 -5.38
C VAL C 29 5.05 -11.85 -3.88
N GLN C 30 4.82 -10.82 -3.11
CA GLN C 30 5.05 -10.91 -1.64
C GLN C 30 3.79 -11.43 -0.94
N GLY C 31 2.64 -11.01 -1.38
CA GLY C 31 1.37 -11.48 -0.73
C GLY C 31 0.91 -10.42 0.29
N TRP C 32 0.80 -9.19 -0.14
CA TRP C 32 0.37 -8.12 0.80
C TRP C 32 -1.08 -8.35 1.23
N THR C 33 -1.42 -8.03 2.45
CA THR C 33 -2.83 -8.18 2.89
C THR C 33 -3.62 -7.07 2.21
N LYS C 34 -4.86 -7.30 1.87
CA LYS C 34 -5.64 -6.21 1.19
C LYS C 34 -7.07 -6.14 1.70
N ARG C 35 -7.46 -4.96 2.04
CA ARG C 35 -8.85 -4.72 2.53
C ARG C 35 -9.64 -4.15 1.36
N LYS C 36 -10.66 -4.82 0.94
CA LYS C 36 -11.43 -4.31 -0.22
C LYS C 36 -12.22 -3.07 0.17
N LYS C 37 -11.90 -1.96 -0.45
CA LYS C 37 -12.61 -0.69 -0.16
C LYS C 37 -13.76 -0.52 -1.17
N GLU C 38 -14.83 0.12 -0.79
CA GLU C 38 -16.00 0.29 -1.71
C GLU C 38 -16.36 1.77 -1.83
N GLY C 39 -16.33 2.46 -0.71
CA GLY C 39 -16.69 3.91 -0.66
C GLY C 39 -16.36 4.63 -1.98
N VAL C 40 -15.28 4.24 -2.62
CA VAL C 40 -14.94 4.90 -3.92
C VAL C 40 -15.61 4.14 -5.06
N LYS C 41 -15.99 4.83 -6.11
CA LYS C 41 -16.66 4.16 -7.26
C LYS C 41 -15.81 3.01 -7.77
N GLY C 42 -16.20 2.45 -8.87
CA GLY C 42 -15.41 1.34 -9.47
C GLY C 42 -15.54 0.07 -8.63
N GLY C 43 -15.66 0.21 -7.34
CA GLY C 43 -15.78 -1.00 -6.48
C GLY C 43 -14.45 -1.74 -6.45
N LYS C 44 -13.74 -1.75 -7.55
CA LYS C 44 -12.43 -2.44 -7.58
C LYS C 44 -11.49 -1.77 -6.57
N ALA C 45 -11.96 -0.76 -5.89
CA ALA C 45 -11.11 -0.05 -4.91
C ALA C 45 -10.67 -0.99 -3.79
N VAL C 46 -9.39 -1.33 -3.74
CA VAL C 46 -8.88 -2.22 -2.65
C VAL C 46 -7.51 -1.70 -2.21
N GLU C 47 -7.35 -1.48 -0.93
CA GLU C 47 -6.03 -0.96 -0.42
C GLU C 47 -5.16 -2.10 0.11
N TYR C 48 -3.90 -1.82 0.36
CA TYR C 48 -2.99 -2.87 0.91
C TYR C 48 -2.60 -2.46 2.34
N ASP C 49 -2.36 -3.42 3.20
CA ASP C 49 -2.02 -3.06 4.61
C ASP C 49 -0.56 -2.62 4.73
N VAL C 50 -0.33 -1.41 5.19
CA VAL C 50 1.05 -0.90 5.34
C VAL C 50 1.78 -1.75 6.39
N MET C 51 1.04 -2.34 7.27
CA MET C 51 1.66 -3.15 8.35
C MET C 51 2.14 -4.49 7.79
N SER C 52 1.88 -4.75 6.54
CA SER C 52 2.33 -6.03 5.93
C SER C 52 3.54 -5.71 5.05
N MET C 53 3.84 -4.46 4.86
CA MET C 53 4.99 -4.07 4.01
C MET C 53 6.30 -4.37 4.72
N PRO C 54 7.36 -4.66 4.00
CA PRO C 54 8.69 -4.92 4.62
C PRO C 54 8.97 -3.92 5.75
N THR C 55 9.62 -4.33 6.80
CA THR C 55 9.91 -3.39 7.92
C THR C 55 10.46 -2.08 7.37
N LYS C 56 11.55 -2.14 6.67
CA LYS C 56 12.14 -0.89 6.09
C LYS C 56 11.05 -0.12 5.34
N GLU C 57 10.25 -0.81 4.58
CA GLU C 57 9.18 -0.12 3.81
C GLU C 57 8.17 0.54 4.77
N ARG C 58 7.89 -0.08 5.89
CA ARG C 58 6.91 0.52 6.83
C ARG C 58 7.32 1.95 7.17
N GLU C 59 8.50 2.13 7.69
CA GLU C 59 8.97 3.50 8.05
C GLU C 59 9.02 4.34 6.79
N GLN C 60 9.43 3.76 5.71
CA GLN C 60 9.49 4.53 4.45
C GLN C 60 8.07 4.96 4.06
N VAL C 61 7.16 4.03 4.07
CA VAL C 61 5.75 4.37 3.72
C VAL C 61 5.15 5.23 4.83
N ILE C 62 5.24 4.79 6.07
CA ILE C 62 4.68 5.60 7.19
C ILE C 62 5.28 7.00 7.11
N ALA C 63 6.49 7.10 6.62
CA ALA C 63 7.12 8.43 6.49
C ALA C 63 6.57 9.11 5.24
N HIS C 64 6.46 8.39 4.14
CA HIS C 64 5.89 9.02 2.92
C HIS C 64 4.47 9.43 3.28
N LEU C 65 3.81 8.60 4.03
CA LEU C 65 2.44 8.93 4.47
C LEU C 65 2.55 10.07 5.47
N GLY C 66 3.59 10.03 6.27
CA GLY C 66 3.79 11.10 7.28
C GLY C 66 2.80 10.89 8.41
N LEU C 67 2.64 9.67 8.85
CA LEU C 67 1.67 9.39 9.95
C LEU C 67 2.40 9.48 11.29
N SER C 68 3.06 8.43 11.67
CA SER C 68 3.79 8.45 12.98
C SER C 68 4.96 7.47 12.97
N THR C 69 5.31 6.94 14.11
CA THR C 69 6.44 5.97 14.17
C THR C 69 5.97 4.59 13.70
#